data_7ZRJ
#
_entry.id   7ZRJ
#
_cell.length_a   1.00
_cell.length_b   1.00
_cell.length_c   1.00
_cell.angle_alpha   90.00
_cell.angle_beta   90.00
_cell.angle_gamma   90.00
#
_symmetry.space_group_name_H-M   'P 1'
#
loop_
_entity.id
_entity.type
_entity.pdbx_description
1 polymer 'Potassium-transporting ATPase potassium-binding subunit'
2 polymer 'Potassium-transporting ATPase KdpC subunit'
3 polymer 'Potassium-transporting ATPase KdpF subunit'
4 polymer 'Potassium-transporting ATPase ATP-binding subunit'
5 non-polymer 'POTASSIUM ION'
6 non-polymer CARDIOLIPIN
#
loop_
_entity_poly.entity_id
_entity_poly.type
_entity_poly.pdbx_seq_one_letter_code
_entity_poly.pdbx_strand_id
1 'polypeptide(L)'
;MAAQGFLLIATFLLVLMVLARPLGSGLARLINDIPLPGTTGVERVLFRALGVSDREMNWKQYLCAILGLNMLGLAVLFFM
LLGQHYLPLNPQQLPGLSWDLALNTAVSFVTNTNWQSYSGETTLSYFSQMAGLTVQNFLSAASGIAVIFALIRAFTRQSM
STLGNAWVDLLRITLWVLVPVALLIALFFIQQGALQNFLPYQAVNTVEGAQQLLPMGPVASQEAIKMLGTNGGGFFNANS
SHPFENPTALTNFVQMLAIFLIPTALCFAFGEVMGDRRQGRMLLWAMSVIFVICVGVVMWAEVQGNPHLLALGTDSSINM
EGKESRFGVLVSSLFAVVTTAASCGAVIAMHDSFTALGGMVPMWLMQIGEVVFGGVGSGLYGMMLFVLLAVFIAGLMIGR
TPEYLGKKIDVREMKLTALAILVTPTLVLMGAALAMMTDAGRSAMLNPGPHGFSEVLYAVSSAANNNGSAFAGLSANSPF
WNCLLAFCMFVGRFGVIIPVMAIAGSLVSKKSQAASSGTLPTHGPLFVGLLIGTVLLVGALTFIPALALGPVAEYLS
;
A
2 'polypeptide(L)'
;MSGLRPALSTFIFLLLITGGVYPLLTTVLGQWWFPWQANGSLIREGDTVRGSALIGQNFTGNGYFHGRPSATAEMPYNPQ
ASGGSNLAVSNPELDKLIAARVAALRAANPDASASVPVELVTASASGLDNNITPQAAAWQIPRVAKARNLSVEQLTQLIA
KYSQQPLVKYIGQPVVNIVELNLALDKLDE
;
C
3 'polypeptide(L)' MSAGVITGVLLVFLLLGYLVYALINAE D
4 'polypeptide(L)'
;MSRKQLALFEPTLVVQALKEAVKKLNPQAQWRNPVMFIVWIGSLLTTCISIAMASGAMPGNALFSAAISGWLWITVLFAN
FAEALAEGRSKAQANSLKGVKKTAFARKLREPKYGAAADKVPADQLRKGDIVLVEAGDIIPCDGEVIEGGASVDESAITG
E(SEP)APVIRESGGDFASVTGGTRILSDWLVIECSVNPGETFLDRMIAMVEGAQRRKTPNEIALTILLIALTIVFLLAT
ATLWPFSAWGGNAVSVTVLVALLVCLIPTTIGGLLSAIGVAGMSRMLGANVIATSGRAVEAAGDVDVLLLNKTGTITLGN
RQASEFIPAQGVDEKTLADAAQLASLADETPEGRSIVILAKQRFNLRERDVQSLHATFVPFTAQSRMSGINIDNRMIRKG
SVDAIRRHVEANGGHFPTDVDQKVDQVARQGATPLVVVEGSRVLGVIALKDIVKGGIKERFAQLRKMGIKTVMITGDNRL
TAAAIAAEAGVDDFLAEATPEAKLALIRQYQAEGRLVAMTGDGTNDAPALAQADVAVAMNSGTQAAKEAGNMVDLDSNPT
KLIEVVHIGKQMLMTRGSLTTFSIANDVAKYFAIIPAAFAATYPQLNALNIMCLHSPDSAILSAVIFNALIIVFLIPLAL
KGVSYKPLTASAMLRRNLWIYGLGGLLVPFIGIKVIDLLLTVCGLV
;
B
#
loop_
_chem_comp.id
_chem_comp.type
_chem_comp.name
_chem_comp.formula
CDL non-polymer CARDIOLIPIN 'C81 H156 O17 P2 -2'
K non-polymer 'POTASSIUM ION' 'K 1'
#
# COMPACT_ATOMS: atom_id res chain seq x y z
N MET A 1 -3.40 -38.08 -9.01
CA MET A 1 -2.58 -37.51 -7.95
C MET A 1 -2.82 -36.00 -7.88
N ALA A 2 -2.97 -35.38 -9.05
CA ALA A 2 -3.36 -33.98 -9.09
C ALA A 2 -4.76 -33.78 -8.51
N ALA A 3 -5.67 -34.72 -8.77
CA ALA A 3 -6.99 -34.67 -8.15
C ALA A 3 -6.89 -34.83 -6.65
N GLN A 4 -6.00 -35.71 -6.17
CA GLN A 4 -5.80 -35.88 -4.74
C GLN A 4 -5.30 -34.58 -4.11
N GLY A 5 -4.36 -33.90 -4.78
CA GLY A 5 -3.92 -32.60 -4.32
C GLY A 5 -5.04 -31.56 -4.33
N PHE A 6 -5.89 -31.60 -5.35
CA PHE A 6 -7.01 -30.67 -5.45
C PHE A 6 -7.98 -30.83 -4.28
N LEU A 7 -8.39 -32.07 -4.01
CA LEU A 7 -9.26 -32.31 -2.84
C LEU A 7 -8.55 -32.00 -1.53
N LEU A 8 -7.23 -32.23 -1.46
CA LEU A 8 -6.50 -31.91 -0.25
C LEU A 8 -6.54 -30.41 0.05
N ILE A 9 -6.23 -29.58 -0.96
CA ILE A 9 -6.29 -28.13 -0.79
C ILE A 9 -7.71 -27.69 -0.46
N ALA A 10 -8.69 -28.22 -1.19
CA ALA A 10 -10.07 -27.79 -1.02
C ALA A 10 -10.58 -28.09 0.39
N THR A 11 -10.45 -29.34 0.84
CA THR A 11 -10.96 -29.71 2.15
C THR A 11 -10.15 -29.08 3.28
N PHE A 12 -8.84 -28.89 3.09
CA PHE A 12 -8.07 -28.17 4.09
C PHE A 12 -8.56 -26.75 4.25
N LEU A 13 -8.86 -26.08 3.13
CA LEU A 13 -9.36 -24.70 3.22
C LEU A 13 -10.76 -24.65 3.83
N LEU A 14 -11.63 -25.62 3.50
CA LEU A 14 -12.96 -25.64 4.10
C LEU A 14 -12.90 -25.88 5.61
N VAL A 15 -12.08 -26.83 6.07
CA VAL A 15 -11.97 -27.09 7.49
C VAL A 15 -11.35 -25.90 8.21
N LEU A 16 -10.37 -25.24 7.58
CA LEU A 16 -9.78 -24.03 8.16
C LEU A 16 -10.81 -22.92 8.30
N MET A 17 -11.65 -22.72 7.26
CA MET A 17 -12.66 -21.68 7.32
C MET A 17 -13.71 -21.96 8.39
N VAL A 18 -14.18 -23.21 8.47
CA VAL A 18 -15.21 -23.52 9.46
C VAL A 18 -14.67 -23.60 10.87
N LEU A 19 -13.35 -23.72 11.05
CA LEU A 19 -12.78 -23.61 12.39
C LEU A 19 -12.33 -22.20 12.73
N ALA A 20 -12.15 -21.33 11.74
CA ALA A 20 -11.67 -19.99 11.99
C ALA A 20 -12.77 -18.94 12.07
N ARG A 21 -13.88 -19.13 11.36
CA ARG A 21 -14.98 -18.17 11.45
C ARG A 21 -15.60 -18.06 12.85
N PRO A 22 -15.88 -19.15 13.59
CA PRO A 22 -16.34 -18.95 14.99
C PRO A 22 -15.31 -18.30 15.88
N LEU A 23 -14.02 -18.43 15.58
CA LEU A 23 -13.00 -17.79 16.41
C LEU A 23 -12.95 -16.29 16.15
N GLY A 24 -13.40 -15.83 14.98
CA GLY A 24 -13.48 -14.40 14.74
C GLY A 24 -14.48 -13.72 15.64
N SER A 25 -15.66 -14.33 15.81
CA SER A 25 -16.63 -13.90 16.81
C SER A 25 -16.14 -14.41 18.15
N GLY A 26 -15.29 -13.62 18.80
CA GLY A 26 -14.61 -14.05 20.00
C GLY A 26 -13.18 -13.54 20.03
N LEU A 27 -12.61 -13.30 18.85
CA LEU A 27 -11.40 -12.49 18.76
C LEU A 27 -11.73 -11.01 18.57
N ALA A 28 -12.82 -10.70 17.86
CA ALA A 28 -13.31 -9.33 17.84
C ALA A 28 -13.80 -8.90 19.22
N ARG A 29 -14.32 -9.85 20.00
CA ARG A 29 -14.66 -9.57 21.40
C ARG A 29 -13.43 -9.19 22.20
N LEU A 30 -12.30 -9.87 21.95
CA LEU A 30 -11.07 -9.53 22.65
C LEU A 30 -10.52 -8.18 22.18
N ILE A 31 -10.70 -7.89 20.88
CA ILE A 31 -10.25 -6.61 20.32
C ILE A 31 -11.04 -5.46 20.96
N ASN A 32 -12.35 -5.60 21.07
CA ASN A 32 -13.25 -4.57 21.61
C ASN A 32 -13.10 -4.37 23.13
N ASP A 33 -12.16 -5.05 23.78
CA ASP A 33 -11.98 -4.99 25.24
C ASP A 33 -13.24 -5.43 25.96
N ILE A 34 -13.95 -6.38 25.38
CA ILE A 34 -15.15 -6.98 25.96
C ILE A 34 -14.77 -8.35 26.50
N PRO A 35 -15.00 -8.63 27.78
CA PRO A 35 -14.63 -9.94 28.32
C PRO A 35 -15.46 -11.06 27.71
N LEU A 36 -14.84 -12.24 27.62
CA LEU A 36 -15.53 -13.40 27.10
C LEU A 36 -16.63 -13.84 28.06
N PRO A 37 -17.69 -14.51 27.55
CA PRO A 37 -18.78 -14.93 28.44
C PRO A 37 -18.34 -15.98 29.45
N GLY A 38 -18.34 -15.60 30.73
CA GLY A 38 -18.01 -16.50 31.80
C GLY A 38 -16.68 -16.26 32.50
N THR A 39 -16.08 -15.08 32.33
CA THR A 39 -14.79 -14.82 32.97
C THR A 39 -14.66 -13.40 33.52
N THR A 40 -15.76 -12.66 33.65
CA THR A 40 -15.67 -11.29 34.16
C THR A 40 -15.22 -11.26 35.61
N GLY A 41 -15.77 -12.15 36.44
CA GLY A 41 -15.34 -12.21 37.83
C GLY A 41 -13.91 -12.67 37.98
N VAL A 42 -13.50 -13.66 37.19
CA VAL A 42 -12.12 -14.13 37.22
C VAL A 42 -11.17 -13.02 36.78
N GLU A 43 -11.58 -12.27 35.75
CA GLU A 43 -10.78 -11.14 35.29
C GLU A 43 -10.63 -10.07 36.36
N ARG A 44 -11.73 -9.72 37.04
CA ARG A 44 -11.65 -8.64 38.02
C ARG A 44 -10.95 -9.07 39.30
N VAL A 45 -10.95 -10.36 39.64
CA VAL A 45 -10.14 -10.82 40.76
C VAL A 45 -8.71 -11.14 40.36
N LEU A 46 -8.42 -11.21 39.07
CA LEU A 46 -7.06 -11.49 38.61
C LEU A 46 -6.24 -10.22 38.38
N PHE A 47 -6.84 -9.22 37.72
CA PHE A 47 -6.08 -8.04 37.35
C PHE A 47 -5.79 -7.15 38.55
N ARG A 48 -6.65 -7.16 39.56
CA ARG A 48 -6.37 -6.43 40.79
C ARG A 48 -5.16 -7.01 41.50
N ALA A 49 -5.05 -8.34 41.55
CA ALA A 49 -3.89 -8.98 42.16
C ALA A 49 -2.64 -8.75 41.31
N LEU A 50 -2.78 -8.78 39.98
CA LEU A 50 -1.65 -8.59 39.09
C LEU A 50 -1.21 -7.14 38.98
N GLY A 51 -2.02 -6.18 39.43
CA GLY A 51 -1.65 -4.79 39.37
C GLY A 51 -1.84 -4.14 38.02
N VAL A 52 -2.57 -4.79 37.10
CA VAL A 52 -2.81 -4.23 35.78
C VAL A 52 -3.90 -3.18 35.90
N SER A 53 -3.53 -1.91 35.75
CA SER A 53 -4.50 -0.83 35.82
C SER A 53 -5.42 -0.86 34.60
N ASP A 54 -6.70 -0.55 34.83
CA ASP A 54 -7.67 -0.56 33.74
C ASP A 54 -7.53 0.64 32.80
N ARG A 55 -6.71 1.62 33.15
CA ARG A 55 -6.51 2.77 32.29
C ARG A 55 -5.75 2.37 31.03
N GLU A 56 -6.10 3.03 29.92
CA GLU A 56 -5.51 2.74 28.62
C GLU A 56 -4.29 3.63 28.39
N MET A 57 -3.40 3.18 27.51
CA MET A 57 -2.19 3.91 27.20
C MET A 57 -1.99 3.99 25.69
N ASN A 58 -1.22 4.99 25.28
CA ASN A 58 -1.05 5.31 23.87
C ASN A 58 -0.05 4.36 23.22
N TRP A 59 0.33 4.67 21.97
CA TRP A 59 1.19 3.79 21.20
C TRP A 59 2.60 3.72 21.78
N LYS A 60 3.10 4.84 22.31
CA LYS A 60 4.47 4.87 22.83
C LYS A 60 4.60 3.97 24.06
N GLN A 61 3.65 4.10 25.00
CA GLN A 61 3.69 3.25 26.19
C GLN A 61 3.34 1.80 25.87
N TYR A 62 2.47 1.58 24.87
CA TYR A 62 2.16 0.23 24.43
C TYR A 62 3.39 -0.47 23.87
N LEU A 63 4.12 0.24 23.00
CA LEU A 63 5.34 -0.29 22.41
C LEU A 63 6.42 -0.49 23.46
N CYS A 64 6.53 0.45 24.41
CA CYS A 64 7.49 0.30 25.50
C CYS A 64 7.18 -0.92 26.35
N ALA A 65 5.88 -1.17 26.59
CA ALA A 65 5.46 -2.35 27.32
C ALA A 65 5.87 -3.63 26.60
N ILE A 66 5.59 -3.71 25.30
CA ILE A 66 5.90 -4.92 24.54
C ILE A 66 7.41 -5.14 24.46
N LEU A 67 8.17 -4.09 24.19
CA LEU A 67 9.62 -4.22 24.10
C LEU A 67 10.25 -4.54 25.45
N GLY A 68 9.74 -3.97 26.55
CA GLY A 68 10.25 -4.32 27.86
C GLY A 68 9.97 -5.76 28.21
N LEU A 69 8.77 -6.25 27.88
CA LEU A 69 8.44 -7.65 28.13
C LEU A 69 9.34 -8.58 27.30
N ASN A 70 9.60 -8.20 26.05
CA ASN A 70 10.47 -9.02 25.20
C ASN A 70 11.93 -8.99 25.67
N MET A 71 12.41 -7.83 26.15
CA MET A 71 13.76 -7.77 26.69
C MET A 71 13.89 -8.61 27.95
N LEU A 72 12.87 -8.58 28.82
CA LEU A 72 12.89 -9.42 30.01
C LEU A 72 12.86 -10.90 29.64
N GLY A 73 12.05 -11.26 28.63
CA GLY A 73 12.05 -12.65 28.17
C GLY A 73 13.37 -13.08 27.60
N LEU A 74 14.02 -12.21 26.82
CA LEU A 74 15.33 -12.51 26.26
C LEU A 74 16.36 -12.70 27.35
N ALA A 75 16.34 -11.83 28.37
CA ALA A 75 17.29 -11.95 29.48
C ALA A 75 17.08 -13.23 30.26
N VAL A 76 15.82 -13.56 30.57
CA VAL A 76 15.52 -14.78 31.33
C VAL A 76 15.92 -16.02 30.53
N LEU A 77 15.61 -16.05 29.23
CA LEU A 77 15.97 -17.21 28.42
C LEU A 77 17.48 -17.33 28.24
N PHE A 78 18.18 -16.20 28.08
CA PHE A 78 19.63 -16.23 27.94
C PHE A 78 20.30 -16.75 29.20
N PHE A 79 19.85 -16.26 30.37
CA PHE A 79 20.45 -16.70 31.62
C PHE A 79 19.94 -18.07 32.08
N MET A 80 18.89 -18.60 31.44
CA MET A 80 18.51 -19.98 31.69
C MET A 80 19.30 -20.94 30.81
N LEU A 81 19.50 -20.57 29.53
CA LEU A 81 20.25 -21.42 28.62
C LEU A 81 21.75 -21.39 28.90
N LEU A 82 22.27 -20.29 29.46
CA LEU A 82 23.67 -20.27 29.88
C LEU A 82 23.91 -21.17 31.09
N GLY A 83 22.85 -21.57 31.80
CA GLY A 83 22.98 -22.45 32.94
C GLY A 83 22.60 -23.88 32.63
N GLN A 84 21.36 -24.24 33.00
CA GLN A 84 20.63 -25.52 32.80
C GLN A 84 21.34 -26.70 33.45
N HIS A 85 22.46 -26.45 34.11
CA HIS A 85 23.12 -27.46 34.94
C HIS A 85 22.97 -27.16 36.42
N TYR A 86 22.66 -25.93 36.78
CA TYR A 86 22.29 -25.55 38.14
C TYR A 86 20.80 -25.72 38.38
N LEU A 87 20.04 -26.09 37.35
CA LEU A 87 18.58 -26.17 37.30
C LEU A 87 18.15 -27.64 37.19
N PRO A 88 16.97 -27.99 37.74
CA PRO A 88 16.56 -29.40 37.74
C PRO A 88 16.10 -29.91 36.38
N LEU A 89 15.59 -31.15 36.36
CA LEU A 89 15.05 -31.81 35.17
C LEU A 89 16.08 -31.92 34.06
N ASN A 90 17.24 -32.49 34.40
CA ASN A 90 18.31 -32.77 33.44
C ASN A 90 18.70 -34.23 33.60
N PRO A 91 17.90 -35.16 33.09
CA PRO A 91 18.17 -36.59 33.32
C PRO A 91 19.47 -37.08 32.71
N GLN A 92 19.87 -36.56 31.56
CA GLN A 92 21.14 -36.93 30.94
C GLN A 92 22.28 -36.00 31.35
N GLN A 93 22.00 -35.00 32.19
CA GLN A 93 22.98 -34.03 32.69
C GLN A 93 23.68 -33.32 31.53
N LEU A 94 22.87 -32.59 30.76
CA LEU A 94 23.41 -31.84 29.63
C LEU A 94 24.24 -30.67 30.13
N PRO A 95 25.37 -30.37 29.48
CA PRO A 95 26.20 -29.24 29.91
C PRO A 95 25.55 -27.91 29.54
N GLY A 96 26.10 -26.85 30.13
CA GLY A 96 25.61 -25.52 29.83
C GLY A 96 25.95 -25.12 28.40
N LEU A 97 25.01 -24.41 27.77
CA LEU A 97 25.18 -24.02 26.37
C LEU A 97 26.20 -22.88 26.26
N SER A 98 26.83 -22.79 25.08
CA SER A 98 27.79 -21.73 24.83
C SER A 98 27.07 -20.39 24.71
N TRP A 99 27.86 -19.31 24.82
CA TRP A 99 27.28 -17.97 24.83
C TRP A 99 26.62 -17.61 23.50
N ASP A 100 27.28 -17.97 22.38
CA ASP A 100 26.76 -17.61 21.07
C ASP A 100 25.48 -18.38 20.74
N LEU A 101 25.51 -19.70 20.99
CA LEU A 101 24.33 -20.52 20.73
C LEU A 101 23.20 -20.14 21.67
N ALA A 102 23.51 -19.82 22.93
CA ALA A 102 22.48 -19.40 23.87
C ALA A 102 21.84 -18.09 23.44
N LEU A 103 22.65 -17.12 23.00
CA LEU A 103 22.10 -15.85 22.52
C LEU A 103 21.23 -16.05 21.28
N ASN A 104 21.72 -16.84 20.32
CA ASN A 104 20.95 -17.06 19.09
C ASN A 104 19.65 -17.79 19.37
N THR A 105 19.68 -18.83 20.20
CA THR A 105 18.47 -19.57 20.53
C THR A 105 17.50 -18.70 21.33
N ALA A 106 18.00 -17.89 22.26
CA ALA A 106 17.14 -17.04 23.06
C ALA A 106 16.44 -16.00 22.20
N VAL A 107 17.18 -15.36 21.29
CA VAL A 107 16.56 -14.35 20.44
C VAL A 107 15.63 -15.00 19.41
N SER A 108 15.95 -16.23 18.97
CA SER A 108 15.07 -16.94 18.04
C SER A 108 13.74 -17.31 18.71
N PHE A 109 13.80 -17.71 19.98
CA PHE A 109 12.59 -18.08 20.68
C PHE A 109 11.79 -16.90 21.21
N VAL A 110 12.43 -15.76 21.47
CA VAL A 110 11.65 -14.60 21.92
C VAL A 110 11.10 -13.79 20.75
N THR A 111 11.85 -13.65 19.65
CA THR A 111 11.36 -12.83 18.54
C THR A 111 10.64 -13.68 17.49
N ASN A 112 9.77 -14.59 17.97
CA ASN A 112 8.84 -15.37 17.15
C ASN A 112 9.51 -16.03 15.95
N THR A 113 10.75 -16.47 16.12
CA THR A 113 11.52 -17.01 15.00
C THR A 113 11.68 -18.52 15.09
N ASN A 114 12.15 -19.04 16.23
CA ASN A 114 12.20 -20.47 16.53
C ASN A 114 13.11 -21.22 15.56
N TRP A 115 14.28 -20.64 15.33
CA TRP A 115 15.28 -21.25 14.45
C TRP A 115 16.25 -22.07 15.27
N GLN A 116 16.33 -23.37 14.98
CA GLN A 116 17.15 -24.30 15.74
C GLN A 116 18.46 -24.52 14.99
N SER A 117 19.55 -24.00 15.55
CA SER A 117 20.90 -24.22 15.02
C SER A 117 21.64 -25.31 15.78
N TYR A 118 20.92 -26.32 16.27
CA TYR A 118 21.50 -27.36 17.10
C TYR A 118 20.65 -28.63 16.96
N SER A 119 20.91 -29.59 17.84
CA SER A 119 20.05 -30.76 18.00
C SER A 119 19.46 -30.71 19.40
N GLY A 120 18.13 -30.58 19.47
CA GLY A 120 17.48 -30.30 20.74
C GLY A 120 17.64 -31.41 21.76
N GLU A 121 17.39 -32.66 21.34
CA GLU A 121 17.40 -33.77 22.28
C GLU A 121 18.78 -34.14 22.78
N THR A 122 19.85 -33.61 22.17
CA THR A 122 21.20 -33.84 22.64
C THR A 122 21.91 -32.56 23.07
N THR A 123 21.22 -31.42 23.08
CA THR A 123 21.80 -30.19 23.59
C THR A 123 21.01 -29.52 24.71
N LEU A 124 19.70 -29.76 24.81
CA LEU A 124 18.87 -29.07 25.78
C LEU A 124 18.34 -30.05 26.82
N SER A 125 18.18 -29.56 28.04
CA SER A 125 17.58 -30.34 29.12
C SER A 125 16.07 -30.34 28.99
N TYR A 126 15.41 -31.09 29.89
CA TYR A 126 13.95 -31.10 29.90
C TYR A 126 13.39 -29.78 30.40
N PHE A 127 14.07 -29.16 31.37
CA PHE A 127 13.53 -27.96 32.00
C PHE A 127 13.48 -26.79 31.03
N SER A 128 14.50 -26.65 30.18
CA SER A 128 14.52 -25.57 29.21
C SER A 128 13.33 -25.66 28.26
N GLN A 129 13.16 -26.81 27.61
CA GLN A 129 12.08 -27.01 26.66
C GLN A 129 10.72 -27.15 27.34
N MET A 130 10.67 -27.35 28.65
CA MET A 130 9.38 -27.42 29.34
C MET A 130 8.92 -26.04 29.78
N ALA A 131 9.82 -25.23 30.32
CA ALA A 131 9.45 -23.94 30.87
C ALA A 131 9.97 -22.77 30.04
N GLY A 132 11.29 -22.67 29.84
CA GLY A 132 11.84 -21.44 29.28
C GLY A 132 11.55 -21.30 27.80
N LEU A 133 11.57 -22.43 27.07
CA LEU A 133 11.25 -22.39 25.65
C LEU A 133 9.75 -22.22 25.45
N THR A 134 8.94 -22.85 26.30
CA THR A 134 7.50 -22.83 26.14
C THR A 134 6.90 -21.47 26.49
N VAL A 135 7.45 -20.79 27.51
CA VAL A 135 6.94 -19.46 27.84
C VAL A 135 7.24 -18.49 26.71
N GLN A 136 8.36 -18.64 26.01
CA GLN A 136 8.61 -17.77 24.88
C GLN A 136 7.75 -18.15 23.69
N ASN A 137 7.47 -19.44 23.52
CA ASN A 137 6.53 -19.87 22.47
C ASN A 137 5.12 -19.33 22.72
N PHE A 138 4.77 -19.09 23.99
CA PHE A 138 3.49 -18.46 24.31
C PHE A 138 3.55 -16.94 24.12
N LEU A 139 4.53 -16.29 24.75
CA LEU A 139 4.56 -14.83 24.80
C LEU A 139 4.98 -14.17 23.49
N SER A 140 5.73 -14.83 22.61
CA SER A 140 5.98 -14.24 21.29
C SER A 140 4.69 -14.16 20.48
N ALA A 141 3.89 -15.22 20.50
CA ALA A 141 2.58 -15.18 19.87
C ALA A 141 1.67 -14.16 20.52
N ALA A 142 1.72 -14.07 21.86
CA ALA A 142 0.90 -13.09 22.57
C ALA A 142 1.31 -11.66 22.20
N SER A 143 2.61 -11.41 22.06
CA SER A 143 3.07 -10.08 21.65
C SER A 143 2.65 -9.75 20.23
N GLY A 144 2.73 -10.72 19.32
CA GLY A 144 2.26 -10.48 17.95
C GLY A 144 0.78 -10.17 17.87
N ILE A 145 -0.03 -10.94 18.61
CA ILE A 145 -1.47 -10.69 18.64
C ILE A 145 -1.76 -9.34 19.31
N ALA A 146 -0.95 -8.95 20.29
CA ALA A 146 -1.14 -7.64 20.91
C ALA A 146 -0.83 -6.50 19.95
N VAL A 147 0.24 -6.64 19.16
CA VAL A 147 0.58 -5.61 18.17
C VAL A 147 -0.55 -5.47 17.15
N ILE A 148 -1.07 -6.61 16.68
CA ILE A 148 -2.15 -6.49 15.69
C ILE A 148 -3.45 -6.04 16.34
N PHE A 149 -3.65 -6.33 17.63
CA PHE A 149 -4.82 -5.79 18.32
C PHE A 149 -4.74 -4.28 18.46
N ALA A 150 -3.54 -3.76 18.72
CA ALA A 150 -3.33 -2.32 18.76
C ALA A 150 -3.59 -1.69 17.39
N LEU A 151 -3.13 -2.35 16.32
CA LEU A 151 -3.37 -1.82 14.97
C LEU A 151 -4.86 -1.84 14.62
N ILE A 152 -5.57 -2.91 14.97
CA ILE A 152 -7.00 -2.99 14.68
C ILE A 152 -7.78 -1.99 15.50
N ARG A 153 -7.38 -1.78 16.77
CA ARG A 153 -8.03 -0.77 17.59
C ARG A 153 -7.77 0.63 17.03
N ALA A 154 -6.58 0.87 16.50
CA ALA A 154 -6.30 2.15 15.85
C ALA A 154 -7.15 2.34 14.62
N PHE A 155 -7.35 1.28 13.84
CA PHE A 155 -8.18 1.39 12.64
C PHE A 155 -9.65 1.58 12.97
N THR A 156 -10.13 0.98 14.07
CA THR A 156 -11.56 1.00 14.40
C THR A 156 -11.94 2.12 15.36
N ARG A 157 -10.98 2.82 15.96
CA ARG A 157 -11.28 3.89 16.91
C ARG A 157 -11.30 5.22 16.19
N GLN A 158 -12.30 6.04 16.50
CA GLN A 158 -12.56 7.25 15.70
C GLN A 158 -11.50 8.32 15.95
N SER A 159 -11.45 8.87 17.18
CA SER A 159 -10.50 9.94 17.44
C SER A 159 -9.83 9.80 18.80
N MET A 160 -9.84 8.60 19.39
CA MET A 160 -9.20 8.40 20.68
C MET A 160 -7.68 8.43 20.53
N SER A 161 -7.00 8.71 21.65
CA SER A 161 -5.54 8.78 21.68
C SER A 161 -4.91 7.57 22.35
N THR A 162 -5.68 6.52 22.61
CA THR A 162 -5.18 5.35 23.31
C THR A 162 -5.50 4.09 22.52
N LEU A 163 -4.62 3.10 22.64
CA LEU A 163 -4.78 1.81 21.97
C LEU A 163 -5.11 0.68 22.94
N GLY A 164 -5.53 1.02 24.16
CA GLY A 164 -5.79 0.01 25.16
C GLY A 164 -4.60 -0.22 26.07
N ASN A 165 -4.72 -1.25 26.90
CA ASN A 165 -3.70 -1.60 27.87
C ASN A 165 -3.06 -2.92 27.47
N ALA A 166 -1.75 -2.90 27.25
CA ALA A 166 -1.03 -4.06 26.73
C ALA A 166 -1.03 -5.21 27.72
N TRP A 167 -0.88 -4.93 29.02
CA TRP A 167 -0.79 -6.01 29.99
C TRP A 167 -2.07 -6.82 30.05
N VAL A 168 -3.22 -6.15 30.14
CA VAL A 168 -4.48 -6.86 30.15
C VAL A 168 -4.74 -7.48 28.79
N ASP A 169 -4.22 -6.86 27.72
CA ASP A 169 -4.37 -7.44 26.38
C ASP A 169 -3.69 -8.80 26.27
N LEU A 170 -2.40 -8.88 26.57
CA LEU A 170 -1.71 -10.17 26.48
C LEU A 170 -2.24 -11.17 27.51
N LEU A 171 -2.60 -10.70 28.70
CA LEU A 171 -3.15 -11.60 29.71
C LEU A 171 -4.43 -12.27 29.21
N ARG A 172 -5.35 -11.47 28.67
CA ARG A 172 -6.62 -12.01 28.21
C ARG A 172 -6.41 -12.90 26.99
N ILE A 173 -5.59 -12.44 26.04
CA ILE A 173 -5.31 -13.20 24.81
C ILE A 173 -4.69 -14.55 25.14
N THR A 174 -3.64 -14.56 25.96
CA THR A 174 -2.98 -15.80 26.33
C THR A 174 -3.93 -16.73 27.05
N LEU A 175 -4.46 -16.29 28.21
CA LEU A 175 -5.24 -17.17 29.07
C LEU A 175 -6.55 -17.63 28.45
N TRP A 176 -7.07 -16.97 27.42
CA TRP A 176 -8.34 -17.40 26.85
C TRP A 176 -8.28 -17.73 25.37
N VAL A 177 -7.10 -17.74 24.75
CA VAL A 177 -6.96 -18.27 23.40
C VAL A 177 -5.83 -19.28 23.36
N LEU A 178 -4.64 -18.87 23.82
CA LEU A 178 -3.45 -19.65 23.53
C LEU A 178 -3.31 -20.86 24.44
N VAL A 179 -3.85 -20.79 25.65
CA VAL A 179 -3.75 -21.92 26.58
C VAL A 179 -4.75 -23.04 26.28
N PRO A 180 -6.08 -22.81 26.26
CA PRO A 180 -7.00 -23.98 26.22
C PRO A 180 -7.01 -24.71 24.89
N VAL A 181 -6.86 -23.99 23.78
CA VAL A 181 -6.75 -24.66 22.49
C VAL A 181 -5.46 -25.48 22.44
N ALA A 182 -4.39 -24.99 23.09
CA ALA A 182 -3.17 -25.79 23.21
C ALA A 182 -3.41 -27.03 24.06
N LEU A 183 -4.23 -26.94 25.11
CA LEU A 183 -4.61 -28.14 25.86
C LEU A 183 -5.32 -29.15 24.95
N LEU A 184 -6.27 -28.68 24.15
CA LEU A 184 -7.02 -29.57 23.28
C LEU A 184 -6.10 -30.25 22.26
N ILE A 185 -5.21 -29.47 21.64
CA ILE A 185 -4.29 -30.01 20.64
C ILE A 185 -3.29 -30.97 21.29
N ALA A 186 -2.80 -30.63 22.48
CA ALA A 186 -1.84 -31.48 23.18
C ALA A 186 -2.47 -32.82 23.56
N LEU A 187 -3.69 -32.80 24.10
CA LEU A 187 -4.35 -34.07 24.42
C LEU A 187 -4.68 -34.87 23.17
N PHE A 188 -4.99 -34.22 22.05
CA PHE A 188 -5.14 -34.97 20.80
C PHE A 188 -3.82 -35.65 20.40
N PHE A 189 -2.70 -34.96 20.60
CA PHE A 189 -1.41 -35.54 20.23
C PHE A 189 -1.02 -36.69 21.17
N ILE A 190 -1.34 -36.59 22.46
CA ILE A 190 -1.20 -37.74 23.35
C ILE A 190 -2.09 -38.89 22.90
N GLN A 191 -3.30 -38.57 22.41
CA GLN A 191 -4.20 -39.63 21.94
C GLN A 191 -3.61 -40.35 20.74
N GLN A 192 -3.00 -39.61 19.82
CA GLN A 192 -2.52 -40.23 18.60
C GLN A 192 -1.12 -40.83 18.71
N GLY A 193 -0.30 -40.39 19.66
CA GLY A 193 0.98 -41.04 19.84
C GLY A 193 2.17 -40.17 20.21
N ALA A 194 2.01 -38.85 20.18
CA ALA A 194 3.07 -37.97 20.64
C ALA A 194 3.25 -38.12 22.15
N LEU A 195 4.49 -38.15 22.60
CA LEU A 195 4.80 -38.50 23.98
C LEU A 195 4.96 -37.26 24.85
N GLN A 196 4.63 -37.42 26.13
CA GLN A 196 4.92 -36.42 27.15
C GLN A 196 4.97 -37.17 28.48
N ASN A 197 6.18 -37.48 28.94
CA ASN A 197 6.35 -38.39 30.07
C ASN A 197 7.31 -37.93 31.14
N PHE A 198 8.25 -37.01 30.84
CA PHE A 198 9.32 -36.57 31.76
C PHE A 198 10.21 -37.71 32.22
N LEU A 199 10.18 -38.86 31.54
CA LEU A 199 11.00 -40.00 31.90
C LEU A 199 12.44 -39.78 31.42
N PRO A 200 13.41 -40.39 32.11
CA PRO A 200 14.80 -40.33 31.62
C PRO A 200 14.95 -41.06 30.30
N TYR A 201 16.06 -40.76 29.61
CA TYR A 201 16.34 -41.30 28.29
C TYR A 201 16.44 -42.82 28.34
N GLN A 202 15.45 -43.50 27.77
CA GLN A 202 15.28 -44.94 27.95
C GLN A 202 15.99 -45.68 26.82
N ALA A 203 17.04 -46.43 27.16
CA ALA A 203 17.79 -47.18 26.17
C ALA A 203 17.00 -48.39 25.69
N VAL A 204 17.18 -48.72 24.42
CA VAL A 204 16.46 -49.82 23.78
C VAL A 204 17.45 -50.73 23.07
N ASN A 205 17.36 -52.03 23.33
CA ASN A 205 18.02 -53.04 22.52
C ASN A 205 17.04 -53.51 21.45
N THR A 206 17.41 -53.37 20.18
CA THR A 206 16.53 -53.72 19.08
C THR A 206 16.47 -55.23 18.91
N VAL A 207 15.70 -55.66 17.90
CA VAL A 207 15.58 -57.09 17.61
C VAL A 207 16.81 -57.65 16.90
N GLU A 208 17.72 -56.79 16.45
CA GLU A 208 18.96 -57.21 15.82
C GLU A 208 20.13 -57.26 16.79
N GLY A 209 20.27 -56.25 17.65
CA GLY A 209 21.35 -56.23 18.62
C GLY A 209 21.99 -54.88 18.78
N ALA A 210 21.81 -53.99 17.81
CA ALA A 210 22.40 -52.66 17.83
C ALA A 210 21.66 -51.81 18.87
N GLN A 211 22.27 -51.64 20.04
CA GLN A 211 21.64 -50.95 21.15
C GLN A 211 21.51 -49.47 20.84
N GLN A 212 20.30 -49.03 20.52
CA GLN A 212 20.01 -47.62 20.30
C GLN A 212 19.53 -47.01 21.62
N LEU A 213 19.06 -45.77 21.58
CA LEU A 213 18.62 -45.08 22.79
C LEU A 213 17.53 -44.09 22.40
N LEU A 214 16.36 -44.18 23.07
CA LEU A 214 15.24 -43.33 22.68
C LEU A 214 15.20 -42.06 23.54
N PRO A 215 14.82 -40.93 22.93
CA PRO A 215 14.63 -39.71 23.71
C PRO A 215 13.21 -39.55 24.20
N MET A 216 13.08 -38.90 25.36
CA MET A 216 11.78 -38.66 25.97
C MET A 216 11.64 -37.19 26.34
N GLY A 217 10.58 -36.84 27.07
CA GLY A 217 10.41 -35.50 27.57
C GLY A 217 9.03 -34.94 27.31
N PRO A 218 8.81 -33.68 27.68
CA PRO A 218 7.52 -33.02 27.38
C PRO A 218 7.47 -32.54 25.94
N VAL A 219 7.20 -33.48 25.04
CA VAL A 219 7.29 -33.19 23.61
C VAL A 219 5.99 -32.62 23.08
N ALA A 220 4.86 -33.28 23.38
CA ALA A 220 3.59 -32.84 22.82
C ALA A 220 3.09 -31.54 23.44
N SER A 221 3.43 -31.28 24.71
CA SER A 221 3.07 -30.02 25.34
C SER A 221 3.73 -28.84 24.63
N GLN A 222 4.99 -28.99 24.26
CA GLN A 222 5.65 -27.97 23.45
C GLN A 222 5.12 -27.97 22.03
N GLU A 223 4.75 -29.15 21.52
CA GLU A 223 4.25 -29.28 20.15
C GLU A 223 2.96 -28.49 19.95
N ALA A 224 2.06 -28.54 20.94
CA ALA A 224 0.74 -27.93 20.79
C ALA A 224 0.83 -26.42 20.65
N ILE A 225 1.59 -25.76 21.53
CA ILE A 225 1.75 -24.31 21.40
C ILE A 225 2.81 -23.94 20.38
N LYS A 226 3.59 -24.92 19.91
CA LYS A 226 4.46 -24.66 18.78
C LYS A 226 3.64 -24.60 17.49
N MET A 227 2.52 -25.34 17.45
CA MET A 227 1.67 -25.31 16.28
C MET A 227 0.65 -24.20 16.37
N LEU A 228 0.06 -24.00 17.55
CA LEU A 228 -0.79 -22.84 17.79
C LEU A 228 0.03 -21.57 17.68
N GLY A 229 -0.57 -20.53 17.15
CA GLY A 229 0.28 -19.43 16.73
C GLY A 229 1.09 -19.90 15.53
N THR A 230 2.25 -19.28 15.34
CA THR A 230 3.16 -19.64 14.27
C THR A 230 4.58 -19.75 14.80
N ASN A 231 4.76 -20.46 15.91
CA ASN A 231 6.06 -20.51 16.56
C ASN A 231 7.05 -21.36 15.76
N GLY A 232 6.80 -22.66 15.66
CA GLY A 232 7.59 -23.52 14.77
C GLY A 232 8.99 -23.87 15.19
N GLY A 233 9.24 -24.09 16.48
CA GLY A 233 10.48 -24.68 16.94
C GLY A 233 10.24 -25.98 17.69
N GLY A 234 10.70 -27.10 17.15
CA GLY A 234 10.37 -28.40 17.70
C GLY A 234 11.25 -28.84 18.85
N PHE A 235 10.83 -29.94 19.47
CA PHE A 235 11.61 -30.54 20.56
C PHE A 235 12.91 -31.12 20.04
N PHE A 236 12.89 -31.77 18.89
CA PHE A 236 14.03 -32.46 18.34
C PHE A 236 14.63 -31.66 17.18
N ASN A 237 15.66 -32.24 16.56
CA ASN A 237 16.27 -31.59 15.40
C ASN A 237 15.35 -31.66 14.19
N ALA A 238 14.61 -32.76 14.04
CA ALA A 238 13.62 -32.91 12.99
C ALA A 238 12.28 -32.40 13.51
N ASN A 239 12.12 -31.08 13.48
CA ASN A 239 10.95 -30.45 14.06
C ASN A 239 9.71 -30.71 13.22
N SER A 240 8.69 -31.30 13.85
CA SER A 240 7.42 -31.69 13.23
C SER A 240 7.60 -32.69 12.08
N SER A 241 8.69 -33.45 12.10
CA SER A 241 8.84 -34.62 11.26
C SER A 241 9.24 -35.86 12.03
N HIS A 242 9.69 -35.72 13.27
CA HIS A 242 9.90 -36.87 14.13
C HIS A 242 8.57 -37.56 14.40
N PRO A 243 8.54 -38.89 14.40
CA PRO A 243 7.30 -39.60 14.75
C PRO A 243 6.85 -39.38 16.19
N PHE A 244 7.73 -38.89 17.07
CA PHE A 244 7.33 -38.53 18.42
C PHE A 244 6.64 -37.17 18.50
N GLU A 245 6.63 -36.40 17.41
CA GLU A 245 5.99 -35.09 17.41
C GLU A 245 4.66 -35.08 16.66
N ASN A 246 4.66 -35.49 15.39
CA ASN A 246 3.43 -35.66 14.62
C ASN A 246 3.43 -37.08 14.04
N PRO A 247 2.84 -38.04 14.74
CA PRO A 247 2.97 -39.44 14.33
C PRO A 247 2.20 -39.80 13.07
N THR A 248 1.07 -39.16 12.78
CA THR A 248 0.20 -39.63 11.71
C THR A 248 -0.41 -38.45 10.95
N ALA A 249 -1.22 -38.80 9.95
CA ALA A 249 -1.78 -37.79 9.04
C ALA A 249 -2.84 -36.94 9.72
N LEU A 250 -3.60 -37.51 10.65
CA LEU A 250 -4.56 -36.70 11.41
C LEU A 250 -3.84 -35.67 12.28
N THR A 251 -2.74 -36.07 12.91
CA THR A 251 -1.91 -35.11 13.63
C THR A 251 -1.38 -34.05 12.69
N ASN A 252 -0.93 -34.44 11.49
CA ASN A 252 -0.40 -33.47 10.55
C ASN A 252 -1.48 -32.49 10.08
N PHE A 253 -2.72 -32.98 9.91
CA PHE A 253 -3.82 -32.08 9.59
C PHE A 253 -4.07 -31.10 10.73
N VAL A 254 -3.96 -31.57 11.98
CA VAL A 254 -4.09 -30.67 13.12
C VAL A 254 -2.94 -29.67 13.16
N GLN A 255 -1.73 -30.11 12.77
CA GLN A 255 -0.58 -29.21 12.61
C GLN A 255 -0.91 -28.08 11.65
N MET A 256 -1.45 -28.45 10.47
CA MET A 256 -1.74 -27.48 9.42
C MET A 256 -2.83 -26.49 9.87
N LEU A 257 -3.89 -27.02 10.47
CA LEU A 257 -4.99 -26.19 10.94
C LEU A 257 -4.54 -25.27 12.07
N ALA A 258 -3.68 -25.75 12.96
CA ALA A 258 -3.17 -24.89 14.02
C ALA A 258 -2.22 -23.83 13.47
N ILE A 259 -1.53 -24.12 12.36
CA ILE A 259 -0.69 -23.11 11.73
C ILE A 259 -1.56 -21.98 11.17
N PHE A 260 -2.59 -22.33 10.41
CA PHE A 260 -3.42 -21.31 9.77
C PHE A 260 -4.58 -20.80 10.63
N LEU A 261 -4.76 -21.32 11.86
CA LEU A 261 -5.94 -20.95 12.64
C LEU A 261 -5.91 -19.50 13.07
N ILE A 262 -4.81 -19.05 13.65
CA ILE A 262 -4.74 -17.70 14.24
C ILE A 262 -4.73 -16.59 13.19
N PRO A 263 -3.96 -16.64 12.08
CA PRO A 263 -4.08 -15.55 11.10
C PRO A 263 -5.43 -15.49 10.41
N THR A 264 -6.04 -16.63 10.10
CA THR A 264 -7.36 -16.62 9.48
C THR A 264 -8.43 -16.10 10.43
N ALA A 265 -8.36 -16.52 11.70
CA ALA A 265 -9.27 -15.99 12.70
C ALA A 265 -9.04 -14.50 12.94
N LEU A 266 -7.79 -14.04 12.82
CA LEU A 266 -7.51 -12.62 12.94
C LEU A 266 -8.10 -11.84 11.78
N CYS A 267 -8.02 -12.39 10.57
CA CYS A 267 -8.67 -11.76 9.42
C CYS A 267 -10.18 -11.70 9.59
N PHE A 268 -10.77 -12.78 10.11
CA PHE A 268 -12.20 -12.80 10.38
C PHE A 268 -12.57 -11.78 11.45
N ALA A 269 -11.73 -11.63 12.49
CA ALA A 269 -11.98 -10.64 13.52
C ALA A 269 -11.86 -9.22 12.98
N PHE A 270 -10.90 -8.99 12.08
CA PHE A 270 -10.79 -7.70 11.42
C PHE A 270 -12.03 -7.40 10.58
N GLY A 271 -12.56 -8.41 9.91
CA GLY A 271 -13.80 -8.22 9.16
C GLY A 271 -15.00 -7.94 10.06
N GLU A 272 -15.09 -8.64 11.19
CA GLU A 272 -16.26 -8.54 12.04
C GLU A 272 -16.19 -7.41 13.06
N VAL A 273 -15.03 -6.78 13.23
CA VAL A 273 -14.93 -5.68 14.19
C VAL A 273 -15.36 -4.35 13.54
N MET A 274 -15.31 -4.27 12.22
CA MET A 274 -15.75 -3.07 11.50
C MET A 274 -17.23 -3.11 11.15
N GLY A 275 -17.91 -4.21 11.41
CA GLY A 275 -19.28 -4.38 10.97
C GLY A 275 -19.41 -4.70 9.49
N ASP A 276 -18.30 -4.93 8.80
CA ASP A 276 -18.29 -5.20 7.36
C ASP A 276 -17.41 -6.41 7.10
N ARG A 277 -18.04 -7.58 6.95
CA ARG A 277 -17.29 -8.82 6.73
C ARG A 277 -16.60 -8.85 5.38
N ARG A 278 -17.01 -7.99 4.45
CA ARG A 278 -16.34 -7.89 3.16
C ARG A 278 -14.90 -7.41 3.32
N GLN A 279 -14.65 -6.53 4.29
CA GLN A 279 -13.32 -6.02 4.53
C GLN A 279 -12.35 -7.09 5.01
N GLY A 280 -12.85 -8.15 5.65
CA GLY A 280 -12.01 -9.25 6.06
C GLY A 280 -11.91 -10.34 5.02
N ARG A 281 -13.02 -10.61 4.32
CA ARG A 281 -12.98 -11.60 3.26
C ARG A 281 -12.15 -11.13 2.06
N MET A 282 -11.98 -9.81 1.90
CA MET A 282 -11.05 -9.29 0.90
C MET A 282 -9.63 -9.77 1.19
N LEU A 283 -9.17 -9.59 2.43
CA LEU A 283 -7.84 -10.02 2.81
C LEU A 283 -7.72 -11.53 2.75
N LEU A 284 -8.79 -12.24 3.13
CA LEU A 284 -8.76 -13.71 3.08
C LEU A 284 -8.62 -14.21 1.65
N TRP A 285 -9.36 -13.60 0.71
CA TRP A 285 -9.22 -13.98 -0.70
C TRP A 285 -7.84 -13.62 -1.25
N ALA A 286 -7.33 -12.45 -0.88
CA ALA A 286 -6.02 -12.02 -1.38
C ALA A 286 -4.91 -12.93 -0.88
N MET A 287 -5.01 -13.41 0.35
CA MET A 287 -4.05 -14.39 0.85
C MET A 287 -4.24 -15.74 0.19
N SER A 288 -5.49 -16.20 0.07
CA SER A 288 -5.76 -17.56 -0.34
C SER A 288 -5.46 -17.80 -1.81
N VAL A 289 -5.62 -16.79 -2.66
CA VAL A 289 -5.33 -16.97 -4.09
C VAL A 289 -3.83 -17.21 -4.31
N ILE A 290 -3.00 -16.36 -3.71
CA ILE A 290 -1.55 -16.57 -3.77
C ILE A 290 -1.18 -17.89 -3.13
N PHE A 291 -1.84 -18.23 -2.01
CA PHE A 291 -1.56 -19.48 -1.32
C PHE A 291 -1.81 -20.68 -2.21
N VAL A 292 -2.99 -20.76 -2.83
CA VAL A 292 -3.34 -21.93 -3.63
C VAL A 292 -2.51 -21.98 -4.92
N ILE A 293 -2.16 -20.83 -5.50
CA ILE A 293 -1.29 -20.84 -6.68
C ILE A 293 0.08 -21.41 -6.33
N CYS A 294 0.63 -20.98 -5.19
CA CYS A 294 1.95 -21.46 -4.80
C CYS A 294 1.91 -22.92 -4.35
N VAL A 295 0.81 -23.36 -3.75
CA VAL A 295 0.64 -24.77 -3.46
C VAL A 295 0.65 -25.58 -4.74
N GLY A 296 -0.07 -25.11 -5.77
CA GLY A 296 -0.11 -25.82 -7.03
C GLY A 296 1.25 -25.94 -7.68
N VAL A 297 2.03 -24.85 -7.69
CA VAL A 297 3.34 -24.93 -8.31
C VAL A 297 4.29 -25.81 -7.49
N VAL A 298 4.18 -25.80 -6.15
CA VAL A 298 5.05 -26.66 -5.34
C VAL A 298 4.73 -28.14 -5.56
N MET A 299 3.44 -28.49 -5.55
CA MET A 299 3.07 -29.88 -5.80
C MET A 299 3.45 -30.34 -7.20
N TRP A 300 3.29 -29.46 -8.20
CA TRP A 300 3.70 -29.83 -9.55
C TRP A 300 5.21 -30.08 -9.63
N ALA A 301 6.00 -29.21 -9.00
CA ALA A 301 7.45 -29.37 -9.01
C ALA A 301 7.87 -30.65 -8.30
N GLU A 302 7.24 -30.97 -7.17
CA GLU A 302 7.64 -32.18 -6.44
C GLU A 302 7.12 -33.45 -7.11
N VAL A 303 5.99 -33.39 -7.82
CA VAL A 303 5.56 -34.56 -8.60
C VAL A 303 6.51 -34.80 -9.77
N GLN A 304 6.98 -33.73 -10.41
CA GLN A 304 8.01 -33.88 -11.44
C GLN A 304 9.29 -34.47 -10.82
N GLY A 305 9.71 -33.94 -9.68
CA GLY A 305 10.70 -34.57 -8.83
C GLY A 305 12.11 -34.63 -9.41
N ASN A 306 12.88 -35.56 -8.87
CA ASN A 306 14.25 -35.77 -9.30
C ASN A 306 14.26 -36.52 -10.63
N PRO A 307 14.83 -35.97 -11.70
CA PRO A 307 14.88 -36.71 -12.96
C PRO A 307 15.89 -37.85 -12.97
N HIS A 308 16.90 -37.81 -12.10
CA HIS A 308 17.94 -38.84 -12.10
C HIS A 308 17.47 -40.16 -11.50
N LEU A 309 16.37 -40.14 -10.74
CA LEU A 309 15.91 -41.37 -10.10
C LEU A 309 15.39 -42.37 -11.12
N LEU A 310 14.72 -41.90 -12.17
CA LEU A 310 14.23 -42.81 -13.21
C LEU A 310 15.39 -43.39 -14.01
N ALA A 311 16.44 -42.59 -14.25
CA ALA A 311 17.62 -43.10 -14.94
C ALA A 311 18.48 -43.99 -14.04
N LEU A 312 18.30 -43.91 -12.73
CA LEU A 312 19.02 -44.76 -11.80
C LEU A 312 18.24 -46.00 -11.40
N GLY A 313 17.16 -46.32 -12.11
CA GLY A 313 16.43 -47.55 -11.89
C GLY A 313 15.45 -47.51 -10.73
N THR A 314 14.44 -46.65 -10.80
CA THR A 314 13.36 -46.62 -9.83
C THR A 314 12.03 -46.68 -10.56
N ASP A 315 10.99 -47.08 -9.83
CA ASP A 315 9.64 -47.26 -10.42
C ASP A 315 8.96 -45.92 -10.64
N SER A 316 9.44 -44.89 -9.98
CA SER A 316 8.86 -43.56 -10.11
C SER A 316 9.98 -42.53 -10.04
N SER A 317 9.60 -41.26 -10.15
CA SER A 317 10.56 -40.16 -10.12
C SER A 317 10.15 -39.07 -9.13
N ILE A 318 9.21 -39.36 -8.23
CA ILE A 318 8.81 -38.38 -7.23
C ILE A 318 9.91 -38.21 -6.21
N ASN A 319 10.13 -36.96 -5.79
CA ASN A 319 11.25 -36.59 -4.92
C ASN A 319 10.95 -37.03 -3.50
N MET A 320 11.13 -38.33 -3.24
CA MET A 320 11.03 -38.85 -1.88
C MET A 320 12.29 -38.63 -1.06
N GLU A 321 13.37 -38.17 -1.68
CA GLU A 321 14.59 -37.85 -0.94
C GLU A 321 14.32 -36.70 0.03
N GLY A 322 14.57 -36.95 1.31
CA GLY A 322 14.30 -35.94 2.32
C GLY A 322 12.83 -35.70 2.58
N LYS A 323 11.98 -36.71 2.36
CA LYS A 323 10.56 -36.61 2.67
C LYS A 323 10.14 -37.82 3.49
N GLU A 324 9.09 -37.64 4.29
CA GLU A 324 8.60 -38.70 5.17
C GLU A 324 7.84 -39.75 4.37
N SER A 325 7.52 -40.85 5.04
CA SER A 325 6.86 -41.97 4.36
C SER A 325 5.34 -41.93 4.51
N ARG A 326 4.83 -41.82 5.74
CA ARG A 326 3.39 -41.78 5.91
C ARG A 326 2.80 -40.43 5.51
N PHE A 327 3.63 -39.41 5.32
CA PHE A 327 3.22 -38.15 4.72
C PHE A 327 3.68 -38.15 3.26
N GLY A 328 2.72 -38.03 2.35
CA GLY A 328 3.00 -38.17 0.94
C GLY A 328 3.76 -36.98 0.37
N VAL A 329 4.03 -37.07 -0.94
CA VAL A 329 4.70 -35.98 -1.64
C VAL A 329 3.84 -34.73 -1.61
N LEU A 330 2.56 -34.86 -1.93
CA LEU A 330 1.66 -33.71 -1.92
C LEU A 330 1.47 -33.15 -0.52
N VAL A 331 1.36 -34.05 0.47
CA VAL A 331 1.10 -33.60 1.84
C VAL A 331 2.31 -32.86 2.40
N SER A 332 3.52 -33.39 2.17
CA SER A 332 4.73 -32.72 2.63
C SER A 332 4.99 -31.44 1.85
N SER A 333 4.63 -31.40 0.56
CA SER A 333 4.75 -30.17 -0.21
C SER A 333 3.81 -29.09 0.31
N LEU A 334 2.57 -29.48 0.63
CA LEU A 334 1.62 -28.53 1.20
C LEU A 334 2.10 -28.06 2.57
N PHE A 335 2.68 -28.94 3.37
CA PHE A 335 3.20 -28.48 4.66
C PHE A 335 4.40 -27.56 4.49
N ALA A 336 5.23 -27.79 3.47
CA ALA A 336 6.36 -26.90 3.20
C ALA A 336 5.87 -25.50 2.85
N VAL A 337 4.91 -25.41 1.92
CA VAL A 337 4.45 -24.09 1.50
C VAL A 337 3.62 -23.42 2.60
N VAL A 338 2.86 -24.18 3.38
CA VAL A 338 2.14 -23.62 4.52
C VAL A 338 3.11 -23.09 5.58
N THR A 339 4.17 -23.85 5.86
CA THR A 339 5.18 -23.44 6.84
C THR A 339 5.87 -22.15 6.42
N THR A 340 6.28 -22.07 5.15
CA THR A 340 6.99 -20.89 4.69
C THR A 340 6.06 -19.78 4.21
N ALA A 341 4.75 -19.99 4.22
CA ALA A 341 3.81 -18.92 4.00
C ALA A 341 3.37 -18.26 5.30
N ALA A 342 3.17 -19.06 6.34
CA ALA A 342 2.65 -18.56 7.60
C ALA A 342 3.71 -18.29 8.65
N SER A 343 4.99 -18.28 8.25
CA SER A 343 6.11 -18.01 9.16
C SER A 343 6.14 -18.97 10.35
N CYS A 344 5.80 -20.23 10.10
CA CYS A 344 5.84 -21.20 11.19
C CYS A 344 7.25 -21.67 11.46
N GLY A 345 7.86 -22.37 10.51
CA GLY A 345 9.21 -22.86 10.67
C GLY A 345 9.32 -24.32 11.04
N ALA A 346 8.22 -25.06 11.09
CA ALA A 346 8.24 -26.50 11.33
C ALA A 346 8.11 -27.19 9.99
N VAL A 347 9.05 -28.09 9.69
CA VAL A 347 9.14 -28.70 8.36
C VAL A 347 9.01 -30.22 8.49
N ILE A 348 8.13 -30.80 7.68
CA ILE A 348 8.09 -32.25 7.58
C ILE A 348 9.19 -32.75 6.66
N ALA A 349 9.13 -32.37 5.40
CA ALA A 349 10.19 -32.71 4.48
C ALA A 349 11.34 -31.74 4.67
N MET A 350 12.57 -32.27 4.63
CA MET A 350 13.74 -31.41 4.70
C MET A 350 13.75 -30.51 3.47
N HIS A 351 13.59 -29.20 3.70
CA HIS A 351 13.42 -28.25 2.59
C HIS A 351 14.67 -28.19 1.72
N ASP A 352 15.84 -28.49 2.28
CA ASP A 352 17.07 -28.47 1.52
C ASP A 352 17.06 -29.50 0.40
N SER A 353 16.45 -30.65 0.65
CA SER A 353 16.39 -31.73 -0.33
C SER A 353 15.12 -31.64 -1.17
N PHE A 354 14.95 -30.49 -1.81
CA PHE A 354 13.83 -30.25 -2.72
C PHE A 354 14.33 -30.04 -4.13
N THR A 355 13.41 -30.26 -5.08
CA THR A 355 13.61 -29.82 -6.46
C THR A 355 13.71 -28.30 -6.47
N ALA A 356 14.42 -27.77 -7.46
CA ALA A 356 14.72 -26.33 -7.50
C ALA A 356 13.45 -25.49 -7.57
N LEU A 357 12.49 -25.89 -8.41
CA LEU A 357 11.25 -25.14 -8.52
C LEU A 357 10.41 -25.26 -7.26
N GLY A 358 10.43 -26.42 -6.60
CA GLY A 358 9.72 -26.57 -5.35
C GLY A 358 10.42 -25.96 -4.15
N GLY A 359 11.68 -25.56 -4.29
CA GLY A 359 12.40 -24.92 -3.21
C GLY A 359 12.50 -23.42 -3.38
N MET A 360 12.31 -22.92 -4.61
CA MET A 360 12.25 -21.48 -4.82
C MET A 360 11.02 -20.87 -4.15
N VAL A 361 9.88 -21.57 -4.23
CA VAL A 361 8.63 -21.01 -3.73
C VAL A 361 8.64 -20.75 -2.23
N PRO A 362 9.16 -21.65 -1.36
CA PRO A 362 9.31 -21.25 0.06
C PRO A 362 10.17 -20.02 0.27
N MET A 363 11.28 -19.91 -0.48
CA MET A 363 12.13 -18.74 -0.42
C MET A 363 11.34 -17.49 -0.82
N TRP A 364 10.53 -17.60 -1.86
CA TRP A 364 9.75 -16.47 -2.36
C TRP A 364 8.72 -16.01 -1.34
N LEU A 365 7.91 -16.94 -0.82
CA LEU A 365 6.89 -16.54 0.15
C LEU A 365 7.48 -16.10 1.48
N MET A 366 8.70 -16.53 1.81
CA MET A 366 9.35 -15.87 2.93
C MET A 366 9.74 -14.44 2.57
N GLN A 367 10.44 -14.27 1.45
CA GLN A 367 11.10 -13.00 1.18
C GLN A 367 10.14 -11.89 0.78
N ILE A 368 8.92 -12.22 0.36
CA ILE A 368 7.94 -11.18 0.05
C ILE A 368 7.38 -10.57 1.33
N GLY A 369 7.81 -11.07 2.48
CA GLY A 369 7.20 -10.71 3.74
C GLY A 369 6.14 -11.70 4.14
N GLU A 370 5.99 -11.89 5.46
CA GLU A 370 5.04 -12.87 5.98
C GLU A 370 3.64 -12.27 5.87
N VAL A 371 3.07 -12.37 4.67
CA VAL A 371 1.78 -11.77 4.38
C VAL A 371 0.71 -12.81 4.12
N VAL A 372 1.04 -13.94 3.50
CA VAL A 372 0.05 -14.97 3.19
C VAL A 372 -0.21 -15.76 4.47
N PHE A 373 -1.16 -15.28 5.28
CA PHE A 373 -1.41 -15.77 6.64
C PHE A 373 -0.13 -15.78 7.47
N GLY A 374 0.73 -14.79 7.24
CA GLY A 374 2.13 -14.93 7.61
C GLY A 374 2.49 -14.52 9.02
N GLY A 375 2.56 -15.49 9.91
CA GLY A 375 2.92 -15.22 11.28
C GLY A 375 1.71 -15.01 12.16
N VAL A 376 1.86 -15.32 13.44
CA VAL A 376 0.81 -15.07 14.42
C VAL A 376 0.86 -13.59 14.81
N GLY A 377 -0.25 -12.89 14.60
CA GLY A 377 -0.22 -11.44 14.73
C GLY A 377 0.39 -10.71 13.57
N SER A 378 1.56 -11.16 13.09
CA SER A 378 2.20 -10.58 11.93
C SER A 378 1.42 -10.80 10.66
N GLY A 379 0.58 -11.84 10.60
CA GLY A 379 -0.14 -12.18 9.38
C GLY A 379 -1.08 -11.09 8.92
N LEU A 380 -1.53 -10.24 9.82
CA LEU A 380 -2.36 -9.12 9.42
C LEU A 380 -1.58 -7.81 9.29
N TYR A 381 -0.63 -7.49 10.18
CA TYR A 381 0.01 -6.18 10.03
C TYR A 381 1.06 -6.17 8.92
N GLY A 382 1.73 -7.30 8.65
CA GLY A 382 2.59 -7.36 7.48
C GLY A 382 1.82 -7.20 6.18
N MET A 383 0.58 -7.70 6.14
CA MET A 383 -0.27 -7.45 4.99
C MET A 383 -0.80 -6.03 4.98
N MET A 384 -1.04 -5.44 6.16
CA MET A 384 -1.47 -4.04 6.23
C MET A 384 -0.40 -3.10 5.73
N LEU A 385 0.87 -3.48 5.89
CA LEU A 385 1.97 -2.73 5.30
C LEU A 385 1.83 -2.61 3.79
N PHE A 386 1.35 -3.67 3.14
CA PHE A 386 1.13 -3.63 1.70
C PHE A 386 -0.22 -3.05 1.33
N VAL A 387 -1.22 -3.16 2.21
CA VAL A 387 -2.52 -2.57 1.96
C VAL A 387 -2.43 -1.05 1.99
N LEU A 388 -1.67 -0.50 2.93
CA LEU A 388 -1.51 0.95 3.03
C LEU A 388 -0.73 1.54 1.87
N LEU A 389 -0.06 0.72 1.07
CA LEU A 389 0.62 1.13 -0.15
C LEU A 389 -0.24 0.90 -1.39
N ALA A 390 -0.98 -0.22 -1.41
CA ALA A 390 -1.87 -0.51 -2.52
C ALA A 390 -3.03 0.49 -2.56
N VAL A 391 -3.57 0.86 -1.40
CA VAL A 391 -4.65 1.84 -1.39
C VAL A 391 -4.11 3.22 -1.73
N PHE A 392 -2.84 3.49 -1.42
CA PHE A 392 -2.23 4.75 -1.83
C PHE A 392 -2.12 4.83 -3.34
N ILE A 393 -1.64 3.76 -3.97
CA ILE A 393 -1.54 3.73 -5.43
C ILE A 393 -2.93 3.79 -6.06
N ALA A 394 -3.91 3.10 -5.48
CA ALA A 394 -5.27 3.13 -6.00
C ALA A 394 -5.88 4.52 -5.91
N GLY A 395 -5.69 5.19 -4.77
CA GLY A 395 -6.15 6.56 -4.65
C GLY A 395 -5.44 7.51 -5.60
N LEU A 396 -4.16 7.24 -5.89
CA LEU A 396 -3.46 8.01 -6.90
C LEU A 396 -4.07 7.81 -8.28
N MET A 397 -4.45 6.57 -8.61
CA MET A 397 -5.11 6.33 -9.90
C MET A 397 -6.50 6.95 -9.94
N ILE A 398 -7.20 7.02 -8.81
CA ILE A 398 -8.50 7.68 -8.80
C ILE A 398 -8.35 9.19 -8.97
N GLY A 399 -7.38 9.78 -8.28
CA GLY A 399 -7.20 11.22 -8.33
C GLY A 399 -7.75 11.87 -7.08
N ARG A 400 -7.64 11.18 -5.94
CA ARG A 400 -8.18 11.66 -4.69
C ARG A 400 -7.20 11.32 -3.58
N THR A 401 -7.44 11.91 -2.41
CA THR A 401 -6.61 11.64 -1.25
C THR A 401 -6.76 10.19 -0.83
N PRO A 402 -5.66 9.44 -0.67
CA PRO A 402 -5.75 8.01 -0.40
C PRO A 402 -6.21 7.73 1.02
N GLU A 403 -7.29 6.96 1.14
CA GLU A 403 -7.86 6.62 2.43
C GLU A 403 -8.26 5.16 2.45
N TYR A 404 -7.96 4.49 3.56
CA TYR A 404 -8.31 3.09 3.76
C TYR A 404 -9.23 3.00 4.97
N LEU A 405 -10.43 2.45 4.74
CA LEU A 405 -11.48 2.33 5.77
C LEU A 405 -11.82 3.68 6.38
N GLY A 406 -11.89 4.71 5.55
CA GLY A 406 -12.29 6.05 5.97
C GLY A 406 -11.17 6.97 6.39
N LYS A 407 -10.18 6.44 7.11
CA LYS A 407 -9.11 7.28 7.64
C LYS A 407 -8.15 7.69 6.53
N LYS A 408 -7.83 8.98 6.48
CA LYS A 408 -6.89 9.49 5.48
C LYS A 408 -5.48 9.00 5.80
N ILE A 409 -4.70 8.79 4.75
CA ILE A 409 -3.33 8.29 4.86
C ILE A 409 -2.41 9.33 4.23
N ASP A 410 -1.37 9.72 4.97
CA ASP A 410 -0.49 10.80 4.52
C ASP A 410 0.98 10.48 4.75
N VAL A 411 1.82 11.51 4.68
CA VAL A 411 3.28 11.36 4.76
C VAL A 411 3.70 10.81 6.12
N ARG A 412 3.01 11.24 7.19
CA ARG A 412 3.43 10.90 8.55
C ARG A 412 3.37 9.42 8.86
N GLU A 413 2.59 8.65 8.08
CA GLU A 413 2.67 7.19 8.13
C GLU A 413 3.17 6.57 6.84
N MET A 414 3.27 7.33 5.74
CA MET A 414 3.98 6.82 4.57
C MET A 414 5.45 6.59 4.86
N LYS A 415 6.06 7.48 5.65
CA LYS A 415 7.45 7.27 6.06
C LYS A 415 7.61 5.97 6.84
N LEU A 416 6.70 5.73 7.80
CA LEU A 416 6.79 4.54 8.63
C LEU A 416 6.47 3.28 7.84
N THR A 417 5.49 3.36 6.92
CA THR A 417 5.17 2.22 6.07
C THR A 417 6.34 1.85 5.17
N ALA A 418 6.96 2.86 4.55
CA ALA A 418 8.11 2.61 3.70
C ALA A 418 9.28 2.02 4.49
N LEU A 419 9.54 2.56 5.67
CA LEU A 419 10.64 2.04 6.50
C LEU A 419 10.37 0.61 6.93
N ALA A 420 9.14 0.32 7.35
CA ALA A 420 8.81 -1.03 7.82
C ALA A 420 8.81 -2.05 6.68
N ILE A 421 8.44 -1.63 5.47
CA ILE A 421 8.55 -2.54 4.33
C ILE A 421 10.00 -2.78 3.96
N LEU A 422 10.82 -1.73 3.90
CA LEU A 422 12.18 -1.94 3.41
C LEU A 422 13.13 -2.47 4.46
N VAL A 423 12.72 -2.56 5.73
CA VAL A 423 13.65 -3.07 6.73
C VAL A 423 13.88 -4.57 6.56
N THR A 424 12.95 -5.29 5.93
CA THR A 424 13.09 -6.73 5.71
C THR A 424 14.05 -7.07 4.57
N PRO A 425 13.90 -6.56 3.33
CA PRO A 425 14.87 -6.93 2.30
C PRO A 425 16.25 -6.38 2.56
N THR A 426 16.34 -5.24 3.27
CA THR A 426 17.63 -4.73 3.70
C THR A 426 18.38 -5.75 4.52
N LEU A 427 17.71 -6.31 5.54
CA LEU A 427 18.34 -7.32 6.38
C LEU A 427 18.68 -8.57 5.58
N VAL A 428 17.75 -9.02 4.73
CA VAL A 428 17.96 -10.26 3.98
C VAL A 428 19.17 -10.13 3.05
N LEU A 429 19.21 -9.07 2.26
CA LEU A 429 20.29 -8.91 1.29
C LEU A 429 21.61 -8.58 1.97
N MET A 430 21.58 -7.75 3.03
CA MET A 430 22.82 -7.42 3.74
C MET A 430 23.40 -8.65 4.43
N GLY A 431 22.56 -9.47 5.06
CA GLY A 431 23.05 -10.69 5.66
C GLY A 431 23.57 -11.69 4.65
N ALA A 432 22.88 -11.83 3.51
CA ALA A 432 23.34 -12.77 2.51
C ALA A 432 24.62 -12.28 1.82
N ALA A 433 24.83 -10.97 1.77
CA ALA A 433 26.10 -10.46 1.25
C ALA A 433 27.23 -10.59 2.26
N LEU A 434 26.93 -10.37 3.55
CA LEU A 434 27.95 -10.49 4.59
C LEU A 434 28.36 -11.94 4.78
N ALA A 435 27.45 -12.89 4.59
CA ALA A 435 27.77 -14.30 4.74
C ALA A 435 28.67 -14.83 3.63
N MET A 436 28.86 -14.08 2.55
CA MET A 436 29.75 -14.49 1.47
C MET A 436 30.92 -13.56 1.25
N MET A 437 31.06 -12.50 2.05
CA MET A 437 32.30 -11.74 2.11
C MET A 437 33.20 -12.20 3.24
N THR A 438 32.81 -13.24 3.96
CA THR A 438 33.61 -13.81 5.03
C THR A 438 33.85 -15.30 4.75
N ASP A 439 34.96 -15.81 5.30
CA ASP A 439 35.25 -17.24 5.14
C ASP A 439 34.20 -18.08 5.87
N ALA A 440 33.87 -17.71 7.10
CA ALA A 440 32.70 -18.29 7.75
C ALA A 440 31.44 -17.81 7.06
N GLY A 441 30.42 -18.65 7.05
CA GLY A 441 29.24 -18.38 6.24
C GLY A 441 29.35 -18.98 4.87
N ARG A 442 30.43 -18.65 4.15
CA ARG A 442 30.75 -19.30 2.90
C ARG A 442 31.32 -20.70 3.09
N SER A 443 31.83 -21.00 4.29
CA SER A 443 32.48 -22.26 4.59
C SER A 443 31.58 -23.26 5.30
N ALA A 444 30.34 -22.89 5.61
CA ALA A 444 29.37 -23.79 6.24
C ALA A 444 28.51 -24.50 5.21
N MET A 445 29.09 -24.76 4.04
CA MET A 445 28.36 -25.21 2.87
C MET A 445 28.18 -26.72 2.94
N LEU A 446 27.00 -27.21 2.60
CA LEU A 446 26.82 -28.66 2.47
C LEU A 446 26.70 -29.12 1.04
N ASN A 447 26.06 -28.34 0.18
CA ASN A 447 25.88 -28.71 -1.21
C ASN A 447 26.55 -27.68 -2.11
N PRO A 448 27.30 -28.12 -3.12
CA PRO A 448 27.98 -27.18 -4.01
C PRO A 448 27.04 -26.70 -5.11
N GLY A 449 27.53 -25.75 -5.89
CA GLY A 449 26.75 -25.15 -6.95
C GLY A 449 25.80 -24.11 -6.42
N PRO A 450 24.77 -23.77 -7.20
CA PRO A 450 23.82 -22.73 -6.78
C PRO A 450 22.99 -23.11 -5.57
N HIS A 451 22.90 -24.40 -5.22
CA HIS A 451 22.10 -24.81 -4.07
C HIS A 451 22.70 -24.32 -2.77
N GLY A 452 24.02 -24.17 -2.70
CA GLY A 452 24.61 -23.63 -1.49
C GLY A 452 24.29 -22.17 -1.26
N PHE A 453 24.32 -21.37 -2.32
CA PHE A 453 23.87 -19.98 -2.22
C PHE A 453 22.39 -19.93 -1.91
N SER A 454 21.62 -20.87 -2.45
CA SER A 454 20.20 -20.96 -2.09
C SER A 454 20.04 -21.28 -0.60
N GLU A 455 20.94 -22.12 -0.06
CA GLU A 455 20.90 -22.45 1.37
C GLU A 455 21.18 -21.21 2.22
N VAL A 456 22.20 -20.44 1.84
CA VAL A 456 22.55 -19.26 2.63
C VAL A 456 21.44 -18.21 2.54
N LEU A 457 20.86 -18.03 1.34
CA LEU A 457 19.75 -17.08 1.18
C LEU A 457 18.52 -17.53 1.96
N TYR A 458 18.22 -18.83 1.95
CA TYR A 458 17.10 -19.35 2.72
C TYR A 458 17.32 -19.16 4.22
N ALA A 459 18.56 -19.37 4.68
CA ALA A 459 18.85 -19.22 6.11
C ALA A 459 18.74 -17.77 6.54
N VAL A 460 19.27 -16.83 5.75
CA VAL A 460 19.20 -15.43 6.16
C VAL A 460 17.77 -14.91 6.02
N SER A 461 17.00 -15.41 5.04
CA SER A 461 15.59 -15.05 4.94
C SER A 461 14.80 -15.59 6.13
N SER A 462 15.11 -16.81 6.55
CA SER A 462 14.44 -17.39 7.70
C SER A 462 14.77 -16.64 8.98
N ALA A 463 16.01 -16.17 9.11
CA ALA A 463 16.39 -15.39 10.28
C ALA A 463 15.70 -14.03 10.28
N ALA A 464 15.74 -13.32 9.16
CA ALA A 464 15.19 -11.97 9.11
C ALA A 464 13.66 -11.94 9.04
N ASN A 465 13.02 -13.05 8.67
CA ASN A 465 11.59 -13.08 8.45
C ASN A 465 10.82 -13.73 9.59
N ASN A 466 11.52 -14.08 10.68
CA ASN A 466 10.93 -14.75 11.84
C ASN A 466 10.21 -16.04 11.45
N ASN A 467 10.81 -16.80 10.53
CA ASN A 467 10.23 -18.08 10.11
C ASN A 467 10.78 -19.24 10.94
N GLY A 468 12.09 -19.49 10.85
CA GLY A 468 12.73 -20.56 11.56
C GLY A 468 12.91 -21.83 10.75
N SER A 469 12.22 -21.94 9.62
CA SER A 469 12.41 -23.10 8.76
C SER A 469 13.80 -23.06 8.14
N ALA A 470 14.38 -24.23 7.92
CA ALA A 470 15.80 -24.30 7.59
C ALA A 470 16.06 -25.21 6.40
N PHE A 471 16.89 -24.73 5.48
CA PHE A 471 17.68 -25.63 4.67
C PHE A 471 18.75 -26.18 5.61
N ALA A 472 18.51 -27.39 6.13
CA ALA A 472 19.26 -27.85 7.30
C ALA A 472 20.67 -28.30 6.96
N GLY A 473 21.08 -28.17 5.69
CA GLY A 473 22.46 -28.45 5.34
C GLY A 473 23.44 -27.46 5.95
N LEU A 474 22.99 -26.23 6.14
CA LEU A 474 23.83 -25.19 6.72
C LEU A 474 24.18 -25.48 8.17
N SER A 475 25.47 -25.59 8.46
CA SER A 475 25.93 -25.76 9.83
C SER A 475 26.06 -24.40 10.49
N ALA A 476 24.96 -23.90 11.07
CA ALA A 476 24.91 -22.57 11.65
C ALA A 476 25.31 -22.56 13.12
N ASN A 477 26.12 -23.53 13.55
CA ASN A 477 26.60 -23.58 14.92
C ASN A 477 27.79 -22.64 15.17
N SER A 478 28.33 -22.02 14.13
CA SER A 478 29.47 -21.13 14.29
C SER A 478 29.04 -19.84 14.99
N PRO A 479 29.95 -19.21 15.74
CA PRO A 479 29.61 -17.92 16.38
C PRO A 479 29.25 -16.83 15.40
N PHE A 480 29.88 -16.82 14.22
CA PHE A 480 29.55 -15.81 13.21
C PHE A 480 28.11 -15.98 12.73
N TRP A 481 27.72 -17.23 12.43
CA TRP A 481 26.35 -17.49 12.01
C TRP A 481 25.36 -17.15 13.12
N ASN A 482 25.69 -17.52 14.36
CA ASN A 482 24.78 -17.25 15.47
C ASN A 482 24.59 -15.76 15.68
N CYS A 483 25.67 -14.98 15.65
CA CYS A 483 25.57 -13.54 15.86
C CYS A 483 24.87 -12.85 14.70
N LEU A 484 25.18 -13.25 13.46
CA LEU A 484 24.54 -12.65 12.29
C LEU A 484 23.05 -12.93 12.27
N LEU A 485 22.65 -14.18 12.51
CA LEU A 485 21.23 -14.51 12.53
C LEU A 485 20.53 -13.88 13.72
N ALA A 486 21.23 -13.72 14.86
CA ALA A 486 20.65 -13.04 16.00
C ALA A 486 20.34 -11.57 15.69
N PHE A 487 21.30 -10.88 15.06
CA PHE A 487 21.08 -9.49 14.68
C PHE A 487 19.96 -9.36 13.66
N CYS A 488 19.95 -10.25 12.66
CA CYS A 488 18.89 -10.22 11.65
C CYS A 488 17.53 -10.49 12.27
N MET A 489 17.46 -11.43 13.21
CA MET A 489 16.23 -11.78 13.90
C MET A 489 15.71 -10.59 14.70
N PHE A 490 16.60 -9.96 15.48
CA PHE A 490 16.24 -8.83 16.32
C PHE A 490 15.71 -7.67 15.50
N VAL A 491 16.44 -7.29 14.45
CA VAL A 491 15.99 -6.16 13.64
C VAL A 491 14.74 -6.52 12.84
N GLY A 492 14.65 -7.75 12.33
CA GLY A 492 13.49 -8.15 11.57
C GLY A 492 12.23 -8.30 12.39
N ARG A 493 12.35 -8.42 13.71
CA ARG A 493 11.16 -8.34 14.54
C ARG A 493 10.86 -6.91 14.99
N PHE A 494 11.84 -6.22 15.58
CA PHE A 494 11.59 -4.93 16.21
C PHE A 494 12.00 -3.75 15.34
N GLY A 495 12.02 -3.93 14.02
CA GLY A 495 12.06 -2.82 13.09
C GLY A 495 10.85 -2.93 12.22
N VAL A 496 10.02 -3.94 12.52
CA VAL A 496 8.69 -4.06 11.96
C VAL A 496 7.63 -3.75 13.00
N ILE A 497 7.81 -4.24 14.23
CA ILE A 497 6.84 -3.99 15.30
C ILE A 497 6.78 -2.50 15.64
N ILE A 498 7.95 -1.84 15.74
CA ILE A 498 7.99 -0.42 16.11
C ILE A 498 7.29 0.48 15.08
N PRO A 499 7.59 0.40 13.77
CA PRO A 499 6.86 1.28 12.84
C PRO A 499 5.38 0.94 12.72
N VAL A 500 5.00 -0.33 12.94
CA VAL A 500 3.57 -0.67 12.96
C VAL A 500 2.88 0.03 14.13
N MET A 501 3.51 0.04 15.30
CA MET A 501 2.94 0.75 16.44
C MET A 501 2.89 2.25 16.20
N ALA A 502 3.91 2.79 15.52
CA ALA A 502 3.90 4.21 15.20
C ALA A 502 2.80 4.55 14.19
N ILE A 503 2.57 3.67 13.22
CA ILE A 503 1.46 3.84 12.28
C ILE A 503 0.13 3.80 13.03
N ALA A 504 -0.01 2.88 13.98
CA ALA A 504 -1.23 2.79 14.77
C ALA A 504 -1.45 4.06 15.59
N GLY A 505 -0.38 4.59 16.20
CA GLY A 505 -0.52 5.82 16.96
C GLY A 505 -0.86 7.02 16.09
N SER A 506 -0.32 7.07 14.87
CA SER A 506 -0.65 8.16 13.96
C SER A 506 -2.06 8.01 13.39
N LEU A 507 -2.55 6.78 13.27
CA LEU A 507 -3.84 6.53 12.65
C LEU A 507 -5.02 6.63 13.62
N VAL A 508 -4.80 6.32 14.90
CA VAL A 508 -5.89 6.37 15.86
C VAL A 508 -6.35 7.80 16.13
N SER A 509 -5.47 8.78 15.93
CA SER A 509 -5.84 10.17 16.16
C SER A 509 -6.73 10.74 15.06
N LYS A 510 -6.54 10.28 13.83
CA LYS A 510 -7.27 10.84 12.70
C LYS A 510 -8.72 10.38 12.72
N LYS A 511 -9.65 11.34 12.57
CA LYS A 511 -11.07 11.03 12.58
C LYS A 511 -11.45 10.28 11.30
N SER A 512 -12.18 9.18 11.46
CA SER A 512 -12.55 8.34 10.33
C SER A 512 -13.69 8.98 9.55
N GLN A 513 -13.51 9.10 8.23
CA GLN A 513 -14.60 9.53 7.37
C GLN A 513 -15.65 8.43 7.31
N ALA A 514 -16.92 8.81 7.52
CA ALA A 514 -18.01 7.86 7.63
C ALA A 514 -18.24 7.09 6.33
N ALA A 515 -18.65 7.80 5.28
CA ALA A 515 -18.93 7.18 4.00
C ALA A 515 -18.98 8.26 2.93
N SER A 516 -18.81 7.85 1.68
CA SER A 516 -18.92 8.76 0.55
C SER A 516 -19.35 7.98 -0.67
N SER A 517 -19.91 8.69 -1.64
CA SER A 517 -20.33 8.12 -2.92
C SER A 517 -19.28 8.49 -3.95
N GLY A 518 -18.30 7.60 -4.11
CA GLY A 518 -17.19 7.86 -5.02
C GLY A 518 -15.87 7.32 -4.52
N THR A 519 -15.82 6.92 -3.25
CA THR A 519 -14.63 6.26 -2.72
C THR A 519 -14.52 4.85 -3.29
N LEU A 520 -13.28 4.40 -3.44
CA LEU A 520 -13.03 3.07 -4.00
C LEU A 520 -13.41 2.00 -2.98
N PRO A 521 -14.27 1.05 -3.32
CA PRO A 521 -14.57 -0.06 -2.40
C PRO A 521 -13.38 -1.01 -2.30
N THR A 522 -12.81 -1.11 -1.11
CA THR A 522 -11.66 -1.98 -0.88
C THR A 522 -12.09 -3.37 -0.43
N HIS A 523 -13.04 -3.96 -1.16
CA HIS A 523 -13.48 -5.32 -0.91
C HIS A 523 -13.61 -6.18 -2.15
N GLY A 524 -13.74 -5.60 -3.35
CA GLY A 524 -14.11 -6.35 -4.52
C GLY A 524 -12.95 -7.09 -5.14
N PRO A 525 -13.25 -7.82 -6.21
CA PRO A 525 -12.20 -8.54 -6.95
C PRO A 525 -11.14 -7.63 -7.54
N LEU A 526 -11.50 -6.39 -7.90
CA LEU A 526 -10.51 -5.46 -8.42
C LEU A 526 -9.47 -5.12 -7.36
N PHE A 527 -9.93 -4.83 -6.14
CA PHE A 527 -8.97 -4.51 -5.08
C PHE A 527 -8.20 -5.75 -4.62
N VAL A 528 -8.85 -6.92 -4.65
CA VAL A 528 -8.13 -8.17 -4.34
C VAL A 528 -7.02 -8.40 -5.35
N GLY A 529 -7.32 -8.22 -6.63
CA GLY A 529 -6.30 -8.37 -7.66
C GLY A 529 -5.22 -7.31 -7.57
N LEU A 530 -5.57 -6.09 -7.18
CA LEU A 530 -4.58 -5.04 -7.02
C LEU A 530 -3.64 -5.34 -5.86
N LEU A 531 -4.19 -5.80 -4.72
CA LEU A 531 -3.35 -6.17 -3.58
C LEU A 531 -2.46 -7.36 -3.91
N ILE A 532 -3.01 -8.36 -4.62
CA ILE A 532 -2.22 -9.51 -5.02
C ILE A 532 -1.11 -9.09 -5.99
N GLY A 533 -1.44 -8.21 -6.93
CA GLY A 533 -0.43 -7.73 -7.86
C GLY A 533 0.67 -6.94 -7.17
N THR A 534 0.31 -6.15 -6.17
CA THR A 534 1.33 -5.45 -5.38
C THR A 534 2.22 -6.44 -4.64
N VAL A 535 1.63 -7.45 -4.01
CA VAL A 535 2.42 -8.43 -3.26
C VAL A 535 3.35 -9.22 -4.18
N LEU A 536 2.84 -9.67 -5.33
CA LEU A 536 3.66 -10.39 -6.28
C LEU A 536 4.59 -9.48 -7.08
N LEU A 537 4.42 -8.16 -7.00
CA LEU A 537 5.29 -7.24 -7.73
C LEU A 537 6.46 -6.77 -6.87
N VAL A 538 6.19 -6.13 -5.74
CA VAL A 538 7.26 -5.78 -4.81
C VAL A 538 7.35 -6.90 -3.77
N GLY A 539 8.56 -7.43 -3.61
CA GLY A 539 8.78 -8.73 -2.99
C GLY A 539 9.27 -9.77 -3.98
N ALA A 540 8.95 -9.60 -5.26
CA ALA A 540 9.60 -10.34 -6.34
C ALA A 540 10.58 -9.47 -7.11
N LEU A 541 10.25 -8.19 -7.34
CA LEU A 541 11.19 -7.26 -7.95
C LEU A 541 12.41 -7.02 -7.07
N THR A 542 12.33 -7.37 -5.80
CA THR A 542 13.48 -7.25 -4.92
C THR A 542 14.43 -8.42 -5.10
N PHE A 543 13.90 -9.64 -5.19
CA PHE A 543 14.68 -10.85 -5.03
C PHE A 543 14.82 -11.69 -6.30
N ILE A 544 14.26 -11.27 -7.44
CA ILE A 544 14.58 -11.93 -8.71
C ILE A 544 16.08 -11.90 -9.01
N PRO A 545 16.81 -10.79 -8.80
CA PRO A 545 18.29 -10.91 -8.82
C PRO A 545 18.82 -11.87 -7.77
N ALA A 546 18.20 -11.95 -6.60
CA ALA A 546 18.66 -12.88 -5.58
C ALA A 546 18.24 -14.32 -5.87
N LEU A 547 17.05 -14.53 -6.45
CA LEU A 547 16.58 -15.87 -6.73
C LEU A 547 17.10 -16.44 -8.04
N ALA A 548 17.62 -15.60 -8.93
CA ALA A 548 18.05 -16.09 -10.24
C ALA A 548 19.35 -16.88 -10.15
N LEU A 549 20.21 -16.56 -9.19
CA LEU A 549 21.50 -17.20 -9.06
C LEU A 549 21.47 -18.45 -8.20
N GLY A 550 20.32 -18.80 -7.63
CA GLY A 550 20.19 -19.98 -6.83
C GLY A 550 19.30 -21.02 -7.46
N PRO A 551 18.04 -21.08 -6.98
CA PRO A 551 17.10 -22.09 -7.48
C PRO A 551 16.82 -21.98 -8.98
N VAL A 552 16.75 -20.76 -9.54
CA VAL A 552 16.54 -20.62 -10.97
C VAL A 552 17.73 -21.14 -11.75
N ALA A 553 18.95 -20.83 -11.28
CA ALA A 553 20.16 -21.30 -11.95
C ALA A 553 20.25 -22.82 -11.94
N GLU A 554 20.00 -23.44 -10.79
CA GLU A 554 20.06 -24.89 -10.74
C GLU A 554 18.85 -25.56 -11.39
N TYR A 555 17.74 -24.85 -11.56
CA TYR A 555 16.63 -25.41 -12.32
C TYR A 555 16.94 -25.40 -13.81
N LEU A 556 17.56 -24.32 -14.29
CA LEU A 556 17.96 -24.23 -15.69
C LEU A 556 19.28 -24.94 -15.96
N SER A 557 19.91 -25.52 -14.95
CA SER A 557 21.06 -26.40 -15.14
C SER A 557 20.69 -27.59 -16.01
N MET B 1 8.90 1.94 38.95
CA MET B 1 8.94 3.15 38.13
C MET B 1 7.57 3.46 37.53
N SER B 2 7.48 3.44 36.20
CA SER B 2 6.22 3.71 35.53
C SER B 2 5.30 2.50 35.57
N GLY B 3 5.75 1.38 35.00
CA GLY B 3 4.95 0.17 34.97
C GLY B 3 5.76 -1.07 35.25
N LEU B 4 6.82 -0.94 36.06
CA LEU B 4 7.71 -2.06 36.32
C LEU B 4 7.01 -3.17 37.10
N ARG B 5 6.21 -2.80 38.10
CA ARG B 5 5.48 -3.82 38.87
C ARG B 5 4.44 -4.58 38.04
N PRO B 6 3.58 -3.95 37.22
CA PRO B 6 2.73 -4.76 36.33
C PRO B 6 3.51 -5.59 35.33
N ALA B 7 4.64 -5.09 34.81
CA ALA B 7 5.43 -5.83 33.85
C ALA B 7 6.01 -7.11 34.45
N LEU B 8 6.68 -6.97 35.60
CA LEU B 8 7.27 -8.14 36.24
C LEU B 8 6.18 -9.08 36.77
N SER B 9 5.07 -8.52 37.26
CA SER B 9 3.97 -9.34 37.75
C SER B 9 3.37 -10.18 36.63
N THR B 10 3.11 -9.57 35.47
CA THR B 10 2.53 -10.32 34.37
C THR B 10 3.55 -11.27 33.76
N PHE B 11 4.86 -10.97 33.86
CA PHE B 11 5.86 -11.92 33.41
C PHE B 11 5.86 -13.16 34.29
N ILE B 12 5.85 -12.98 35.61
CA ILE B 12 5.88 -14.12 36.52
C ILE B 12 4.58 -14.92 36.39
N PHE B 13 3.45 -14.24 36.27
CA PHE B 13 2.17 -14.95 36.13
C PHE B 13 2.09 -15.70 34.80
N LEU B 14 2.51 -15.08 33.70
CA LEU B 14 2.46 -15.75 32.41
C LEU B 14 3.44 -16.93 32.36
N LEU B 15 4.61 -16.77 32.98
CA LEU B 15 5.56 -17.88 33.03
C LEU B 15 4.98 -19.04 33.83
N LEU B 16 4.48 -18.77 35.05
CA LEU B 16 3.95 -19.82 35.89
C LEU B 16 2.62 -20.38 35.38
N ILE B 17 1.96 -19.71 34.44
CA ILE B 17 0.70 -20.24 33.91
C ILE B 17 0.87 -20.89 32.54
N THR B 18 1.98 -20.65 31.84
CA THR B 18 2.22 -21.30 30.55
C THR B 18 3.32 -22.35 30.61
N GLY B 19 4.50 -22.02 31.14
CA GLY B 19 5.53 -23.02 31.29
C GLY B 19 5.71 -23.39 32.75
N GLY B 20 5.17 -24.54 33.16
CA GLY B 20 5.28 -24.96 34.54
C GLY B 20 4.03 -25.59 35.11
N VAL B 21 2.84 -25.18 34.64
CA VAL B 21 1.60 -25.84 34.97
C VAL B 21 0.92 -26.43 33.74
N TYR B 22 1.01 -25.75 32.58
CA TYR B 22 0.45 -26.32 31.36
C TYR B 22 1.17 -27.59 30.92
N PRO B 23 2.52 -27.67 30.90
CA PRO B 23 3.13 -29.00 30.74
C PRO B 23 2.75 -29.97 31.85
N LEU B 24 2.64 -29.48 33.09
CA LEU B 24 2.23 -30.35 34.19
C LEU B 24 0.79 -30.82 34.02
N LEU B 25 -0.11 -29.93 33.60
CA LEU B 25 -1.50 -30.33 33.39
C LEU B 25 -1.62 -31.34 32.25
N THR B 26 -0.93 -31.09 31.13
CA THR B 26 -0.96 -32.03 30.03
C THR B 26 -0.34 -33.37 30.42
N THR B 27 0.71 -33.37 31.26
CA THR B 27 1.35 -34.61 31.65
C THR B 27 0.48 -35.41 32.62
N VAL B 28 -0.15 -34.75 33.61
CA VAL B 28 -1.01 -35.47 34.53
C VAL B 28 -2.31 -35.90 33.86
N LEU B 29 -2.70 -35.25 32.77
CA LEU B 29 -3.79 -35.80 31.98
C LEU B 29 -3.31 -36.98 31.13
N GLY B 30 -2.08 -36.90 30.63
CA GLY B 30 -1.57 -37.95 29.76
C GLY B 30 -1.37 -39.27 30.47
N GLN B 31 -0.70 -39.25 31.62
CA GLN B 31 -0.50 -40.53 32.32
C GLN B 31 -1.78 -41.05 32.95
N TRP B 32 -2.75 -40.17 33.23
CA TRP B 32 -4.02 -40.65 33.76
C TRP B 32 -4.89 -41.27 32.68
N TRP B 33 -4.87 -40.72 31.46
CA TRP B 33 -5.75 -41.16 30.40
C TRP B 33 -5.08 -42.16 29.46
N PHE B 34 -3.99 -41.75 28.81
CA PHE B 34 -3.45 -42.41 27.63
C PHE B 34 -1.98 -42.74 27.91
N PRO B 35 -1.72 -43.69 28.82
CA PRO B 35 -0.37 -43.81 29.37
C PRO B 35 0.61 -44.48 28.42
N TRP B 36 0.16 -45.42 27.60
CA TRP B 36 1.06 -46.08 26.66
C TRP B 36 1.60 -45.09 25.63
N GLN B 37 0.71 -44.31 25.02
CA GLN B 37 1.13 -43.31 24.05
C GLN B 37 1.87 -42.15 24.73
N ALA B 38 1.52 -41.85 25.98
CA ALA B 38 2.19 -40.75 26.67
C ALA B 38 3.61 -41.12 27.09
N ASN B 39 3.87 -42.39 27.35
CA ASN B 39 5.15 -42.84 27.89
C ASN B 39 6.08 -43.42 26.81
N GLY B 40 6.03 -42.86 25.61
CA GLY B 40 6.96 -43.23 24.56
C GLY B 40 6.41 -44.16 23.50
N SER B 41 5.19 -44.68 23.68
CA SER B 41 4.58 -45.67 22.79
C SER B 41 5.48 -46.90 22.63
N LEU B 42 6.09 -47.30 23.73
CA LEU B 42 7.03 -48.42 23.72
C LEU B 42 6.32 -49.74 23.53
N ILE B 43 6.99 -50.67 22.85
CA ILE B 43 6.55 -52.06 22.74
C ILE B 43 7.55 -52.92 23.49
N ARG B 44 7.03 -53.90 24.22
CA ARG B 44 7.87 -54.65 25.16
C ARG B 44 7.25 -56.01 25.42
N GLU B 45 8.10 -56.94 25.83
CA GLU B 45 7.68 -58.21 26.40
C GLU B 45 8.57 -58.49 27.60
N GLY B 46 7.98 -59.09 28.63
CA GLY B 46 8.67 -59.27 29.89
C GLY B 46 8.97 -57.94 30.55
N ASP B 47 10.25 -57.55 30.57
CA ASP B 47 10.65 -56.25 31.09
C ASP B 47 11.46 -55.48 30.06
N THR B 48 12.18 -56.21 29.21
CA THR B 48 13.01 -55.59 28.19
C THR B 48 12.15 -55.01 27.07
N VAL B 49 12.71 -54.03 26.36
CA VAL B 49 12.00 -53.34 25.29
C VAL B 49 12.71 -53.62 23.97
N ARG B 50 11.92 -53.74 22.91
CA ARG B 50 12.45 -53.96 21.56
C ARG B 50 12.22 -52.76 20.65
N GLY B 51 11.74 -51.64 21.20
CA GLY B 51 11.53 -50.43 20.44
C GLY B 51 10.20 -49.81 20.77
N SER B 52 9.77 -48.92 19.90
CA SER B 52 8.45 -48.32 19.94
C SER B 52 7.71 -48.64 18.65
N ALA B 53 6.47 -48.19 18.56
CA ALA B 53 5.67 -48.37 17.36
C ALA B 53 5.86 -47.25 16.36
N LEU B 54 6.79 -46.32 16.61
CA LEU B 54 6.96 -45.13 15.78
C LEU B 54 8.39 -44.87 15.32
N ILE B 55 9.41 -45.37 16.01
CA ILE B 55 10.77 -44.90 15.76
C ILE B 55 11.36 -45.53 14.50
N GLY B 56 11.41 -46.86 14.45
CA GLY B 56 12.07 -47.51 13.34
C GLY B 56 13.53 -47.81 13.61
N GLN B 57 14.00 -48.97 13.18
CA GLN B 57 15.32 -49.47 13.54
C GLN B 57 16.05 -49.96 12.29
N ASN B 58 17.37 -49.93 12.35
CA ASN B 58 18.19 -50.41 11.25
C ASN B 58 18.09 -51.92 11.16
N PHE B 59 17.61 -52.42 10.03
CA PHE B 59 17.37 -53.85 9.82
C PHE B 59 18.30 -54.34 8.72
N THR B 60 19.47 -54.82 9.11
CA THR B 60 20.44 -55.39 8.18
C THR B 60 20.28 -56.91 8.22
N GLY B 61 19.69 -57.47 7.17
CA GLY B 61 19.45 -58.90 7.11
C GLY B 61 18.49 -59.31 6.01
N ASN B 62 18.73 -60.48 5.42
CA ASN B 62 17.86 -60.95 4.34
C ASN B 62 16.48 -61.35 4.86
N GLY B 63 16.43 -61.96 6.04
CA GLY B 63 15.15 -62.40 6.58
C GLY B 63 14.25 -61.25 7.00
N TYR B 64 14.81 -60.21 7.58
CA TYR B 64 14.02 -59.09 8.07
C TYR B 64 13.56 -58.19 6.94
N PHE B 65 12.40 -57.56 7.14
CA PHE B 65 11.95 -56.53 6.23
C PHE B 65 12.84 -55.28 6.36
N HIS B 66 13.00 -54.57 5.25
CA HIS B 66 13.88 -53.41 5.19
C HIS B 66 13.06 -52.16 4.96
N GLY B 67 13.30 -51.14 5.78
CA GLY B 67 12.65 -49.85 5.65
C GLY B 67 13.45 -48.89 4.80
N ARG B 68 13.07 -47.61 4.90
CA ARG B 68 13.78 -46.57 4.17
C ARG B 68 15.18 -46.38 4.75
N PRO B 69 16.15 -46.01 3.91
CA PRO B 69 17.50 -45.74 4.43
C PRO B 69 17.52 -44.50 5.31
N SER B 70 18.48 -44.46 6.22
CA SER B 70 18.60 -43.39 7.19
C SER B 70 19.88 -42.60 6.96
N ALA B 71 19.76 -41.27 6.98
CA ALA B 71 20.91 -40.38 6.86
C ALA B 71 21.33 -39.80 8.21
N THR B 72 21.13 -40.55 9.28
CA THR B 72 21.55 -40.12 10.61
C THR B 72 23.07 -40.08 10.68
N ALA B 73 23.60 -39.14 11.47
CA ALA B 73 25.01 -38.75 11.39
C ALA B 73 25.95 -39.88 11.76
N GLU B 74 25.88 -40.36 13.00
CA GLU B 74 26.90 -41.27 13.51
C GLU B 74 26.55 -42.75 13.35
N MET B 75 25.28 -43.08 13.18
CA MET B 75 24.83 -44.46 13.07
C MET B 75 23.46 -44.44 12.42
N PRO B 76 23.19 -45.33 11.46
CA PRO B 76 21.86 -45.37 10.86
C PRO B 76 20.77 -45.70 11.87
N TYR B 77 19.64 -45.00 11.75
CA TYR B 77 18.48 -45.15 12.64
C TYR B 77 18.85 -44.90 14.10
N ASN B 78 19.72 -43.92 14.34
CA ASN B 78 20.08 -43.53 15.70
C ASN B 78 19.17 -42.41 16.16
N PRO B 79 18.38 -42.60 17.23
CA PRO B 79 17.46 -41.56 17.67
C PRO B 79 18.09 -40.42 18.44
N GLN B 80 19.41 -40.28 18.43
CA GLN B 80 20.07 -39.19 19.13
C GLN B 80 20.19 -37.93 18.29
N ALA B 81 20.47 -38.07 16.99
CA ALA B 81 20.56 -36.93 16.08
C ALA B 81 19.65 -37.21 14.89
N SER B 82 18.37 -36.89 15.04
CA SER B 82 17.38 -37.10 13.98
C SER B 82 17.41 -35.89 13.05
N GLY B 83 18.20 -35.98 12.00
CA GLY B 83 18.36 -34.85 11.10
C GLY B 83 17.96 -35.11 9.66
N GLY B 84 17.94 -36.38 9.26
CA GLY B 84 17.58 -36.70 7.90
C GLY B 84 18.69 -36.35 6.91
N SER B 85 18.31 -36.32 5.64
CA SER B 85 19.25 -36.03 4.56
C SER B 85 19.02 -34.60 4.07
N ASN B 86 20.10 -33.83 3.99
CA ASN B 86 20.06 -32.46 3.52
C ASN B 86 20.81 -32.30 2.19
N LEU B 87 21.07 -33.40 1.50
CA LEU B 87 21.75 -33.34 0.21
C LEU B 87 20.82 -32.77 -0.85
N ALA B 88 21.39 -31.98 -1.75
CA ALA B 88 20.61 -31.29 -2.77
C ALA B 88 20.07 -32.28 -3.81
N VAL B 89 19.08 -31.81 -4.57
CA VAL B 89 18.52 -32.63 -5.64
C VAL B 89 19.51 -32.81 -6.78
N SER B 90 20.45 -31.85 -6.95
CA SER B 90 21.44 -31.89 -8.02
C SER B 90 22.82 -32.26 -7.51
N ASN B 91 22.90 -32.94 -6.38
CA ASN B 91 24.20 -33.26 -5.79
C ASN B 91 24.76 -34.54 -6.41
N PRO B 92 25.94 -34.49 -7.03
CA PRO B 92 26.56 -35.73 -7.53
C PRO B 92 26.86 -36.73 -6.43
N GLU B 93 27.16 -36.26 -5.21
CA GLU B 93 27.35 -37.18 -4.09
C GLU B 93 26.05 -37.91 -3.79
N LEU B 94 24.92 -37.20 -3.85
CA LEU B 94 23.62 -37.85 -3.73
C LEU B 94 23.39 -38.86 -4.85
N ASP B 95 23.83 -38.53 -6.07
CA ASP B 95 23.68 -39.46 -7.19
C ASP B 95 24.47 -40.74 -6.95
N LYS B 96 25.72 -40.62 -6.47
CA LYS B 96 26.52 -41.80 -6.13
C LYS B 96 25.89 -42.60 -5.00
N LEU B 97 25.33 -41.91 -3.99
CA LEU B 97 24.71 -42.61 -2.87
C LEU B 97 23.49 -43.41 -3.33
N ILE B 98 22.64 -42.79 -4.17
CA ILE B 98 21.46 -43.51 -4.66
C ILE B 98 21.86 -44.64 -5.60
N ALA B 99 22.92 -44.45 -6.39
CA ALA B 99 23.40 -45.52 -7.26
C ALA B 99 23.92 -46.70 -6.45
N ALA B 100 24.68 -46.43 -5.38
CA ALA B 100 25.15 -47.49 -4.52
C ALA B 100 24.00 -48.21 -3.82
N ARG B 101 22.99 -47.46 -3.37
CA ARG B 101 21.85 -48.06 -2.70
C ARG B 101 21.04 -48.94 -3.66
N VAL B 102 20.82 -48.47 -4.90
CA VAL B 102 20.05 -49.27 -5.83
C VAL B 102 20.85 -50.49 -6.29
N ALA B 103 22.18 -50.37 -6.38
CA ALA B 103 23.00 -51.55 -6.68
C ALA B 103 22.93 -52.58 -5.56
N ALA B 104 22.99 -52.12 -4.31
CA ALA B 104 22.90 -53.03 -3.18
C ALA B 104 21.53 -53.70 -3.12
N LEU B 105 20.47 -52.94 -3.38
CA LEU B 105 19.12 -53.53 -3.34
C LEU B 105 18.88 -54.47 -4.52
N ARG B 106 19.47 -54.18 -5.69
CA ARG B 106 19.38 -55.11 -6.81
C ARG B 106 20.13 -56.40 -6.51
N ALA B 107 21.28 -56.30 -5.84
CA ALA B 107 21.99 -57.50 -5.44
C ALA B 107 21.24 -58.28 -4.37
N ALA B 108 20.54 -57.58 -3.48
CA ALA B 108 19.79 -58.24 -2.42
C ALA B 108 18.55 -58.95 -2.96
N ASN B 109 17.82 -58.29 -3.85
CA ASN B 109 16.59 -58.85 -4.39
C ASN B 109 16.80 -59.27 -5.83
N PRO B 110 16.92 -60.56 -6.13
CA PRO B 110 17.16 -61.01 -7.51
C PRO B 110 15.91 -61.45 -8.28
N ASP B 111 14.75 -61.36 -7.63
CA ASP B 111 13.51 -61.96 -8.22
C ASP B 111 12.35 -61.01 -8.48
N ALA B 112 12.28 -59.83 -7.86
CA ALA B 112 11.09 -59.00 -7.98
C ALA B 112 11.11 -58.14 -9.24
N SER B 113 12.04 -57.19 -9.33
CA SER B 113 12.07 -56.23 -10.43
C SER B 113 13.41 -55.52 -10.45
N ALA B 114 13.65 -54.81 -11.55
CA ALA B 114 14.79 -53.90 -11.65
C ALA B 114 14.44 -52.47 -11.28
N SER B 115 13.16 -52.13 -11.24
CA SER B 115 12.70 -50.81 -10.83
C SER B 115 12.37 -50.86 -9.34
N VAL B 116 13.33 -50.46 -8.51
CA VAL B 116 13.20 -50.49 -7.06
C VAL B 116 12.20 -49.41 -6.65
N PRO B 117 11.46 -49.57 -5.54
CA PRO B 117 10.73 -48.43 -5.00
C PRO B 117 11.65 -47.28 -4.65
N VAL B 118 11.17 -46.06 -4.85
CA VAL B 118 11.99 -44.87 -4.67
C VAL B 118 12.33 -44.64 -3.20
N GLU B 119 11.40 -44.95 -2.30
CA GLU B 119 11.64 -44.70 -0.89
C GLU B 119 12.59 -45.70 -0.27
N LEU B 120 12.79 -46.86 -0.90
CA LEU B 120 13.75 -47.83 -0.42
C LEU B 120 15.19 -47.42 -0.70
N VAL B 121 15.40 -46.46 -1.60
CA VAL B 121 16.73 -45.93 -1.87
C VAL B 121 16.89 -44.47 -1.48
N THR B 122 15.80 -43.76 -1.21
CA THR B 122 15.89 -42.36 -0.80
C THR B 122 15.74 -42.26 0.71
N ALA B 123 16.59 -41.44 1.33
CA ALA B 123 16.63 -41.31 2.78
C ALA B 123 15.39 -40.58 3.29
N SER B 124 15.05 -40.87 4.54
CA SER B 124 13.87 -40.27 5.17
C SER B 124 14.16 -38.84 5.61
N ALA B 125 13.08 -38.08 5.85
CA ALA B 125 13.22 -36.69 6.23
C ALA B 125 13.69 -36.54 7.67
N SER B 126 13.17 -37.37 8.57
CA SER B 126 13.54 -37.29 9.98
C SER B 126 14.84 -38.00 10.30
N GLY B 127 15.35 -38.83 9.40
CA GLY B 127 16.50 -39.66 9.68
C GLY B 127 16.17 -40.97 10.37
N LEU B 128 14.90 -41.19 10.71
CA LEU B 128 14.45 -42.43 11.33
C LEU B 128 12.98 -42.58 10.99
N ASP B 129 12.59 -43.78 10.57
CA ASP B 129 11.26 -43.97 9.99
C ASP B 129 10.85 -45.41 10.15
N ASN B 130 9.68 -45.63 10.75
CA ASN B 130 9.21 -46.96 11.11
C ASN B 130 8.24 -47.55 10.10
N ASN B 131 8.09 -46.96 8.92
CA ASN B 131 7.00 -47.40 8.07
C ASN B 131 7.30 -47.13 6.60
N ILE B 132 6.76 -48.00 5.74
CA ILE B 132 6.89 -47.89 4.29
C ILE B 132 5.55 -48.20 3.64
N THR B 133 5.42 -47.80 2.37
CA THR B 133 4.18 -47.98 1.63
C THR B 133 3.99 -49.46 1.29
N PRO B 134 2.75 -49.98 1.35
CA PRO B 134 2.54 -51.44 1.18
C PRO B 134 2.99 -52.01 -0.15
N GLN B 135 2.94 -51.28 -1.27
CA GLN B 135 3.52 -51.81 -2.50
C GLN B 135 5.04 -51.93 -2.41
N ALA B 136 5.70 -50.97 -1.76
CA ALA B 136 7.14 -51.11 -1.53
C ALA B 136 7.45 -52.27 -0.59
N ALA B 137 6.56 -52.53 0.38
CA ALA B 137 6.72 -53.70 1.23
C ALA B 137 6.50 -54.98 0.45
N ALA B 138 5.54 -54.99 -0.47
CA ALA B 138 5.28 -56.15 -1.31
C ALA B 138 6.37 -56.39 -2.33
N TRP B 139 7.17 -55.36 -2.63
CA TRP B 139 8.29 -55.53 -3.54
C TRP B 139 9.32 -56.52 -3.01
N GLN B 140 9.51 -56.57 -1.69
CA GLN B 140 10.49 -57.44 -1.08
C GLN B 140 9.88 -58.71 -0.48
N ILE B 141 8.68 -59.08 -0.93
CA ILE B 141 8.08 -60.35 -0.50
C ILE B 141 8.89 -61.58 -0.91
N PRO B 142 9.39 -61.71 -2.15
CA PRO B 142 10.20 -62.90 -2.47
C PRO B 142 11.45 -63.07 -1.62
N ARG B 143 12.12 -61.97 -1.22
CA ARG B 143 13.32 -62.09 -0.42
C ARG B 143 13.03 -62.66 0.96
N VAL B 144 12.03 -62.10 1.66
CA VAL B 144 11.68 -62.59 2.98
C VAL B 144 11.06 -63.98 2.90
N ALA B 145 10.31 -64.26 1.83
CA ALA B 145 9.73 -65.59 1.65
C ALA B 145 10.82 -66.65 1.48
N LYS B 146 11.84 -66.35 0.67
CA LYS B 146 12.93 -67.29 0.48
C LYS B 146 13.78 -67.43 1.73
N ALA B 147 13.96 -66.33 2.47
CA ALA B 147 14.82 -66.38 3.65
C ALA B 147 14.11 -66.91 4.90
N ARG B 148 12.79 -67.02 4.88
CA ARG B 148 12.05 -67.50 6.03
C ARG B 148 11.19 -68.72 5.76
N ASN B 149 11.15 -69.22 4.51
CA ASN B 149 10.36 -70.38 4.10
C ASN B 149 8.87 -70.19 4.42
N LEU B 150 8.35 -69.04 4.01
CA LEU B 150 6.97 -68.67 4.28
C LEU B 150 6.23 -68.41 2.99
N SER B 151 4.91 -68.57 3.05
CA SER B 151 4.06 -68.42 1.87
C SER B 151 3.93 -66.96 1.48
N VAL B 152 3.91 -66.70 0.16
CA VAL B 152 3.77 -65.35 -0.36
C VAL B 152 2.41 -64.77 0.02
N GLU B 153 1.35 -65.58 -0.11
CA GLU B 153 0.01 -65.12 0.27
C GLU B 153 -0.06 -64.87 1.77
N GLN B 154 0.59 -65.73 2.57
CA GLN B 154 0.61 -65.53 4.02
C GLN B 154 1.32 -64.24 4.41
N LEU B 155 2.45 -63.95 3.77
CA LEU B 155 3.15 -62.70 4.06
C LEU B 155 2.35 -61.49 3.58
N THR B 156 1.66 -61.62 2.44
CA THR B 156 0.84 -60.53 1.94
C THR B 156 -0.32 -60.23 2.88
N GLN B 157 -1.01 -61.27 3.37
CA GLN B 157 -2.10 -61.01 4.31
C GLN B 157 -1.56 -60.54 5.66
N LEU B 158 -0.35 -60.95 6.03
CA LEU B 158 0.27 -60.46 7.26
C LEU B 158 0.55 -58.96 7.18
N ILE B 159 1.16 -58.51 6.08
CA ILE B 159 1.46 -57.09 5.95
C ILE B 159 0.19 -56.29 5.66
N ALA B 160 -0.86 -56.92 5.12
CA ALA B 160 -2.15 -56.24 5.03
C ALA B 160 -2.78 -56.07 6.41
N LYS B 161 -2.65 -57.07 7.27
CA LYS B 161 -3.15 -56.96 8.63
C LYS B 161 -2.38 -55.91 9.43
N TYR B 162 -1.06 -55.84 9.25
CA TYR B 162 -0.22 -54.91 9.99
C TYR B 162 0.03 -53.62 9.22
N SER B 163 -0.95 -53.18 8.44
CA SER B 163 -0.88 -51.91 7.74
C SER B 163 -1.39 -50.80 8.65
N GLN B 164 -1.46 -49.58 8.10
CA GLN B 164 -2.02 -48.44 8.82
C GLN B 164 -2.56 -47.47 7.77
N GLN B 165 -3.86 -47.46 7.60
CA GLN B 165 -4.42 -46.54 6.62
C GLN B 165 -4.97 -45.31 7.31
N PRO B 166 -4.88 -44.13 6.67
CA PRO B 166 -5.40 -42.91 7.29
C PRO B 166 -6.92 -42.86 7.30
N LEU B 167 -7.48 -41.80 7.88
CA LEU B 167 -8.94 -41.67 7.94
C LEU B 167 -9.54 -41.54 6.55
N VAL B 168 -8.90 -40.77 5.68
CA VAL B 168 -9.30 -40.65 4.29
C VAL B 168 -8.04 -40.82 3.44
N LYS B 169 -8.23 -41.24 2.19
CA LYS B 169 -7.10 -41.72 1.39
C LYS B 169 -6.11 -40.62 1.03
N TYR B 170 -6.58 -39.41 0.74
CA TYR B 170 -5.70 -38.36 0.23
C TYR B 170 -4.94 -37.61 1.31
N ILE B 171 -5.32 -37.73 2.59
CA ILE B 171 -4.70 -36.90 3.62
C ILE B 171 -3.29 -37.36 3.95
N GLY B 172 -2.99 -38.64 3.73
CA GLY B 172 -1.66 -39.16 3.94
C GLY B 172 -1.32 -40.21 2.92
N GLN B 173 -0.82 -41.35 3.37
CA GLN B 173 -0.59 -42.51 2.51
C GLN B 173 -0.93 -43.77 3.29
N PRO B 174 -1.47 -44.78 2.63
CA PRO B 174 -1.49 -46.12 3.23
C PRO B 174 -0.05 -46.57 3.47
N VAL B 175 0.17 -47.23 4.61
CA VAL B 175 1.53 -47.46 5.06
C VAL B 175 1.53 -48.62 6.03
N VAL B 176 2.63 -49.38 6.07
CA VAL B 176 2.73 -50.58 6.91
C VAL B 176 3.87 -50.38 7.89
N ASN B 177 3.74 -51.00 9.07
CA ASN B 177 4.77 -50.89 10.09
C ASN B 177 6.00 -51.72 9.72
N ILE B 178 7.10 -51.51 10.44
CA ILE B 178 8.34 -52.19 10.14
C ILE B 178 8.85 -52.97 11.35
N VAL B 179 9.09 -52.29 12.47
CA VAL B 179 9.61 -52.98 13.66
C VAL B 179 8.54 -53.89 14.25
N GLU B 180 7.31 -53.38 14.38
CA GLU B 180 6.21 -54.20 14.88
C GLU B 180 5.90 -55.36 13.93
N LEU B 181 5.99 -55.11 12.63
CA LEU B 181 5.79 -56.17 11.64
C LEU B 181 6.86 -57.24 11.74
N ASN B 182 8.11 -56.84 11.94
CA ASN B 182 9.20 -57.81 12.06
C ASN B 182 9.10 -58.59 13.37
N LEU B 183 8.63 -57.95 14.43
CA LEU B 183 8.38 -58.68 15.67
C LEU B 183 7.26 -59.69 15.51
N ALA B 184 6.21 -59.31 14.76
CA ALA B 184 5.15 -60.27 14.45
C ALA B 184 5.67 -61.42 13.60
N LEU B 185 6.59 -61.13 12.68
CA LEU B 185 7.23 -62.18 11.89
C LEU B 185 8.03 -63.13 12.76
N ASP B 186 8.76 -62.58 13.74
CA ASP B 186 9.52 -63.42 14.67
C ASP B 186 8.60 -64.29 15.52
N LYS B 187 7.49 -63.71 15.98
CA LYS B 187 6.52 -64.49 16.76
C LYS B 187 5.84 -65.56 15.90
N LEU B 188 5.62 -65.27 14.61
CA LEU B 188 5.10 -66.27 13.70
C LEU B 188 6.11 -67.40 13.50
N ASP B 189 7.40 -67.07 13.39
CA ASP B 189 8.42 -68.09 13.27
C ASP B 189 8.51 -68.95 14.52
N GLU B 190 8.45 -68.33 15.70
CA GLU B 190 8.47 -69.07 16.96
C GLU B 190 7.43 -68.52 17.93
N MET C 1 36.37 -8.13 1.44
CA MET C 1 37.55 -8.94 1.69
C MET C 1 38.84 -8.15 1.44
N SER C 2 39.32 -8.22 0.20
CA SER C 2 40.54 -7.52 -0.18
C SER C 2 40.25 -6.05 -0.47
N ALA C 3 41.29 -5.33 -0.88
CA ALA C 3 41.11 -3.93 -1.25
C ALA C 3 40.43 -3.83 -2.61
N GLY C 4 39.76 -2.69 -2.83
CA GLY C 4 39.01 -2.45 -4.04
C GLY C 4 37.53 -2.71 -3.93
N VAL C 5 37.10 -3.50 -2.95
CA VAL C 5 35.69 -3.69 -2.66
C VAL C 5 35.26 -2.96 -1.39
N ILE C 6 36.20 -2.58 -0.52
CA ILE C 6 35.84 -1.79 0.65
C ILE C 6 35.35 -0.41 0.24
N THR C 7 35.90 0.16 -0.85
CA THR C 7 35.38 1.43 -1.34
C THR C 7 33.97 1.28 -1.92
N GLY C 8 33.68 0.15 -2.57
CA GLY C 8 32.33 -0.10 -3.04
C GLY C 8 31.33 -0.27 -1.91
N VAL C 9 31.74 -1.00 -0.86
CA VAL C 9 30.88 -1.18 0.31
C VAL C 9 30.65 0.16 1.01
N LEU C 10 31.70 0.97 1.15
CA LEU C 10 31.56 2.29 1.77
C LEU C 10 30.65 3.20 0.96
N LEU C 11 30.78 3.18 -0.37
CA LEU C 11 29.95 4.03 -1.21
C LEU C 11 28.49 3.55 -1.19
N VAL C 12 28.28 2.24 -1.10
CA VAL C 12 26.92 1.71 -1.00
C VAL C 12 26.29 2.13 0.33
N PHE C 13 27.05 2.05 1.43
CA PHE C 13 26.53 2.52 2.72
C PHE C 13 26.27 4.02 2.70
N LEU C 14 27.12 4.79 2.04
CA LEU C 14 26.90 6.23 1.93
C LEU C 14 25.64 6.55 1.14
N LEU C 15 25.41 5.83 0.03
CA LEU C 15 24.19 6.02 -0.74
C LEU C 15 22.96 5.62 0.08
N LEU C 16 23.06 4.54 0.85
CA LEU C 16 21.95 4.11 1.69
C LEU C 16 21.65 5.14 2.78
N GLY C 17 22.70 5.69 3.39
CA GLY C 17 22.50 6.73 4.40
C GLY C 17 21.87 7.98 3.83
N TYR C 18 22.33 8.41 2.64
CA TYR C 18 21.75 9.58 2.00
C TYR C 18 20.30 9.34 1.62
N LEU C 19 19.99 8.14 1.13
CA LEU C 19 18.61 7.83 0.71
C LEU C 19 17.69 7.73 1.92
N VAL C 20 18.17 7.16 3.04
CA VAL C 20 17.36 7.11 4.25
C VAL C 20 17.15 8.52 4.80
N TYR C 21 18.18 9.38 4.71
CA TYR C 21 18.03 10.77 5.11
C TYR C 21 16.99 11.49 4.27
N ALA C 22 16.99 11.24 2.96
CA ALA C 22 15.98 11.83 2.08
C ALA C 22 14.59 11.25 2.35
N LEU C 23 14.52 9.98 2.75
CA LEU C 23 13.23 9.37 3.09
C LEU C 23 12.65 10.00 4.34
N ILE C 24 13.47 10.21 5.37
CA ILE C 24 12.99 10.83 6.59
C ILE C 24 12.66 12.30 6.37
N ASN C 25 13.48 12.98 5.56
CA ASN C 25 13.26 14.40 5.29
C ASN C 25 12.08 14.59 4.34
N ALA C 26 11.46 15.77 4.43
CA ALA C 26 10.35 16.16 3.58
C ALA C 26 10.74 17.31 2.66
N GLU C 27 11.94 17.25 2.11
CA GLU C 27 12.47 18.29 1.24
C GLU C 27 11.70 18.37 -0.08
N LEU D 8 2.10 24.47 -26.59
CA LEU D 8 2.22 23.05 -26.94
C LEU D 8 3.59 22.50 -26.57
N PHE D 9 3.86 21.26 -26.99
CA PHE D 9 5.06 20.55 -26.54
C PHE D 9 6.34 21.24 -27.04
N GLU D 10 6.53 21.29 -28.36
CA GLU D 10 7.76 21.82 -28.96
C GLU D 10 7.41 22.95 -29.91
N PRO D 11 7.31 24.19 -29.42
CA PRO D 11 7.08 25.32 -30.33
C PRO D 11 8.29 25.68 -31.16
N THR D 12 9.49 25.19 -30.81
CA THR D 12 10.76 25.55 -31.43
C THR D 12 11.02 27.06 -31.37
N LEU D 13 10.62 27.67 -30.26
CA LEU D 13 11.01 29.04 -29.93
C LEU D 13 12.01 29.10 -28.78
N VAL D 14 11.68 28.49 -27.65
CA VAL D 14 12.51 28.56 -26.46
C VAL D 14 13.14 27.20 -26.14
N VAL D 15 13.14 26.28 -27.11
CA VAL D 15 13.72 24.96 -26.87
C VAL D 15 15.23 25.06 -26.68
N GLN D 16 15.88 25.97 -27.43
CA GLN D 16 17.32 26.19 -27.25
C GLN D 16 17.63 26.78 -25.88
N ALA D 17 16.82 27.74 -25.43
CA ALA D 17 17.02 28.33 -24.12
C ALA D 17 16.81 27.33 -23.00
N LEU D 18 15.77 26.50 -23.10
CA LEU D 18 15.56 25.51 -22.05
C LEU D 18 16.59 24.39 -22.12
N LYS D 19 17.11 24.08 -23.32
CA LYS D 19 18.20 23.11 -23.41
C LYS D 19 19.49 23.66 -22.82
N GLU D 20 19.69 24.98 -22.91
CA GLU D 20 20.76 25.62 -22.15
C GLU D 20 20.50 25.50 -20.65
N ALA D 21 19.25 25.68 -20.23
CA ALA D 21 18.89 25.58 -18.81
C ALA D 21 18.89 24.15 -18.29
N VAL D 22 19.00 23.14 -19.16
CA VAL D 22 19.13 21.75 -18.73
C VAL D 22 20.36 21.58 -17.83
N LYS D 23 21.43 22.32 -18.11
CA LYS D 23 22.71 22.08 -17.44
C LYS D 23 22.68 22.50 -15.98
N LYS D 24 21.88 21.80 -15.19
CA LYS D 24 21.93 21.84 -13.73
C LYS D 24 22.60 20.57 -13.17
N LEU D 25 23.56 20.02 -13.92
CA LEU D 25 24.20 18.75 -13.58
C LEU D 25 25.10 18.85 -12.36
N ASN D 26 25.35 20.05 -11.85
CA ASN D 26 26.09 20.20 -10.61
C ASN D 26 25.32 19.58 -9.45
N PRO D 27 26.04 19.06 -8.44
CA PRO D 27 25.35 18.40 -7.31
C PRO D 27 24.47 19.31 -6.48
N GLN D 28 24.66 20.64 -6.55
CA GLN D 28 23.87 21.56 -5.74
C GLN D 28 22.41 21.57 -6.17
N ALA D 29 22.15 21.48 -7.47
CA ALA D 29 20.80 21.54 -8.00
C ALA D 29 20.23 20.15 -8.31
N GLN D 30 20.87 19.09 -7.81
CA GLN D 30 20.44 17.73 -8.10
C GLN D 30 20.09 16.90 -6.88
N TRP D 31 20.54 17.28 -5.68
CA TRP D 31 20.25 16.44 -4.52
C TRP D 31 18.82 16.61 -4.03
N ARG D 32 18.09 17.60 -4.55
CA ARG D 32 16.68 17.77 -4.18
C ARG D 32 15.80 16.65 -4.72
N ASN D 33 16.26 15.94 -5.74
CA ASN D 33 15.58 14.75 -6.27
C ASN D 33 16.50 13.56 -6.06
N PRO D 34 16.31 12.80 -4.98
CA PRO D 34 17.29 11.74 -4.66
C PRO D 34 17.20 10.54 -5.59
N VAL D 35 16.01 10.23 -6.10
CA VAL D 35 15.82 9.08 -6.98
C VAL D 35 16.59 9.24 -8.28
N MET D 36 16.96 10.47 -8.64
CA MET D 36 17.83 10.72 -9.78
C MET D 36 19.20 11.26 -9.39
N PHE D 37 19.38 11.68 -8.14
CA PHE D 37 20.75 11.88 -7.66
C PHE D 37 21.50 10.56 -7.59
N ILE D 38 20.79 9.46 -7.30
CA ILE D 38 21.42 8.14 -7.38
C ILE D 38 21.84 7.85 -8.82
N VAL D 39 20.99 8.22 -9.79
CA VAL D 39 21.33 8.02 -11.20
C VAL D 39 22.53 8.88 -11.59
N TRP D 40 22.59 10.11 -11.07
CA TRP D 40 23.72 11.00 -11.34
C TRP D 40 25.03 10.45 -10.78
N ILE D 41 25.00 9.95 -9.55
CA ILE D 41 26.20 9.39 -8.94
C ILE D 41 26.63 8.12 -9.67
N GLY D 42 25.65 7.29 -10.06
CA GLY D 42 25.99 6.11 -10.85
C GLY D 42 26.57 6.47 -12.21
N SER D 43 26.06 7.53 -12.84
CA SER D 43 26.58 7.97 -14.12
C SER D 43 28.01 8.48 -13.99
N LEU D 44 28.29 9.26 -12.94
CA LEU D 44 29.66 9.73 -12.72
C LEU D 44 30.59 8.57 -12.39
N LEU D 45 30.10 7.60 -11.63
CA LEU D 45 30.90 6.43 -11.28
C LEU D 45 31.26 5.60 -12.51
N THR D 46 30.26 5.31 -13.37
CA THR D 46 30.58 4.54 -14.56
C THR D 46 31.37 5.38 -15.56
N THR D 47 31.27 6.71 -15.51
CA THR D 47 32.09 7.55 -16.37
C THR D 47 33.55 7.50 -15.97
N CYS D 48 33.84 7.58 -14.67
CA CYS D 48 35.25 7.48 -14.25
C CYS D 48 35.77 6.06 -14.40
N ILE D 49 34.91 5.05 -14.27
CA ILE D 49 35.31 3.69 -14.60
C ILE D 49 35.66 3.58 -16.07
N SER D 50 34.88 4.20 -16.96
CA SER D 50 35.20 4.18 -18.39
C SER D 50 36.50 4.92 -18.68
N ILE D 51 36.74 6.03 -17.98
CA ILE D 51 37.97 6.79 -18.17
C ILE D 51 39.19 5.97 -17.79
N ALA D 52 39.18 5.38 -16.60
CA ALA D 52 40.29 4.52 -16.18
C ALA D 52 40.35 3.25 -17.02
N MET D 53 39.20 2.80 -17.53
CA MET D 53 39.13 1.57 -18.31
C MET D 53 39.82 1.75 -19.65
N ALA D 54 39.61 2.91 -20.29
CA ALA D 54 40.32 3.23 -21.52
C ALA D 54 41.76 3.62 -21.26
N SER D 55 42.06 4.18 -20.09
CA SER D 55 43.44 4.48 -19.74
C SER D 55 44.27 3.21 -19.60
N GLY D 56 43.71 2.17 -19.00
CA GLY D 56 44.36 0.88 -18.96
C GLY D 56 44.62 0.31 -17.58
N ALA D 57 43.84 0.75 -16.59
CA ALA D 57 43.98 0.18 -15.25
C ALA D 57 43.46 -1.25 -15.21
N MET D 58 42.35 -1.52 -15.89
CA MET D 58 41.76 -2.84 -15.97
C MET D 58 41.48 -3.20 -17.42
N PRO D 59 41.65 -4.48 -17.80
CA PRO D 59 41.57 -4.85 -19.21
C PRO D 59 40.13 -5.05 -19.67
N GLY D 60 39.85 -4.56 -20.86
CA GLY D 60 38.55 -4.73 -21.48
C GLY D 60 38.39 -3.84 -22.70
N ASN D 61 37.19 -3.90 -23.27
CA ASN D 61 36.91 -3.16 -24.50
C ASN D 61 36.74 -1.67 -24.25
N ALA D 62 36.05 -1.30 -23.18
CA ALA D 62 35.79 0.06 -22.68
C ALA D 62 34.80 0.83 -23.56
N LEU D 63 34.44 0.27 -24.71
CA LEU D 63 33.40 0.88 -25.54
C LEU D 63 32.02 0.63 -24.93
N PHE D 64 31.83 -0.56 -24.36
CA PHE D 64 30.60 -0.86 -23.63
C PHE D 64 30.42 0.09 -22.45
N SER D 65 31.47 0.27 -21.65
CA SER D 65 31.40 1.17 -20.50
C SER D 65 31.21 2.61 -20.92
N ALA D 66 31.88 3.03 -22.01
CA ALA D 66 31.71 4.38 -22.50
C ALA D 66 30.28 4.63 -22.97
N ALA D 67 29.70 3.65 -23.67
CA ALA D 67 28.32 3.80 -24.14
C ALA D 67 27.34 3.82 -22.97
N ILE D 68 27.57 2.99 -21.95
CA ILE D 68 26.72 3.01 -20.76
C ILE D 68 26.80 4.37 -20.05
N SER D 69 28.02 4.89 -19.89
CA SER D 69 28.19 6.19 -19.22
C SER D 69 27.51 7.30 -20.00
N GLY D 70 27.69 7.32 -21.33
CA GLY D 70 27.05 8.32 -22.14
C GLY D 70 25.54 8.23 -22.10
N TRP D 71 25.00 7.01 -22.10
CA TRP D 71 23.55 6.87 -22.10
C TRP D 71 22.93 7.18 -20.75
N LEU D 72 23.64 6.91 -19.65
CA LEU D 72 23.14 7.35 -18.35
C LEU D 72 23.17 8.87 -18.23
N TRP D 73 24.22 9.51 -18.76
CA TRP D 73 24.21 10.97 -18.83
C TRP D 73 23.07 11.48 -19.70
N ILE D 74 22.73 10.74 -20.76
CA ILE D 74 21.61 11.10 -21.62
C ILE D 74 20.28 11.00 -20.87
N THR D 75 20.12 9.96 -20.05
CA THR D 75 18.91 9.84 -19.23
C THR D 75 18.77 11.02 -18.28
N VAL D 76 19.87 11.41 -17.64
CA VAL D 76 19.85 12.58 -16.77
C VAL D 76 19.51 13.84 -17.56
N LEU D 77 20.08 13.98 -18.76
CA LEU D 77 19.87 15.18 -19.57
C LEU D 77 18.41 15.30 -20.03
N PHE D 78 17.78 14.19 -20.43
CA PHE D 78 16.36 14.28 -20.77
C PHE D 78 15.45 14.40 -19.54
N ALA D 79 15.86 13.92 -18.37
CA ALA D 79 15.08 14.22 -17.17
C ALA D 79 15.08 15.71 -16.86
N ASN D 80 16.26 16.32 -16.87
CA ASN D 80 16.36 17.77 -16.67
C ASN D 80 15.74 18.53 -17.83
N PHE D 81 15.74 17.94 -19.03
CA PHE D 81 15.09 18.54 -20.19
C PHE D 81 13.58 18.57 -20.03
N ALA D 82 13.00 17.49 -19.50
CA ALA D 82 11.56 17.48 -19.21
C ALA D 82 11.21 18.53 -18.16
N GLU D 83 12.00 18.59 -17.08
CA GLU D 83 11.74 19.58 -16.04
C GLU D 83 11.90 21.00 -16.57
N ALA D 84 12.95 21.25 -17.36
CA ALA D 84 13.19 22.58 -17.89
C ALA D 84 12.18 22.98 -18.95
N LEU D 85 11.67 22.02 -19.73
CA LEU D 85 10.65 22.34 -20.71
C LEU D 85 9.33 22.68 -20.03
N ALA D 86 9.00 21.95 -18.97
CA ALA D 86 7.82 22.31 -18.17
C ALA D 86 7.98 23.69 -17.56
N GLU D 87 9.18 24.00 -17.03
CA GLU D 87 9.43 25.32 -16.47
C GLU D 87 9.35 26.40 -17.54
N GLY D 88 9.85 26.12 -18.74
CA GLY D 88 9.78 27.09 -19.83
C GLY D 88 8.36 27.35 -20.29
N ARG D 89 7.53 26.31 -20.31
CA ARG D 89 6.10 26.51 -20.61
C ARG D 89 5.44 27.35 -19.54
N SER D 90 5.80 27.13 -18.27
CA SER D 90 5.26 27.97 -17.18
C SER D 90 5.72 29.41 -17.33
N LYS D 91 6.97 29.63 -17.73
CA LYS D 91 7.47 30.98 -17.95
C LYS D 91 6.76 31.65 -19.12
N ALA D 92 6.49 30.90 -20.18
CA ALA D 92 5.76 31.44 -21.32
C ALA D 92 4.33 31.84 -20.93
N GLN D 93 3.68 31.00 -20.12
CA GLN D 93 2.35 31.35 -19.62
C GLN D 93 2.40 32.60 -18.74
N ALA D 94 3.42 32.71 -17.89
CA ALA D 94 3.56 33.89 -17.03
C ALA D 94 3.81 35.14 -17.85
N ASN D 95 4.62 35.05 -18.91
CA ASN D 95 4.88 36.20 -19.75
C ASN D 95 3.66 36.56 -20.59
N SER D 96 2.85 35.58 -20.97
CA SER D 96 1.59 35.88 -21.64
C SER D 96 0.63 36.61 -20.70
N LEU D 97 0.59 36.20 -19.43
CA LEU D 97 -0.25 36.88 -18.45
C LEU D 97 0.38 38.17 -17.93
N LYS D 98 1.65 38.44 -18.29
CA LYS D 98 2.35 39.61 -17.77
C LYS D 98 1.71 40.91 -18.22
N GLY D 99 1.50 41.06 -19.53
CA GLY D 99 1.16 42.37 -20.06
C GLY D 99 2.30 43.34 -19.84
N VAL D 100 1.96 44.58 -19.52
CA VAL D 100 2.93 45.57 -19.06
C VAL D 100 2.37 46.17 -17.78
N LYS D 101 2.94 45.78 -16.63
CA LYS D 101 2.42 46.24 -15.35
C LYS D 101 2.64 47.73 -15.15
N LYS D 102 3.80 48.24 -15.57
CA LYS D 102 4.13 49.67 -15.47
C LYS D 102 4.21 50.22 -16.89
N THR D 103 3.11 50.80 -17.36
CA THR D 103 2.99 51.26 -18.73
C THR D 103 2.76 52.75 -18.89
N ALA D 104 2.23 53.43 -17.88
CA ALA D 104 1.94 54.85 -17.98
C ALA D 104 1.90 55.47 -16.60
N PHE D 105 2.04 56.79 -16.57
CA PHE D 105 1.91 57.52 -15.31
C PHE D 105 0.45 57.53 -14.85
N ALA D 106 0.26 57.50 -13.53
CA ALA D 106 -1.08 57.44 -12.95
C ALA D 106 -1.69 58.83 -12.88
N ARG D 107 -2.97 58.90 -13.23
CA ARG D 107 -3.71 60.17 -13.21
C ARG D 107 -4.38 60.35 -11.84
N LYS D 108 -3.53 60.58 -10.84
CA LYS D 108 -4.00 60.65 -9.47
C LYS D 108 -4.67 61.98 -9.18
N LEU D 109 -5.58 61.97 -8.20
CA LEU D 109 -6.28 63.16 -7.74
C LEU D 109 -5.98 63.37 -6.27
N ARG D 110 -5.73 64.62 -5.89
CA ARG D 110 -5.51 64.93 -4.48
C ARG D 110 -6.80 64.83 -3.67
N GLU D 111 -7.94 65.15 -4.28
CA GLU D 111 -9.23 65.04 -3.64
C GLU D 111 -10.14 64.18 -4.52
N PRO D 112 -10.87 63.23 -3.94
CA PRO D 112 -11.72 62.36 -4.76
C PRO D 112 -12.96 63.08 -5.30
N LYS D 113 -12.93 63.43 -6.58
CA LYS D 113 -14.03 64.07 -7.28
C LYS D 113 -13.76 63.99 -8.78
N TYR D 114 -14.82 63.78 -9.56
CA TYR D 114 -14.67 63.75 -11.00
C TYR D 114 -14.34 65.15 -11.52
N GLY D 115 -13.28 65.24 -12.34
CA GLY D 115 -12.80 66.53 -12.78
C GLY D 115 -12.07 67.27 -11.68
N ALA D 116 -10.94 66.73 -11.25
CA ALA D 116 -10.18 67.30 -10.14
C ALA D 116 -8.74 67.57 -10.54
N ALA D 117 -7.89 67.90 -9.56
CA ALA D 117 -6.49 68.24 -9.83
C ALA D 117 -5.74 67.00 -10.26
N ALA D 118 -5.21 67.02 -11.48
CA ALA D 118 -4.49 65.89 -12.06
C ALA D 118 -3.09 65.76 -11.47
N ASP D 119 -2.48 64.61 -11.71
CA ASP D 119 -1.12 64.33 -11.26
C ASP D 119 -0.38 63.54 -12.33
N LYS D 120 0.95 63.53 -12.22
CA LYS D 120 1.82 62.84 -13.16
C LYS D 120 2.63 61.75 -12.49
N VAL D 121 2.08 61.14 -11.43
CA VAL D 121 2.79 60.17 -10.61
C VAL D 121 2.99 58.86 -11.37
N PRO D 122 4.11 58.18 -11.17
CA PRO D 122 4.29 56.86 -11.80
C PRO D 122 3.39 55.82 -11.18
N ALA D 123 3.16 54.75 -11.93
CA ALA D 123 2.26 53.67 -11.50
C ALA D 123 3.01 52.53 -10.80
N ASP D 124 3.84 52.86 -9.82
CA ASP D 124 4.44 51.82 -8.99
C ASP D 124 4.57 52.18 -7.52
N GLN D 125 3.95 53.28 -7.06
CA GLN D 125 4.01 53.64 -5.64
C GLN D 125 2.63 53.99 -5.06
N LEU D 126 1.55 53.69 -5.78
CA LEU D 126 0.22 54.03 -5.30
C LEU D 126 -0.14 53.19 -4.08
N ARG D 127 -0.63 53.86 -3.04
CA ARG D 127 -0.91 53.21 -1.77
C ARG D 127 -2.40 52.92 -1.64
N LYS D 128 -2.80 52.44 -0.47
CA LYS D 128 -4.20 52.11 -0.22
C LYS D 128 -5.06 53.36 -0.18
N GLY D 129 -6.26 53.26 -0.72
CA GLY D 129 -7.18 54.38 -0.76
C GLY D 129 -6.73 55.53 -1.65
N ASP D 130 -6.21 55.21 -2.84
CA ASP D 130 -5.76 56.22 -3.78
C ASP D 130 -6.74 56.30 -4.95
N ILE D 131 -7.19 57.51 -5.26
CA ILE D 131 -8.14 57.74 -6.34
C ILE D 131 -7.37 58.11 -7.61
N VAL D 132 -7.80 57.56 -8.74
CA VAL D 132 -7.15 57.81 -10.03
C VAL D 132 -8.23 57.96 -11.10
N LEU D 133 -8.06 58.97 -11.96
CA LEU D 133 -8.95 59.18 -13.09
C LEU D 133 -8.51 58.34 -14.27
N VAL D 134 -9.49 57.77 -14.98
CA VAL D 134 -9.24 56.99 -16.19
C VAL D 134 -10.09 57.56 -17.30
N GLU D 135 -9.44 58.01 -18.39
CA GLU D 135 -10.12 58.58 -19.53
C GLU D 135 -10.29 57.53 -20.62
N ALA D 136 -10.77 57.95 -21.79
CA ALA D 136 -10.94 57.04 -22.91
C ALA D 136 -9.59 56.63 -23.47
N GLY D 137 -9.49 55.36 -23.88
CA GLY D 137 -8.24 54.83 -24.40
C GLY D 137 -7.14 54.74 -23.37
N ASP D 138 -7.45 54.30 -22.15
CA ASP D 138 -6.47 54.24 -21.09
C ASP D 138 -6.30 52.81 -20.57
N ILE D 139 -5.56 52.67 -19.48
CA ILE D 139 -5.24 51.35 -18.93
C ILE D 139 -5.12 51.49 -17.42
N ILE D 140 -5.68 50.53 -16.69
CA ILE D 140 -5.72 50.55 -15.22
C ILE D 140 -4.33 50.26 -14.67
N PRO D 141 -3.75 51.15 -13.86
CA PRO D 141 -2.43 50.89 -13.29
C PRO D 141 -2.42 49.77 -12.26
N CYS D 142 -3.31 49.84 -11.27
CA CYS D 142 -3.33 48.88 -10.17
C CYS D 142 -4.77 48.55 -9.81
N ASP D 143 -4.93 47.42 -9.12
CA ASP D 143 -6.25 46.92 -8.77
C ASP D 143 -6.94 47.84 -7.75
N GLY D 144 -8.26 47.78 -7.74
CA GLY D 144 -9.04 48.61 -6.83
C GLY D 144 -10.52 48.51 -7.15
N GLU D 145 -11.25 49.55 -6.76
CA GLU D 145 -12.69 49.64 -6.97
C GLU D 145 -13.05 51.00 -7.53
N VAL D 146 -14.19 51.06 -8.20
CA VAL D 146 -14.69 52.31 -8.76
C VAL D 146 -15.53 53.03 -7.71
N ILE D 147 -15.74 54.33 -7.94
CA ILE D 147 -16.54 55.17 -7.05
C ILE D 147 -17.77 55.73 -7.77
N GLU D 148 -17.57 56.30 -8.95
CA GLU D 148 -18.66 56.87 -9.72
C GLU D 148 -18.39 56.65 -11.20
N GLY D 149 -19.47 56.58 -11.98
CA GLY D 149 -19.36 56.42 -13.41
C GLY D 149 -18.98 55.01 -13.82
N GLY D 150 -18.82 54.84 -15.14
CA GLY D 150 -18.48 53.55 -15.69
C GLY D 150 -18.83 53.43 -17.16
N ALA D 151 -18.05 52.63 -17.90
CA ALA D 151 -18.25 52.47 -19.33
C ALA D 151 -17.63 51.14 -19.76
N SER D 152 -17.45 50.97 -21.07
CA SER D 152 -16.96 49.70 -21.60
C SER D 152 -15.51 49.47 -21.21
N VAL D 153 -15.23 48.31 -20.62
CA VAL D 153 -13.90 47.93 -20.19
C VAL D 153 -13.62 46.54 -20.75
N ASP D 154 -12.53 46.40 -21.50
CA ASP D 154 -12.14 45.12 -22.07
C ASP D 154 -11.01 44.51 -21.26
N GLU D 155 -11.07 43.19 -21.06
CA GLU D 155 -10.11 42.46 -20.25
C GLU D 155 -9.51 41.28 -21.01
N SER D 156 -9.41 41.42 -22.34
CA SER D 156 -8.87 40.35 -23.16
C SER D 156 -7.40 40.09 -22.85
N ALA D 157 -6.61 41.15 -22.71
CA ALA D 157 -5.17 41.03 -22.51
C ALA D 157 -4.80 40.39 -21.18
N ILE D 158 -5.73 40.26 -20.24
CA ILE D 158 -5.49 39.65 -18.94
C ILE D 158 -6.18 38.30 -18.83
N THR D 159 -7.48 38.25 -19.13
CA THR D 159 -8.28 37.06 -18.87
C THR D 159 -8.68 36.28 -20.13
N GLY D 160 -8.43 36.82 -21.32
CA GLY D 160 -8.89 36.20 -22.54
C GLY D 160 -10.30 36.56 -22.94
N GLU D 161 -11.01 37.34 -22.14
CA GLU D 161 -12.37 37.75 -22.45
C GLU D 161 -12.39 39.12 -23.12
N SEP D 162 -12.71 39.14 -24.42
CA SEP D 162 -12.73 40.38 -25.19
CB SEP D 162 -12.41 40.09 -26.65
OG SEP D 162 -13.40 39.24 -27.23
C SEP D 162 -14.07 41.10 -25.07
O SEP D 162 -14.28 42.14 -25.70
P SEP D 162 -12.99 38.89 -28.75
O1P SEP D 162 -11.55 38.15 -28.74
O2P SEP D 162 -12.89 40.24 -29.60
O3P SEP D 162 -14.09 37.91 -29.38
N ALA D 163 -14.98 40.55 -24.27
CA ALA D 163 -16.27 41.17 -24.03
C ALA D 163 -16.11 42.44 -23.21
N PRO D 164 -16.60 43.56 -23.73
CA PRO D 164 -16.46 44.84 -23.01
C PRO D 164 -17.35 44.91 -21.78
N VAL D 165 -16.93 44.24 -20.70
CA VAL D 165 -17.70 44.24 -19.47
C VAL D 165 -17.63 45.61 -18.82
N ILE D 166 -18.79 46.18 -18.51
CA ILE D 166 -18.87 47.51 -17.91
C ILE D 166 -18.46 47.43 -16.44
N ARG D 167 -18.17 48.59 -15.85
CA ARG D 167 -17.82 48.69 -14.43
C ARG D 167 -18.70 49.79 -13.83
N GLU D 168 -19.91 49.42 -13.43
CA GLU D 168 -20.83 50.37 -12.83
C GLU D 168 -20.50 50.60 -11.36
N SER D 169 -20.83 51.80 -10.89
CA SER D 169 -20.43 52.22 -9.55
C SER D 169 -21.24 51.47 -8.49
N GLY D 170 -20.53 50.88 -7.53
CA GLY D 170 -21.18 50.09 -6.50
C GLY D 170 -21.80 48.83 -7.08
N GLY D 171 -22.89 48.39 -6.45
CA GLY D 171 -23.64 47.27 -6.97
C GLY D 171 -22.92 45.93 -6.80
N ASP D 172 -23.30 44.98 -7.65
CA ASP D 172 -22.74 43.64 -7.56
C ASP D 172 -21.30 43.56 -8.04
N PHE D 173 -20.95 44.31 -9.10
CA PHE D 173 -19.57 44.41 -9.54
C PHE D 173 -19.14 45.87 -9.56
N ALA D 174 -18.08 46.18 -8.82
CA ALA D 174 -17.45 47.49 -8.87
C ALA D 174 -15.93 47.43 -8.76
N SER D 175 -15.34 46.24 -8.70
CA SER D 175 -13.91 46.08 -8.54
C SER D 175 -13.22 45.95 -9.89
N VAL D 176 -12.00 46.47 -9.98
CA VAL D 176 -11.24 46.49 -11.21
C VAL D 176 -9.87 45.85 -10.97
N THR D 177 -9.27 45.37 -12.04
CA THR D 177 -7.94 44.79 -12.02
C THR D 177 -7.00 45.64 -12.87
N GLY D 178 -5.76 45.78 -12.41
CA GLY D 178 -4.80 46.59 -13.12
C GLY D 178 -4.28 45.92 -14.38
N GLY D 179 -3.66 46.74 -15.23
CA GLY D 179 -3.04 46.24 -16.44
C GLY D 179 -3.98 45.81 -17.55
N THR D 180 -5.19 46.36 -17.59
CA THR D 180 -6.15 46.03 -18.64
C THR D 180 -6.59 47.29 -19.36
N ARG D 181 -6.93 47.12 -20.64
CA ARG D 181 -7.27 48.24 -21.51
C ARG D 181 -8.63 48.82 -21.14
N ILE D 182 -8.76 50.13 -21.31
CA ILE D 182 -10.02 50.84 -21.14
C ILE D 182 -10.43 51.43 -22.48
N LEU D 183 -11.68 51.22 -22.88
CA LEU D 183 -12.13 51.64 -24.20
C LEU D 183 -12.79 53.01 -24.20
N SER D 184 -13.47 53.40 -23.13
CA SER D 184 -14.26 54.63 -23.12
C SER D 184 -13.92 55.47 -21.89
N ASP D 185 -14.55 56.63 -21.83
CA ASP D 185 -14.26 57.64 -20.82
C ASP D 185 -15.14 57.36 -19.58
N TRP D 186 -15.09 58.25 -18.58
CA TRP D 186 -15.95 58.21 -17.39
C TRP D 186 -15.67 56.99 -16.52
N LEU D 187 -14.39 56.81 -16.17
CA LEU D 187 -13.97 55.79 -15.22
C LEU D 187 -13.12 56.44 -14.13
N VAL D 188 -13.51 56.24 -12.87
CA VAL D 188 -12.67 56.56 -11.73
C VAL D 188 -12.40 55.26 -10.98
N ILE D 189 -11.25 55.21 -10.32
CA ILE D 189 -10.82 54.00 -9.62
C ILE D 189 -10.20 54.39 -8.29
N GLU D 190 -10.68 53.77 -7.21
CA GLU D 190 -10.09 53.94 -5.88
C GLU D 190 -9.22 52.72 -5.59
N CYS D 191 -7.95 52.95 -5.28
CA CYS D 191 -7.00 51.86 -5.11
C CYS D 191 -7.29 51.08 -3.84
N SER D 192 -7.10 49.77 -3.91
CA SER D 192 -7.39 48.88 -2.78
C SER D 192 -6.14 48.22 -2.19
N VAL D 193 -5.21 47.77 -3.04
CA VAL D 193 -3.97 47.14 -2.58
C VAL D 193 -2.80 47.74 -3.35
N ASN D 194 -1.63 47.67 -2.74
CA ASN D 194 -0.42 48.19 -3.36
C ASN D 194 -0.01 47.32 -4.55
N PRO D 195 0.75 47.88 -5.51
CA PRO D 195 1.39 47.03 -6.50
C PRO D 195 2.35 46.06 -5.84
N GLY D 196 2.38 44.83 -6.36
CA GLY D 196 3.10 43.75 -5.72
C GLY D 196 2.28 42.98 -4.70
N GLU D 197 1.09 43.46 -4.36
CA GLU D 197 0.16 42.73 -3.51
C GLU D 197 -0.96 42.07 -4.29
N THR D 198 -0.95 42.16 -5.62
CA THR D 198 -1.99 41.56 -6.43
C THR D 198 -1.63 40.13 -6.80
N PHE D 199 -2.66 39.37 -7.15
CA PHE D 199 -2.51 37.93 -7.34
C PHE D 199 -1.84 37.61 -8.66
N LEU D 200 -1.99 38.48 -9.67
CA LEU D 200 -1.24 38.31 -10.91
C LEU D 200 0.25 38.43 -10.66
N ASP D 201 0.66 39.47 -9.92
CA ASP D 201 2.08 39.64 -9.60
C ASP D 201 2.57 38.52 -8.69
N ARG D 202 1.72 38.05 -7.77
CA ARG D 202 2.10 36.94 -6.91
C ARG D 202 2.32 35.66 -7.71
N MET D 203 1.44 35.40 -8.69
CA MET D 203 1.58 34.20 -9.53
C MET D 203 2.84 34.30 -10.38
N ILE D 204 3.11 35.48 -10.95
CA ILE D 204 4.33 35.67 -11.73
C ILE D 204 5.56 35.51 -10.85
N ALA D 205 5.50 36.00 -9.60
CA ALA D 205 6.63 35.87 -8.69
C ALA D 205 6.89 34.41 -8.30
N MET D 206 5.82 33.64 -8.05
CA MET D 206 6.04 32.25 -7.66
C MET D 206 6.42 31.39 -8.86
N VAL D 207 6.01 31.77 -10.07
CA VAL D 207 6.50 31.07 -11.26
C VAL D 207 7.97 31.40 -11.50
N GLU D 208 8.33 32.69 -11.41
CA GLU D 208 9.71 33.11 -11.61
C GLU D 208 10.62 32.59 -10.50
N GLY D 209 10.14 32.62 -9.26
CA GLY D 209 10.91 32.05 -8.16
C GLY D 209 11.08 30.55 -8.28
N ALA D 210 10.03 29.86 -8.77
CA ALA D 210 10.05 28.44 -9.10
C ALA D 210 10.40 27.56 -7.90
N GLN D 211 10.04 28.01 -6.69
CA GLN D 211 10.28 27.21 -5.50
C GLN D 211 9.43 25.94 -5.51
N ARG D 212 8.12 26.09 -5.72
CA ARG D 212 7.16 24.98 -5.88
C ARG D 212 7.21 24.03 -4.68
N ARG D 213 6.79 24.57 -3.53
CA ARG D 213 6.68 23.77 -2.32
C ARG D 213 5.77 22.58 -2.55
N LYS D 214 6.33 21.38 -2.43
CA LYS D 214 5.65 20.17 -2.88
C LYS D 214 4.45 19.84 -2.01
N THR D 215 3.43 19.29 -2.65
CA THR D 215 2.22 18.86 -1.96
C THR D 215 2.53 17.65 -1.08
N PRO D 216 1.72 17.41 -0.04
CA PRO D 216 1.90 16.18 0.74
C PRO D 216 1.76 14.91 -0.08
N ASN D 217 0.90 14.90 -1.10
CA ASN D 217 0.83 13.77 -2.00
C ASN D 217 2.14 13.59 -2.77
N GLU D 218 2.73 14.70 -3.22
CA GLU D 218 4.01 14.63 -3.90
C GLU D 218 5.11 14.11 -2.97
N ILE D 219 5.10 14.55 -1.72
CA ILE D 219 6.10 14.09 -0.75
C ILE D 219 5.93 12.60 -0.47
N ALA D 220 4.68 12.13 -0.34
CA ALA D 220 4.45 10.71 -0.10
C ALA D 220 4.85 9.85 -1.28
N LEU D 221 4.56 10.32 -2.50
CA LEU D 221 5.01 9.59 -3.70
C LEU D 221 6.53 9.58 -3.79
N THR D 222 7.17 10.69 -3.43
CA THR D 222 8.63 10.74 -3.39
C THR D 222 9.17 9.77 -2.35
N ILE D 223 8.46 9.62 -1.23
CA ILE D 223 8.87 8.68 -0.18
C ILE D 223 8.80 7.25 -0.70
N LEU D 224 7.73 6.90 -1.42
CA LEU D 224 7.65 5.56 -1.99
C LEU D 224 8.71 5.33 -3.06
N LEU D 225 9.01 6.35 -3.86
CA LEU D 225 10.07 6.23 -4.86
C LEU D 225 11.43 6.03 -4.20
N ILE D 226 11.67 6.73 -3.08
CA ILE D 226 12.91 6.57 -2.33
C ILE D 226 13.00 5.16 -1.75
N ALA D 227 11.88 4.64 -1.22
CA ALA D 227 11.89 3.28 -0.68
C ALA D 227 12.19 2.27 -1.78
N LEU D 228 11.59 2.44 -2.95
CA LEU D 228 11.82 1.53 -4.06
C LEU D 228 13.26 1.61 -4.55
N THR D 229 13.84 2.81 -4.60
CA THR D 229 15.22 2.89 -5.06
C THR D 229 16.22 2.41 -4.00
N ILE D 230 15.89 2.50 -2.71
CA ILE D 230 16.71 1.83 -1.70
C ILE D 230 16.67 0.32 -1.88
N VAL D 231 15.47 -0.22 -2.14
CA VAL D 231 15.32 -1.66 -2.34
C VAL D 231 16.13 -2.12 -3.55
N PHE D 232 16.01 -1.40 -4.66
CA PHE D 232 16.73 -1.80 -5.88
C PHE D 232 18.23 -1.57 -5.75
N LEU D 233 18.64 -0.51 -5.04
CA LEU D 233 20.04 -0.27 -4.78
C LEU D 233 20.66 -1.39 -3.97
N LEU D 234 19.96 -1.84 -2.93
CA LEU D 234 20.49 -2.94 -2.12
C LEU D 234 20.49 -4.25 -2.89
N ALA D 235 19.48 -4.50 -3.72
CA ALA D 235 19.47 -5.71 -4.52
C ALA D 235 20.65 -5.74 -5.50
N THR D 236 20.82 -4.67 -6.28
CA THR D 236 21.91 -4.65 -7.26
C THR D 236 23.28 -4.45 -6.61
N ALA D 237 23.34 -4.00 -5.37
CA ALA D 237 24.64 -3.90 -4.68
C ALA D 237 25.05 -5.23 -4.08
N THR D 238 24.11 -5.94 -3.44
CA THR D 238 24.39 -7.28 -2.93
C THR D 238 24.43 -8.33 -4.03
N LEU D 239 24.06 -7.96 -5.26
CA LEU D 239 24.22 -8.87 -6.38
C LEU D 239 25.68 -9.19 -6.68
N TRP D 240 26.61 -8.33 -6.26
CA TRP D 240 28.02 -8.57 -6.58
C TRP D 240 28.62 -9.76 -5.81
N PRO D 241 28.47 -9.90 -4.48
CA PRO D 241 29.01 -11.10 -3.83
C PRO D 241 28.36 -12.40 -4.30
N PHE D 242 27.06 -12.37 -4.64
CA PHE D 242 26.41 -13.58 -5.12
C PHE D 242 27.01 -14.04 -6.44
N SER D 243 27.30 -13.10 -7.34
CA SER D 243 27.97 -13.44 -8.59
C SER D 243 29.41 -13.83 -8.37
N ALA D 244 30.10 -13.20 -7.41
CA ALA D 244 31.47 -13.55 -7.09
C ALA D 244 31.60 -14.94 -6.49
N TRP D 245 30.53 -15.44 -5.86
CA TRP D 245 30.55 -16.82 -5.36
C TRP D 245 30.70 -17.80 -6.50
N GLY D 246 29.89 -17.66 -7.55
CA GLY D 246 29.96 -18.55 -8.69
C GLY D 246 30.73 -17.97 -9.86
N GLY D 247 31.98 -18.38 -10.03
CA GLY D 247 32.79 -17.87 -11.11
C GLY D 247 33.18 -16.41 -10.90
N ASN D 248 33.49 -15.75 -12.02
CA ASN D 248 33.84 -14.34 -11.98
C ASN D 248 32.61 -13.50 -11.68
N ALA D 249 32.80 -12.44 -10.91
CA ALA D 249 31.71 -11.56 -10.52
C ALA D 249 31.25 -10.73 -11.71
N VAL D 250 30.03 -10.20 -11.60
CA VAL D 250 29.50 -9.30 -12.61
C VAL D 250 30.19 -7.94 -12.47
N SER D 251 30.51 -7.32 -13.60
CA SER D 251 31.24 -6.06 -13.58
C SER D 251 30.38 -4.93 -13.02
N VAL D 252 31.07 -3.88 -12.57
CA VAL D 252 30.39 -2.75 -11.92
C VAL D 252 29.51 -1.99 -12.90
N THR D 253 29.94 -1.88 -14.17
CA THR D 253 29.17 -1.16 -15.17
C THR D 253 27.81 -1.81 -15.41
N VAL D 254 27.78 -3.14 -15.49
CA VAL D 254 26.52 -3.86 -15.67
C VAL D 254 25.61 -3.66 -14.47
N LEU D 255 26.18 -3.70 -13.27
CA LEU D 255 25.40 -3.48 -12.05
C LEU D 255 24.81 -2.07 -12.02
N VAL D 256 25.59 -1.07 -12.41
CA VAL D 256 25.12 0.32 -12.39
C VAL D 256 24.02 0.52 -13.44
N ALA D 257 24.21 -0.05 -14.63
CA ALA D 257 23.18 0.06 -15.67
C ALA D 257 21.90 -0.64 -15.27
N LEU D 258 22.01 -1.83 -14.66
CA LEU D 258 20.82 -2.54 -14.16
C LEU D 258 20.15 -1.75 -13.05
N LEU D 259 20.94 -1.12 -12.17
CA LEU D 259 20.37 -0.29 -11.11
C LEU D 259 19.58 0.88 -11.68
N VAL D 260 20.16 1.60 -12.64
CA VAL D 260 19.48 2.76 -13.21
C VAL D 260 18.24 2.31 -13.99
N CYS D 261 18.30 1.14 -14.61
CA CYS D 261 17.10 0.58 -15.23
C CYS D 261 16.01 0.30 -14.19
N LEU D 262 16.38 -0.27 -13.05
CA LEU D 262 15.38 -0.64 -12.05
C LEU D 262 14.82 0.56 -11.31
N ILE D 263 15.63 1.60 -11.13
CA ILE D 263 15.16 2.83 -10.46
C ILE D 263 13.99 3.41 -11.23
N PRO D 264 12.90 3.84 -10.57
CA PRO D 264 11.77 4.43 -11.30
C PRO D 264 12.15 5.77 -11.89
N THR D 265 12.89 5.70 -13.00
CA THR D 265 13.52 6.88 -13.59
C THR D 265 12.51 7.78 -14.28
N THR D 266 11.49 7.19 -14.92
CA THR D 266 10.51 7.98 -15.65
C THR D 266 9.71 8.89 -14.72
N ILE D 267 9.12 8.32 -13.68
CA ILE D 267 8.35 9.14 -12.75
C ILE D 267 9.27 10.02 -11.92
N GLY D 268 10.51 9.56 -11.67
CA GLY D 268 11.47 10.40 -10.97
C GLY D 268 11.83 11.65 -11.74
N GLY D 269 11.85 11.57 -13.07
CA GLY D 269 12.09 12.76 -13.88
C GLY D 269 10.85 13.59 -14.10
N LEU D 270 9.69 12.95 -14.24
CA LEU D 270 8.46 13.68 -14.53
C LEU D 270 7.70 14.12 -13.29
N LEU D 271 8.24 13.87 -12.09
CA LEU D 271 7.56 14.28 -10.87
C LEU D 271 7.44 15.79 -10.77
N SER D 272 8.45 16.54 -11.19
CA SER D 272 8.37 17.99 -11.18
C SER D 272 7.41 18.49 -12.26
N ALA D 273 7.48 17.88 -13.45
CA ALA D 273 6.62 18.28 -14.56
C ALA D 273 5.14 18.06 -14.22
N ILE D 274 4.82 16.95 -13.57
CA ILE D 274 3.49 16.77 -13.03
C ILE D 274 3.37 17.68 -11.82
N GLY D 275 2.76 18.85 -12.02
CA GLY D 275 2.72 19.89 -11.02
C GLY D 275 3.20 21.23 -11.55
N VAL D 276 4.30 21.25 -12.31
CA VAL D 276 4.62 22.48 -13.04
C VAL D 276 3.62 22.66 -14.17
N ALA D 277 3.32 21.59 -14.90
CA ALA D 277 2.23 21.62 -15.88
C ALA D 277 0.88 21.79 -15.18
N GLY D 278 0.76 21.37 -13.92
CA GLY D 278 -0.45 21.65 -13.17
C GLY D 278 -0.66 23.13 -12.93
N MET D 279 0.40 23.84 -12.53
CA MET D 279 0.33 25.29 -12.40
C MET D 279 0.07 25.95 -13.76
N SER D 280 0.68 25.42 -14.82
CA SER D 280 0.46 25.95 -16.15
C SER D 280 -0.99 25.80 -16.59
N ARG D 281 -1.62 24.67 -16.25
CA ARG D 281 -3.01 24.46 -16.59
C ARG D 281 -3.96 25.21 -15.66
N MET D 282 -3.54 25.50 -14.43
CA MET D 282 -4.24 26.52 -13.64
C MET D 282 -4.27 27.86 -14.37
N LEU D 283 -3.11 28.35 -14.78
CA LEU D 283 -3.06 29.68 -15.39
C LEU D 283 -3.73 29.69 -16.76
N GLY D 284 -3.72 28.56 -17.47
CA GLY D 284 -4.38 28.45 -18.75
C GLY D 284 -5.88 28.25 -18.68
N ALA D 285 -6.41 27.96 -17.49
CA ALA D 285 -7.85 27.87 -17.27
C ALA D 285 -8.41 29.14 -16.64
N ASN D 286 -7.67 30.25 -16.75
CA ASN D 286 -8.04 31.55 -16.20
C ASN D 286 -8.23 31.48 -14.68
N VAL D 287 -7.40 30.68 -14.01
CA VAL D 287 -7.41 30.54 -12.56
C VAL D 287 -6.02 30.84 -12.04
N ILE D 288 -5.94 31.67 -10.99
CA ILE D 288 -4.70 31.92 -10.29
C ILE D 288 -4.71 31.07 -9.02
N ALA D 289 -3.78 30.13 -8.93
CA ALA D 289 -3.72 29.19 -7.81
C ALA D 289 -2.47 29.46 -6.99
N THR D 290 -2.59 29.32 -5.67
CA THR D 290 -1.49 29.62 -4.76
C THR D 290 -0.62 28.40 -4.48
N SER D 291 -1.24 27.27 -4.16
CA SER D 291 -0.49 26.09 -3.75
C SER D 291 -1.07 24.83 -4.38
N GLY D 292 -0.18 23.87 -4.64
CA GLY D 292 -0.62 22.59 -5.16
C GLY D 292 -1.43 21.79 -4.16
N ARG D 293 -1.19 22.01 -2.87
CA ARG D 293 -2.05 21.42 -1.85
C ARG D 293 -3.48 21.95 -1.98
N ALA D 294 -3.63 23.25 -2.23
CA ALA D 294 -4.94 23.82 -2.48
C ALA D 294 -5.54 23.27 -3.77
N VAL D 295 -4.71 23.07 -4.79
CA VAL D 295 -5.19 22.51 -6.05
C VAL D 295 -5.72 21.09 -5.86
N GLU D 296 -4.99 20.26 -5.10
CA GLU D 296 -5.42 18.89 -4.88
C GLU D 296 -6.65 18.83 -3.97
N ALA D 297 -6.71 19.69 -2.95
CA ALA D 297 -7.90 19.76 -2.11
C ALA D 297 -9.11 20.20 -2.91
N ALA D 298 -8.93 21.13 -3.85
CA ALA D 298 -9.99 21.50 -4.77
C ALA D 298 -10.33 20.36 -5.71
N GLY D 299 -9.36 19.50 -6.02
CA GLY D 299 -9.65 18.29 -6.75
C GLY D 299 -10.37 17.23 -5.95
N ASP D 300 -10.40 17.37 -4.61
CA ASP D 300 -11.12 16.44 -3.75
C ASP D 300 -12.41 17.03 -3.20
N VAL D 301 -12.98 18.04 -3.87
CA VAL D 301 -14.23 18.64 -3.42
C VAL D 301 -15.39 17.67 -3.62
N ASP D 302 -16.18 17.49 -2.56
CA ASP D 302 -17.43 16.76 -2.64
C ASP D 302 -18.66 17.63 -2.49
N VAL D 303 -18.54 18.80 -1.85
CA VAL D 303 -19.66 19.71 -1.62
C VAL D 303 -19.31 21.08 -2.17
N LEU D 304 -20.18 21.64 -2.99
CA LEU D 304 -19.98 22.92 -3.64
C LEU D 304 -21.04 23.91 -3.16
N LEU D 305 -20.63 25.17 -3.00
CA LEU D 305 -21.49 26.21 -2.46
C LEU D 305 -21.53 27.41 -3.40
N LEU D 306 -22.72 28.01 -3.56
CA LEU D 306 -22.91 29.18 -4.42
C LEU D 306 -23.94 30.10 -3.79
N ASN D 307 -24.18 31.22 -4.49
CA ASN D 307 -25.23 32.17 -4.18
C ASN D 307 -25.95 32.52 -5.48
N LYS D 308 -27.22 32.94 -5.36
CA LYS D 308 -27.97 33.26 -6.58
C LYS D 308 -27.61 34.61 -7.16
N THR D 309 -26.83 35.43 -6.46
CA THR D 309 -26.45 36.73 -6.98
C THR D 309 -25.45 36.64 -8.13
N GLY D 310 -24.90 35.46 -8.40
CA GLY D 310 -24.02 35.27 -9.53
C GLY D 310 -24.48 34.23 -10.53
N THR D 311 -25.74 33.78 -10.39
CA THR D 311 -26.27 32.73 -11.26
C THR D 311 -27.42 33.23 -12.12
N ILE D 312 -28.47 33.80 -11.53
CA ILE D 312 -29.67 34.20 -12.27
C ILE D 312 -29.42 35.62 -12.79
N THR D 313 -28.80 35.70 -13.97
CA THR D 313 -28.47 36.95 -14.67
C THR D 313 -27.63 37.89 -13.80
N LEU D 314 -26.80 37.32 -12.93
CA LEU D 314 -25.91 38.05 -12.01
C LEU D 314 -26.67 39.02 -11.11
N GLY D 315 -27.95 38.73 -10.83
CA GLY D 315 -28.76 39.57 -9.97
C GLY D 315 -29.18 40.90 -10.59
N ASN D 316 -30.28 41.45 -10.09
CA ASN D 316 -30.81 42.79 -10.37
C ASN D 316 -31.32 42.95 -11.81
N ARG D 317 -31.21 41.91 -12.65
CA ARG D 317 -31.69 42.00 -14.03
C ARG D 317 -32.73 40.93 -14.30
N GLN D 318 -33.69 40.79 -13.38
CA GLN D 318 -34.73 39.78 -13.50
C GLN D 318 -35.66 40.07 -14.68
N ALA D 319 -36.17 39.01 -15.28
CA ALA D 319 -37.02 39.11 -16.46
C ALA D 319 -38.45 39.52 -16.06
N SER D 320 -39.29 39.71 -17.07
CA SER D 320 -40.69 40.10 -16.87
C SER D 320 -41.61 38.97 -17.32
N GLU D 321 -42.67 38.73 -16.53
CA GLU D 321 -43.58 37.61 -16.77
C GLU D 321 -45.02 38.12 -16.80
N PHE D 322 -45.43 38.61 -17.98
CA PHE D 322 -46.82 38.84 -18.38
C PHE D 322 -47.49 40.03 -17.68
N ILE D 323 -46.83 40.58 -16.66
CA ILE D 323 -47.28 41.75 -15.88
C ILE D 323 -48.74 41.60 -15.44
N PRO D 324 -49.03 40.74 -14.46
CA PRO D 324 -50.42 40.56 -14.03
C PRO D 324 -50.98 41.81 -13.36
N ALA D 325 -52.28 42.02 -13.56
CA ALA D 325 -52.98 43.15 -12.97
C ALA D 325 -54.46 42.81 -12.85
N GLN D 326 -55.15 43.54 -11.98
CA GLN D 326 -56.58 43.35 -11.76
C GLN D 326 -57.34 44.49 -12.43
N GLY D 327 -58.27 44.13 -13.31
CA GLY D 327 -59.06 45.11 -14.02
C GLY D 327 -58.37 45.77 -15.19
N VAL D 328 -57.15 45.35 -15.51
CA VAL D 328 -56.36 45.95 -16.59
C VAL D 328 -56.16 44.90 -17.67
N ASP D 329 -56.56 45.23 -18.90
CA ASP D 329 -56.46 44.30 -20.01
C ASP D 329 -55.01 44.12 -20.43
N GLU D 330 -54.73 43.04 -21.16
CA GLU D 330 -53.38 42.76 -21.63
C GLU D 330 -52.88 43.82 -22.60
N LYS D 331 -53.77 44.34 -23.46
CA LYS D 331 -53.35 45.38 -24.39
C LYS D 331 -53.05 46.69 -23.68
N THR D 332 -53.83 47.03 -22.65
CA THR D 332 -53.51 48.20 -21.85
C THR D 332 -52.24 48.00 -21.04
N LEU D 333 -51.96 46.77 -20.60
CA LEU D 333 -50.69 46.48 -19.94
C LEU D 333 -49.53 46.63 -20.92
N ALA D 334 -49.74 46.23 -22.19
CA ALA D 334 -48.72 46.43 -23.20
C ALA D 334 -48.49 47.91 -23.50
N ASP D 335 -49.58 48.70 -23.47
CA ASP D 335 -49.44 50.15 -23.61
C ASP D 335 -48.65 50.74 -22.44
N ALA D 336 -48.90 50.23 -21.23
CA ALA D 336 -48.11 50.65 -20.07
C ALA D 336 -46.65 50.25 -20.22
N ALA D 337 -46.39 49.08 -20.79
CA ALA D 337 -45.02 48.65 -21.05
C ALA D 337 -44.35 49.56 -22.08
N GLN D 338 -45.10 49.99 -23.10
CA GLN D 338 -44.56 50.93 -24.07
C GLN D 338 -44.23 52.28 -23.43
N LEU D 339 -45.13 52.77 -22.58
CA LEU D 339 -44.89 54.04 -21.89
C LEU D 339 -43.72 53.93 -20.92
N ALA D 340 -43.53 52.76 -20.31
CA ALA D 340 -42.33 52.53 -19.51
C ALA D 340 -41.08 52.45 -20.38
N SER D 341 -41.22 51.89 -21.59
CA SER D 341 -40.11 51.86 -22.54
C SER D 341 -39.73 53.24 -23.03
N LEU D 342 -40.64 54.20 -22.94
CA LEU D 342 -40.31 55.61 -23.15
C LEU D 342 -39.80 56.28 -21.87
N ALA D 343 -39.29 55.51 -20.93
CA ALA D 343 -38.79 56.02 -19.65
C ALA D 343 -37.65 55.11 -19.20
N ASP D 344 -37.33 55.17 -17.90
CA ASP D 344 -36.33 54.33 -17.25
C ASP D 344 -34.94 54.52 -17.87
N GLU D 345 -34.41 55.73 -17.67
CA GLU D 345 -33.11 56.10 -18.22
C GLU D 345 -31.94 55.49 -17.46
N THR D 346 -32.18 54.85 -16.32
CA THR D 346 -31.13 54.14 -15.62
C THR D 346 -30.71 52.91 -16.43
N PRO D 347 -29.50 52.38 -16.20
CA PRO D 347 -29.12 51.14 -16.90
C PRO D 347 -29.98 49.93 -16.54
N GLU D 348 -30.27 49.74 -15.25
CA GLU D 348 -31.17 48.67 -14.85
C GLU D 348 -32.59 48.92 -15.36
N GLY D 349 -33.01 50.18 -15.36
CA GLY D 349 -34.31 50.50 -15.94
C GLY D 349 -34.40 50.21 -17.42
N ARG D 350 -33.31 50.49 -18.16
CA ARG D 350 -33.25 50.15 -19.57
C ARG D 350 -33.22 48.64 -19.80
N SER D 351 -32.60 47.90 -18.87
CA SER D 351 -32.68 46.44 -18.91
C SER D 351 -34.13 45.97 -18.75
N ILE D 352 -34.85 46.56 -17.80
CA ILE D 352 -36.27 46.23 -17.62
C ILE D 352 -37.05 46.61 -18.88
N VAL D 353 -36.69 47.73 -19.50
CA VAL D 353 -37.34 48.20 -20.74
C VAL D 353 -37.17 47.18 -21.86
N ILE D 354 -35.94 46.72 -22.08
CA ILE D 354 -35.70 45.80 -23.19
C ILE D 354 -36.29 44.43 -22.90
N LEU D 355 -36.32 44.01 -21.63
CA LEU D 355 -37.01 42.75 -21.29
C LEU D 355 -38.51 42.86 -21.53
N ALA D 356 -39.12 44.00 -21.18
CA ALA D 356 -40.55 44.19 -21.46
C ALA D 356 -40.82 44.24 -22.96
N LYS D 357 -39.93 44.87 -23.72
CA LYS D 357 -40.12 44.95 -25.17
C LYS D 357 -39.99 43.58 -25.83
N GLN D 358 -39.03 42.76 -25.38
CA GLN D 358 -38.91 41.41 -25.93
C GLN D 358 -40.01 40.49 -25.40
N ARG D 359 -40.63 40.84 -24.27
CA ARG D 359 -41.83 40.12 -23.85
C ARG D 359 -43.00 40.43 -24.77
N PHE D 360 -43.24 41.70 -25.05
CA PHE D 360 -44.32 42.11 -25.95
C PHE D 360 -43.83 43.31 -26.77
N ASN D 361 -43.35 43.02 -27.99
CA ASN D 361 -42.92 44.07 -28.91
C ASN D 361 -44.10 44.96 -29.30
N LEU D 362 -43.87 46.27 -29.26
CA LEU D 362 -44.85 47.25 -29.70
C LEU D 362 -44.12 48.41 -30.36
N ARG D 363 -44.54 48.77 -31.57
CA ARG D 363 -43.88 49.81 -32.36
C ARG D 363 -44.85 50.92 -32.75
N GLU D 364 -45.81 51.23 -31.88
CA GLU D 364 -46.74 52.31 -32.18
C GLU D 364 -46.06 53.67 -32.11
N ARG D 365 -45.28 53.92 -31.06
CA ARG D 365 -44.55 55.17 -30.90
C ARG D 365 -43.15 54.88 -30.39
N ASP D 366 -42.20 55.73 -30.78
CA ASP D 366 -40.81 55.57 -30.37
C ASP D 366 -40.30 56.85 -29.73
N VAL D 367 -38.98 56.92 -29.50
CA VAL D 367 -38.38 58.09 -28.87
C VAL D 367 -38.42 59.32 -29.77
N GLN D 368 -38.56 59.13 -31.08
CA GLN D 368 -38.60 60.27 -31.99
C GLN D 368 -40.01 60.84 -32.12
N SER D 369 -41.01 59.96 -32.29
CA SER D 369 -42.39 60.41 -32.36
C SER D 369 -42.86 60.98 -31.01
N LEU D 370 -42.49 60.32 -29.92
CA LEU D 370 -42.79 60.79 -28.57
C LEU D 370 -41.46 61.22 -27.96
N HIS D 371 -41.19 62.52 -27.99
CA HIS D 371 -39.92 63.07 -27.49
C HIS D 371 -39.95 63.04 -25.97
N ALA D 372 -39.62 61.87 -25.43
CA ALA D 372 -39.62 61.67 -23.99
C ALA D 372 -38.39 62.32 -23.36
N THR D 373 -38.61 62.98 -22.23
CA THR D 373 -37.49 63.58 -21.49
C THR D 373 -36.66 62.48 -20.85
N PHE D 374 -35.34 62.55 -21.07
CA PHE D 374 -34.42 61.51 -20.63
C PHE D 374 -33.77 61.97 -19.32
N VAL D 375 -34.47 61.77 -18.22
CA VAL D 375 -34.00 62.18 -16.90
C VAL D 375 -33.98 60.97 -15.97
N PRO D 376 -33.01 60.88 -15.06
CA PRO D 376 -32.95 59.75 -14.14
C PRO D 376 -33.86 59.98 -12.93
N PHE D 377 -33.79 59.04 -11.98
CA PHE D 377 -34.62 59.12 -10.79
C PHE D 377 -34.11 60.18 -9.82
N THR D 378 -35.01 60.62 -8.96
CA THR D 378 -34.69 61.58 -7.90
C THR D 378 -34.38 60.81 -6.62
N ALA D 379 -33.31 61.21 -5.93
CA ALA D 379 -32.82 60.45 -4.78
C ALA D 379 -33.77 60.51 -3.59
N GLN D 380 -34.60 61.55 -3.48
CA GLN D 380 -35.46 61.68 -2.32
C GLN D 380 -36.65 60.74 -2.36
N SER D 381 -37.12 60.35 -3.56
CA SER D 381 -38.33 59.55 -3.66
C SER D 381 -38.24 58.39 -4.64
N ARG D 382 -37.10 58.18 -5.30
CA ARG D 382 -36.94 57.19 -6.37
C ARG D 382 -38.03 57.33 -7.43
N MET D 383 -38.20 58.57 -7.90
CA MET D 383 -39.29 58.92 -8.79
C MET D 383 -38.77 59.38 -10.14
N SER D 384 -39.53 59.06 -11.18
CA SER D 384 -39.19 59.50 -12.52
C SER D 384 -39.61 60.94 -12.73
N GLY D 385 -38.73 61.72 -13.33
CA GLY D 385 -39.00 63.12 -13.62
C GLY D 385 -39.71 63.36 -14.93
N ILE D 386 -40.16 62.30 -15.60
CA ILE D 386 -40.81 62.43 -16.90
C ILE D 386 -42.28 62.79 -16.72
N ASN D 387 -42.71 63.87 -17.37
CA ASN D 387 -44.10 64.30 -17.33
C ASN D 387 -44.59 64.74 -18.71
N ILE D 388 -43.80 64.55 -19.77
CA ILE D 388 -44.12 65.10 -21.09
C ILE D 388 -45.21 64.34 -21.80
N ASP D 389 -45.57 63.14 -21.34
CA ASP D 389 -46.63 62.37 -21.97
C ASP D 389 -48.00 62.87 -21.51
N ASN D 390 -49.05 62.27 -22.08
CA ASN D 390 -50.41 62.65 -21.69
C ASN D 390 -50.73 62.24 -20.26
N ARG D 391 -50.20 61.10 -19.81
CA ARG D 391 -50.39 60.64 -18.45
C ARG D 391 -49.19 61.05 -17.60
N MET D 392 -49.44 61.35 -16.32
CA MET D 392 -48.38 61.72 -15.40
C MET D 392 -47.67 60.44 -14.95
N ILE D 393 -46.40 60.31 -15.32
CA ILE D 393 -45.67 59.05 -15.19
C ILE D 393 -44.87 59.05 -13.90
N ARG D 394 -45.00 57.97 -13.12
CA ARG D 394 -44.19 57.75 -11.92
C ARG D 394 -43.68 56.31 -11.92
N LYS D 395 -42.39 56.15 -11.67
CA LYS D 395 -41.74 54.84 -11.63
C LYS D 395 -41.08 54.69 -10.26
N GLY D 396 -41.75 54.00 -9.34
CA GLY D 396 -41.23 53.85 -8.00
C GLY D 396 -41.75 52.59 -7.34
N SER D 397 -41.31 52.37 -6.10
CA SER D 397 -41.70 51.22 -5.31
C SER D 397 -43.05 51.49 -4.63
N VAL D 398 -43.43 50.62 -3.68
CA VAL D 398 -44.73 50.77 -3.02
C VAL D 398 -44.74 52.00 -2.12
N ASP D 399 -43.71 52.15 -1.28
CA ASP D 399 -43.63 53.32 -0.40
C ASP D 399 -43.46 54.60 -1.21
N ALA D 400 -42.68 54.52 -2.30
CA ALA D 400 -42.50 55.67 -3.18
C ALA D 400 -43.82 56.10 -3.81
N ILE D 401 -44.59 55.14 -4.31
CA ILE D 401 -45.85 55.52 -4.96
C ILE D 401 -46.89 55.95 -3.93
N ARG D 402 -46.83 55.45 -2.69
CA ARG D 402 -47.71 55.98 -1.64
C ARG D 402 -47.38 57.44 -1.35
N ARG D 403 -46.08 57.76 -1.22
CA ARG D 403 -45.67 59.14 -1.01
C ARG D 403 -46.06 60.02 -2.19
N HIS D 404 -46.02 59.46 -3.41
CA HIS D 404 -46.52 60.20 -4.57
C HIS D 404 -48.03 60.44 -4.49
N VAL D 405 -48.77 59.47 -3.96
CA VAL D 405 -50.23 59.63 -3.84
C VAL D 405 -50.57 60.75 -2.87
N GLU D 406 -50.02 60.72 -1.65
CA GLU D 406 -50.27 61.86 -0.76
C GLU D 406 -49.44 63.10 -1.10
N ALA D 407 -48.59 63.07 -2.11
CA ALA D 407 -47.99 64.32 -2.59
C ALA D 407 -48.84 64.99 -3.67
N ASN D 408 -49.38 64.22 -4.61
CA ASN D 408 -50.10 64.77 -5.75
C ASN D 408 -51.56 64.34 -5.81
N GLY D 409 -51.84 63.04 -5.72
CA GLY D 409 -53.16 62.53 -6.02
C GLY D 409 -54.11 62.45 -4.85
N GLY D 410 -53.59 62.60 -3.63
CA GLY D 410 -54.45 62.56 -2.45
C GLY D 410 -54.50 61.22 -1.76
N HIS D 411 -55.57 60.47 -1.98
CA HIS D 411 -55.78 59.18 -1.32
C HIS D 411 -55.72 58.05 -2.34
N PHE D 412 -55.09 56.92 -1.94
CA PHE D 412 -54.90 55.72 -2.74
C PHE D 412 -55.98 54.70 -2.44
N PRO D 413 -56.41 53.93 -3.44
CA PRO D 413 -57.40 52.88 -3.21
C PRO D 413 -56.74 51.63 -2.63
N THR D 414 -57.58 50.66 -2.27
CA THR D 414 -57.12 49.40 -1.74
C THR D 414 -56.75 48.39 -2.83
N ASP D 415 -57.07 48.70 -4.09
CA ASP D 415 -56.70 47.80 -5.19
C ASP D 415 -55.19 47.69 -5.34
N VAL D 416 -54.48 48.82 -5.25
CA VAL D 416 -53.03 48.79 -5.32
C VAL D 416 -52.44 48.08 -4.11
N ASP D 417 -53.08 48.22 -2.93
CA ASP D 417 -52.60 47.53 -1.74
C ASP D 417 -52.74 46.01 -1.86
N GLN D 418 -53.90 45.54 -2.34
CA GLN D 418 -54.08 44.10 -2.47
C GLN D 418 -53.25 43.53 -3.62
N LYS D 419 -52.98 44.35 -4.65
CA LYS D 419 -52.09 43.89 -5.72
C LYS D 419 -50.66 43.78 -5.22
N VAL D 420 -50.21 44.73 -4.39
CA VAL D 420 -48.90 44.64 -3.77
C VAL D 420 -48.82 43.42 -2.87
N ASP D 421 -49.91 43.11 -2.15
CA ASP D 421 -49.94 41.93 -1.30
C ASP D 421 -49.84 40.65 -2.13
N GLN D 422 -50.55 40.59 -3.26
CA GLN D 422 -50.47 39.42 -4.14
C GLN D 422 -49.08 39.26 -4.72
N VAL D 423 -48.45 40.37 -5.13
CA VAL D 423 -47.09 40.31 -5.65
C VAL D 423 -46.12 39.86 -4.56
N ALA D 424 -46.31 40.35 -3.33
CA ALA D 424 -45.45 39.97 -2.22
C ALA D 424 -45.55 38.49 -1.90
N ARG D 425 -46.76 37.93 -1.95
CA ARG D 425 -46.88 36.50 -1.72
C ARG D 425 -46.49 35.66 -2.93
N GLN D 426 -46.41 36.26 -4.12
CA GLN D 426 -45.98 35.54 -5.32
C GLN D 426 -44.49 35.67 -5.61
N GLY D 427 -43.78 36.56 -4.93
CA GLY D 427 -42.36 36.75 -5.16
C GLY D 427 -42.01 37.99 -5.96
N ALA D 428 -40.96 37.89 -6.78
CA ALA D 428 -40.53 38.95 -7.71
C ALA D 428 -40.19 40.22 -6.93
N THR D 429 -40.39 41.39 -7.55
CA THR D 429 -40.14 42.67 -6.92
C THR D 429 -41.43 43.49 -6.87
N PRO D 430 -41.62 44.30 -5.82
CA PRO D 430 -42.89 45.04 -5.69
C PRO D 430 -42.89 46.40 -6.38
N LEU D 431 -41.96 46.64 -7.29
CA LEU D 431 -41.91 47.92 -8.00
C LEU D 431 -43.12 48.07 -8.91
N VAL D 432 -43.70 49.27 -8.90
CA VAL D 432 -44.96 49.55 -9.59
C VAL D 432 -44.72 50.59 -10.66
N VAL D 433 -45.24 50.35 -11.86
CA VAL D 433 -45.29 51.36 -12.91
C VAL D 433 -46.66 52.06 -12.85
N VAL D 434 -46.64 53.38 -12.82
CA VAL D 434 -47.84 54.19 -12.66
C VAL D 434 -47.81 55.32 -13.70
N GLU D 435 -48.90 55.45 -14.46
CA GLU D 435 -49.07 56.55 -15.40
C GLU D 435 -50.39 57.23 -15.10
N GLY D 436 -50.34 58.55 -14.89
CA GLY D 436 -51.54 59.29 -14.54
C GLY D 436 -51.95 59.11 -13.09
N SER D 437 -53.26 59.16 -12.85
CA SER D 437 -53.81 59.02 -11.51
C SER D 437 -54.28 57.60 -11.22
N ARG D 438 -54.00 56.65 -12.12
CA ARG D 438 -54.38 55.26 -11.95
C ARG D 438 -53.14 54.39 -12.10
N VAL D 439 -53.05 53.36 -11.27
CA VAL D 439 -51.94 52.41 -11.35
C VAL D 439 -52.13 51.54 -12.59
N LEU D 440 -51.02 51.13 -13.19
CA LEU D 440 -51.05 50.25 -14.36
C LEU D 440 -50.58 48.83 -14.02
N GLY D 441 -50.57 48.48 -12.74
CA GLY D 441 -50.21 47.14 -12.33
C GLY D 441 -48.78 47.01 -11.87
N VAL D 442 -48.55 46.17 -10.87
CA VAL D 442 -47.20 45.89 -10.40
C VAL D 442 -46.54 44.93 -11.38
N ILE D 443 -45.36 45.30 -11.88
CA ILE D 443 -44.69 44.50 -12.89
C ILE D 443 -44.11 43.24 -12.25
N ALA D 444 -44.42 42.09 -12.83
CA ALA D 444 -43.81 40.85 -12.39
C ALA D 444 -42.34 40.83 -12.80
N LEU D 445 -41.46 40.62 -11.83
CA LEU D 445 -40.03 40.66 -12.07
C LEU D 445 -39.36 39.40 -11.52
N LYS D 446 -39.91 38.25 -11.89
CA LYS D 446 -39.28 36.98 -11.55
C LYS D 446 -38.05 36.77 -12.41
N ASP D 447 -37.02 36.18 -11.83
CA ASP D 447 -35.74 36.02 -12.51
C ASP D 447 -35.71 34.75 -13.35
N ILE D 448 -34.71 34.67 -14.22
CA ILE D 448 -34.50 33.53 -15.10
C ILE D 448 -33.06 33.07 -14.94
N VAL D 449 -32.85 31.76 -14.98
CA VAL D 449 -31.52 31.18 -14.84
C VAL D 449 -30.81 31.30 -16.20
N LYS D 450 -29.86 32.21 -16.30
CA LYS D 450 -29.12 32.42 -17.53
C LYS D 450 -28.08 31.33 -17.72
N GLY D 451 -27.56 31.23 -18.95
CA GLY D 451 -26.49 30.30 -19.24
C GLY D 451 -26.93 28.85 -19.25
N GLY D 452 -25.93 27.97 -19.24
CA GLY D 452 -26.15 26.54 -19.24
C GLY D 452 -25.88 25.92 -17.88
N ILE D 453 -26.26 26.64 -16.82
CA ILE D 453 -25.97 26.19 -15.45
C ILE D 453 -26.72 24.91 -15.13
N LYS D 454 -27.82 24.62 -15.84
CA LYS D 454 -28.51 23.35 -15.66
C LYS D 454 -27.64 22.17 -16.05
N GLU D 455 -27.04 22.21 -17.23
CA GLU D 455 -26.14 21.12 -17.61
C GLU D 455 -24.81 21.19 -16.88
N ARG D 456 -24.40 22.36 -16.40
CA ARG D 456 -23.22 22.42 -15.53
C ARG D 456 -23.47 21.68 -14.22
N PHE D 457 -24.63 21.88 -13.62
CA PHE D 457 -24.99 21.14 -12.41
C PHE D 457 -25.23 19.67 -12.70
N ALA D 458 -25.71 19.34 -13.90
CA ALA D 458 -25.83 17.95 -14.30
C ALA D 458 -24.46 17.28 -14.39
N GLN D 459 -23.47 18.00 -14.93
CA GLN D 459 -22.10 17.49 -14.95
C GLN D 459 -21.55 17.33 -13.54
N LEU D 460 -21.86 18.29 -12.66
CA LEU D 460 -21.42 18.21 -11.26
C LEU D 460 -22.03 17.01 -10.56
N ARG D 461 -23.31 16.74 -10.79
CA ARG D 461 -23.96 15.58 -10.19
C ARG D 461 -23.43 14.28 -10.78
N LYS D 462 -23.09 14.28 -12.08
CA LYS D 462 -22.47 13.12 -12.69
C LYS D 462 -21.10 12.84 -12.07
N MET D 463 -20.35 13.89 -11.77
CA MET D 463 -19.07 13.74 -11.10
C MET D 463 -19.20 13.50 -9.60
N GLY D 464 -20.41 13.42 -9.07
CA GLY D 464 -20.63 13.14 -7.67
C GLY D 464 -20.18 14.24 -6.72
N ILE D 465 -20.48 15.49 -7.04
CA ILE D 465 -20.15 16.63 -6.19
C ILE D 465 -21.46 17.27 -5.74
N LYS D 466 -21.63 17.40 -4.43
CA LYS D 466 -22.82 18.03 -3.88
C LYS D 466 -22.85 19.52 -4.22
N THR D 467 -24.02 20.00 -4.63
CA THR D 467 -24.21 21.40 -5.01
C THR D 467 -25.27 22.01 -4.09
N VAL D 468 -24.83 22.88 -3.19
CA VAL D 468 -25.72 23.52 -2.21
C VAL D 468 -25.77 25.01 -2.56
N MET D 469 -26.98 25.55 -2.67
CA MET D 469 -27.19 26.92 -3.14
C MET D 469 -27.65 27.77 -1.96
N ILE D 470 -26.82 28.74 -1.58
CA ILE D 470 -27.04 29.50 -0.35
C ILE D 470 -27.22 30.97 -0.73
N THR D 471 -28.47 31.43 -0.81
CA THR D 471 -28.76 32.86 -0.78
C THR D 471 -29.68 33.24 0.36
N GLY D 472 -30.80 32.54 0.52
CA GLY D 472 -31.68 32.77 1.65
C GLY D 472 -32.69 33.88 1.47
N ASP D 473 -33.54 33.79 0.45
CA ASP D 473 -34.63 34.74 0.30
C ASP D 473 -35.92 34.21 0.92
N ASN D 474 -36.44 33.09 0.41
CA ASN D 474 -37.56 32.38 1.00
C ASN D 474 -37.53 30.96 0.45
N ARG D 475 -38.28 30.08 1.13
CA ARG D 475 -38.23 28.65 0.81
C ARG D 475 -38.87 28.34 -0.54
N LEU D 476 -39.92 29.07 -0.92
CA LEU D 476 -40.62 28.77 -2.16
C LEU D 476 -39.77 29.14 -3.39
N THR D 477 -39.21 30.36 -3.39
CA THR D 477 -38.42 30.77 -4.55
C THR D 477 -37.08 30.04 -4.58
N ALA D 478 -36.56 29.61 -3.42
CA ALA D 478 -35.37 28.77 -3.42
C ALA D 478 -35.66 27.40 -4.02
N ALA D 479 -36.84 26.86 -3.72
CA ALA D 479 -37.26 25.59 -4.32
C ALA D 479 -37.41 25.73 -5.83
N ALA D 480 -38.01 26.84 -6.29
CA ALA D 480 -38.14 27.06 -7.73
C ALA D 480 -36.78 27.23 -8.40
N ILE D 481 -35.88 27.99 -7.77
CA ILE D 481 -34.54 28.20 -8.33
C ILE D 481 -33.78 26.88 -8.40
N ALA D 482 -33.93 26.04 -7.37
CA ALA D 482 -33.36 24.70 -7.43
C ALA D 482 -33.98 23.87 -8.55
N ALA D 483 -35.29 24.01 -8.76
CA ALA D 483 -36.00 23.22 -9.75
C ALA D 483 -35.51 23.51 -11.17
N GLU D 484 -35.40 24.80 -11.52
CA GLU D 484 -34.87 25.13 -12.85
C GLU D 484 -33.39 25.54 -12.82
N ALA D 485 -32.65 25.14 -11.78
CA ALA D 485 -31.21 25.27 -11.77
C ALA D 485 -30.49 23.93 -11.77
N GLY D 486 -30.82 23.04 -10.82
CA GLY D 486 -30.20 21.73 -10.81
C GLY D 486 -29.56 21.34 -9.50
N VAL D 487 -29.50 22.26 -8.54
CA VAL D 487 -28.99 21.91 -7.22
C VAL D 487 -30.00 21.04 -6.51
N ASP D 488 -29.51 19.96 -5.88
CA ASP D 488 -30.40 19.01 -5.21
C ASP D 488 -30.85 19.49 -3.84
N ASP D 489 -30.27 20.57 -3.32
CA ASP D 489 -30.71 21.16 -2.08
C ASP D 489 -30.33 22.64 -2.08
N PHE D 490 -30.72 23.33 -1.01
CA PHE D 490 -30.43 24.76 -0.88
C PHE D 490 -30.42 25.09 0.61
N LEU D 491 -30.36 26.39 0.92
CA LEU D 491 -30.40 26.85 2.31
C LEU D 491 -31.11 28.20 2.33
N ALA D 492 -32.40 28.18 2.62
CA ALA D 492 -33.16 29.42 2.73
C ALA D 492 -32.94 30.06 4.10
N GLU D 493 -33.28 31.35 4.17
CA GLU D 493 -33.05 32.20 5.35
C GLU D 493 -31.58 32.15 5.80
N ALA D 494 -30.72 32.63 4.92
CA ALA D 494 -29.28 32.51 5.09
C ALA D 494 -28.71 33.74 5.79
N THR D 495 -27.90 33.50 6.80
CA THR D 495 -27.15 34.52 7.54
C THR D 495 -25.70 34.07 7.59
N PRO D 496 -24.76 34.99 7.80
CA PRO D 496 -23.34 34.58 7.89
C PRO D 496 -23.05 33.57 8.99
N GLU D 497 -23.69 33.70 10.16
CA GLU D 497 -23.46 32.73 11.22
C GLU D 497 -24.04 31.36 10.85
N ALA D 498 -25.17 31.34 10.14
CA ALA D 498 -25.71 30.08 9.65
C ALA D 498 -24.80 29.46 8.58
N LYS D 499 -24.17 30.30 7.75
CA LYS D 499 -23.24 29.79 6.75
C LYS D 499 -22.01 29.18 7.42
N LEU D 500 -21.47 29.85 8.45
CA LEU D 500 -20.35 29.27 9.19
C LEU D 500 -20.74 27.98 9.88
N ALA D 501 -21.93 27.94 10.49
CA ALA D 501 -22.38 26.72 11.16
C ALA D 501 -22.56 25.57 10.17
N LEU D 502 -23.15 25.85 9.01
CA LEU D 502 -23.36 24.81 8.01
C LEU D 502 -22.04 24.31 7.45
N ILE D 503 -21.10 25.22 7.17
CA ILE D 503 -19.83 24.79 6.58
C ILE D 503 -18.99 24.02 7.61
N ARG D 504 -19.04 24.40 8.90
CA ARG D 504 -18.31 23.63 9.89
C ARG D 504 -19.01 22.32 10.21
N GLN D 505 -20.33 22.24 10.01
CA GLN D 505 -21.02 20.96 10.15
C GLN D 505 -20.66 20.01 9.02
N TYR D 506 -20.57 20.53 7.79
CA TYR D 506 -20.11 19.71 6.67
C TYR D 506 -18.66 19.28 6.85
N GLN D 507 -17.81 20.17 7.36
CA GLN D 507 -16.42 19.79 7.61
C GLN D 507 -16.29 18.83 8.79
N ALA D 508 -17.25 18.85 9.72
CA ALA D 508 -17.24 17.96 10.86
C ALA D 508 -18.00 16.66 10.63
N GLU D 509 -18.69 16.52 9.50
CA GLU D 509 -19.41 15.30 9.19
C GLU D 509 -18.59 14.32 8.37
N GLY D 510 -17.38 14.70 7.96
CA GLY D 510 -16.55 13.83 7.15
C GLY D 510 -16.65 14.13 5.67
N ARG D 511 -16.74 15.41 5.33
CA ARG D 511 -16.82 15.83 3.94
C ARG D 511 -15.99 17.09 3.75
N LEU D 512 -15.62 17.36 2.50
CA LEU D 512 -14.83 18.51 2.14
C LEU D 512 -15.70 19.46 1.32
N VAL D 513 -15.48 20.76 1.48
CA VAL D 513 -16.35 21.78 0.92
C VAL D 513 -15.53 22.76 0.08
N ALA D 514 -16.26 23.62 -0.63
CA ALA D 514 -15.65 24.68 -1.44
C ALA D 514 -16.67 25.79 -1.63
N MET D 515 -16.20 27.03 -1.54
CA MET D 515 -17.05 28.21 -1.72
C MET D 515 -16.56 29.00 -2.93
N THR D 516 -17.52 29.56 -3.67
CA THR D 516 -17.25 30.40 -4.83
C THR D 516 -17.98 31.73 -4.67
N GLY D 517 -17.84 32.33 -3.50
CA GLY D 517 -18.50 33.58 -3.20
C GLY D 517 -17.80 34.78 -3.82
N ASP D 518 -18.46 35.93 -3.72
CA ASP D 518 -17.95 37.16 -4.33
C ASP D 518 -17.87 38.30 -3.33
N GLY D 519 -18.82 38.37 -2.40
CA GLY D 519 -18.91 39.48 -1.49
C GLY D 519 -17.97 39.38 -0.30
N THR D 520 -18.00 40.42 0.53
CA THR D 520 -17.20 40.48 1.74
C THR D 520 -17.94 39.88 2.94
N ASN D 521 -19.28 39.85 2.89
CA ASN D 521 -20.05 39.26 3.98
C ASN D 521 -19.80 37.76 4.10
N ASP D 522 -19.72 37.06 2.97
CA ASP D 522 -19.40 35.64 2.97
C ASP D 522 -17.91 35.37 2.84
N ALA D 523 -17.08 36.41 2.82
CA ALA D 523 -15.64 36.22 2.83
C ALA D 523 -15.10 35.50 4.07
N PRO D 524 -15.56 35.74 5.31
CA PRO D 524 -15.10 34.89 6.41
C PRO D 524 -15.43 33.41 6.24
N ALA D 525 -16.62 33.08 5.74
CA ALA D 525 -16.95 31.68 5.48
C ALA D 525 -16.10 31.10 4.37
N LEU D 526 -15.84 31.91 3.33
CA LEU D 526 -15.02 31.46 2.21
C LEU D 526 -13.57 31.22 2.64
N ALA D 527 -13.05 32.07 3.53
CA ALA D 527 -11.70 31.85 4.06
C ALA D 527 -11.67 30.71 5.06
N GLN D 528 -12.78 30.46 5.76
CA GLN D 528 -12.86 29.31 6.65
C GLN D 528 -12.93 28.00 5.88
N ALA D 529 -13.45 28.04 4.65
CA ALA D 529 -13.48 26.86 3.81
C ALA D 529 -12.07 26.42 3.45
N ASP D 530 -11.84 25.11 3.49
CA ASP D 530 -10.53 24.56 3.15
C ASP D 530 -10.22 24.67 1.67
N VAL D 531 -11.24 24.84 0.83
CA VAL D 531 -11.08 25.19 -0.58
C VAL D 531 -11.83 26.48 -0.81
N ALA D 532 -11.13 27.49 -1.33
CA ALA D 532 -11.69 28.83 -1.45
C ALA D 532 -11.48 29.31 -2.89
N VAL D 533 -12.58 29.49 -3.61
CA VAL D 533 -12.56 30.01 -4.97
C VAL D 533 -13.04 31.45 -4.93
N ALA D 534 -12.18 32.38 -5.33
CA ALA D 534 -12.48 33.81 -5.27
C ALA D 534 -13.00 34.29 -6.61
N MET D 535 -13.91 35.26 -6.57
CA MET D 535 -14.51 35.80 -7.78
C MET D 535 -13.71 37.01 -8.25
N ASN D 536 -13.33 37.02 -9.53
CA ASN D 536 -12.66 38.19 -10.09
C ASN D 536 -13.60 39.38 -10.15
N SER D 537 -14.87 39.15 -10.47
CA SER D 537 -15.89 40.18 -10.35
C SER D 537 -16.28 40.46 -8.91
N GLY D 538 -15.81 39.64 -7.97
CA GLY D 538 -16.15 39.81 -6.56
C GLY D 538 -15.28 40.86 -5.88
N THR D 539 -15.50 40.98 -4.57
CA THR D 539 -14.85 42.00 -3.77
C THR D 539 -13.37 41.70 -3.54
N GLN D 540 -12.60 42.77 -3.38
CA GLN D 540 -11.16 42.64 -3.23
C GLN D 540 -10.79 41.89 -1.96
N ALA D 541 -11.38 42.27 -0.82
CA ALA D 541 -11.03 41.65 0.45
C ALA D 541 -11.33 40.16 0.45
N ALA D 542 -12.42 39.77 -0.20
CA ALA D 542 -12.68 38.35 -0.42
C ALA D 542 -11.64 37.73 -1.35
N LYS D 543 -11.10 38.51 -2.29
CA LYS D 543 -10.09 37.96 -3.18
C LYS D 543 -8.79 37.64 -2.44
N GLU D 544 -8.33 38.52 -1.52
CA GLU D 544 -7.24 38.05 -0.65
C GLU D 544 -7.69 36.96 0.31
N ALA D 545 -8.94 36.98 0.75
CA ALA D 545 -9.41 35.94 1.66
C ALA D 545 -9.49 34.56 1.01
N GLY D 546 -9.53 34.51 -0.32
CA GLY D 546 -9.60 33.25 -1.03
C GLY D 546 -8.26 32.56 -1.17
N ASN D 547 -8.32 31.33 -1.69
CA ASN D 547 -7.13 30.56 -2.00
C ASN D 547 -6.81 30.57 -3.49
N MET D 548 -7.83 30.45 -4.34
CA MET D 548 -7.69 30.58 -5.78
C MET D 548 -8.75 31.55 -6.29
N VAL D 549 -8.43 32.23 -7.38
CA VAL D 549 -9.35 33.17 -8.02
C VAL D 549 -9.47 32.82 -9.50
N ASP D 550 -10.70 32.79 -10.00
CA ASP D 550 -10.97 32.53 -11.40
C ASP D 550 -11.25 33.84 -12.12
N LEU D 551 -10.60 34.06 -13.25
CA LEU D 551 -10.62 35.34 -13.94
C LEU D 551 -11.65 35.39 -15.06
N ASP D 552 -12.39 34.32 -15.32
CA ASP D 552 -13.39 34.31 -16.37
C ASP D 552 -14.77 34.70 -15.86
N SER D 553 -14.89 35.04 -14.57
CA SER D 553 -16.16 35.38 -13.93
C SER D 553 -17.19 34.26 -14.07
N ASN D 554 -16.71 33.02 -13.96
CA ASN D 554 -17.56 31.85 -14.10
C ASN D 554 -17.70 31.18 -12.74
N PRO D 555 -18.92 31.10 -12.18
CA PRO D 555 -19.08 30.39 -10.89
C PRO D 555 -18.71 28.91 -10.96
N THR D 556 -19.01 28.25 -12.06
CA THR D 556 -18.68 26.82 -12.22
C THR D 556 -17.38 26.65 -13.00
N LYS D 557 -16.33 27.31 -12.53
CA LYS D 557 -14.96 27.00 -12.94
C LYS D 557 -14.38 25.88 -12.09
N LEU D 558 -15.07 25.54 -11.00
CA LEU D 558 -14.54 24.50 -10.09
C LEU D 558 -14.55 23.16 -10.82
N ILE D 559 -15.48 22.97 -11.74
CA ILE D 559 -15.46 21.70 -12.48
C ILE D 559 -14.14 21.53 -13.22
N GLU D 560 -13.62 22.59 -13.85
CA GLU D 560 -12.33 22.51 -14.50
C GLU D 560 -11.21 22.37 -13.49
N VAL D 561 -11.37 23.01 -12.32
CA VAL D 561 -10.38 22.86 -11.26
C VAL D 561 -10.32 21.41 -10.76
N VAL D 562 -11.48 20.78 -10.58
CA VAL D 562 -11.53 19.36 -10.20
C VAL D 562 -10.91 18.49 -11.29
N HIS D 563 -11.22 18.80 -12.55
CA HIS D 563 -10.67 18.04 -13.67
C HIS D 563 -9.14 18.05 -13.66
N ILE D 564 -8.54 19.23 -13.57
CA ILE D 564 -7.09 19.32 -13.65
C ILE D 564 -6.44 18.78 -12.36
N GLY D 565 -7.04 19.06 -11.20
CA GLY D 565 -6.48 18.58 -9.95
C GLY D 565 -6.51 17.06 -9.84
N LYS D 566 -7.57 16.43 -10.34
CA LYS D 566 -7.58 14.98 -10.40
C LYS D 566 -6.65 14.46 -11.49
N GLN D 567 -6.51 15.21 -12.59
CA GLN D 567 -5.64 14.79 -13.68
C GLN D 567 -4.19 14.69 -13.23
N MET D 568 -3.77 15.63 -12.38
CA MET D 568 -2.38 15.64 -11.90
C MET D 568 -2.07 14.40 -11.05
N LEU D 569 -2.96 14.09 -10.10
CA LEU D 569 -2.78 12.91 -9.26
C LEU D 569 -2.86 11.63 -10.07
N MET D 570 -3.82 11.56 -11.01
CA MET D 570 -3.94 10.37 -11.86
C MET D 570 -2.70 10.18 -12.71
N THR D 571 -2.14 11.28 -13.23
CA THR D 571 -0.94 11.20 -14.06
C THR D 571 0.24 10.70 -13.24
N ARG D 572 0.44 11.22 -12.04
CA ARG D 572 1.62 10.80 -11.28
C ARG D 572 1.48 9.36 -10.79
N GLY D 573 0.29 8.95 -10.35
CA GLY D 573 0.11 7.57 -9.92
C GLY D 573 0.23 6.58 -11.07
N SER D 574 -0.35 6.92 -12.22
CA SER D 574 -0.26 6.07 -13.39
C SER D 574 1.19 5.94 -13.87
N LEU D 575 1.93 7.05 -13.85
CA LEU D 575 3.31 7.01 -14.34
C LEU D 575 4.21 6.23 -13.39
N THR D 576 4.01 6.36 -12.07
CA THR D 576 4.84 5.56 -11.17
C THR D 576 4.46 4.09 -11.23
N THR D 577 3.19 3.75 -11.49
CA THR D 577 2.84 2.35 -11.66
C THR D 577 3.44 1.78 -12.94
N PHE D 578 3.45 2.57 -14.02
CA PHE D 578 4.08 2.13 -15.26
C PHE D 578 5.58 1.93 -15.08
N SER D 579 6.23 2.85 -14.36
CA SER D 579 7.67 2.74 -14.11
C SER D 579 8.00 1.52 -13.26
N ILE D 580 7.14 1.19 -12.30
CA ILE D 580 7.36 -0.02 -11.52
C ILE D 580 7.12 -1.27 -12.35
N ALA D 581 6.06 -1.26 -13.18
CA ALA D 581 5.72 -2.44 -13.95
C ALA D 581 6.70 -2.74 -15.08
N ASN D 582 7.48 -1.75 -15.51
CA ASN D 582 8.51 -2.00 -16.54
C ASN D 582 9.65 -2.88 -16.03
N ASP D 583 9.78 -3.03 -14.70
CA ASP D 583 10.96 -3.68 -14.15
C ASP D 583 10.98 -5.20 -14.37
N VAL D 584 9.82 -5.83 -14.56
CA VAL D 584 9.80 -7.26 -14.87
C VAL D 584 10.43 -7.51 -16.24
N ALA D 585 10.04 -6.69 -17.23
CA ALA D 585 10.65 -6.77 -18.55
C ALA D 585 12.12 -6.40 -18.51
N LYS D 586 12.49 -5.44 -17.66
CA LYS D 586 13.91 -5.10 -17.54
C LYS D 586 14.72 -6.24 -16.93
N TYR D 587 14.14 -6.99 -15.97
CA TYR D 587 14.73 -8.25 -15.53
C TYR D 587 14.90 -9.23 -16.69
N PHE D 588 13.82 -9.45 -17.45
CA PHE D 588 13.86 -10.44 -18.53
C PHE D 588 14.86 -10.05 -19.61
N ALA D 589 15.17 -8.76 -19.74
CA ALA D 589 16.18 -8.30 -20.68
C ALA D 589 17.59 -8.36 -20.12
N ILE D 590 17.78 -8.00 -18.84
CA ILE D 590 19.11 -7.81 -18.29
C ILE D 590 19.68 -9.10 -17.71
N ILE D 591 18.92 -9.76 -16.82
CA ILE D 591 19.52 -10.77 -15.92
C ILE D 591 20.11 -11.97 -16.67
N PRO D 592 19.42 -12.59 -17.65
CA PRO D 592 20.12 -13.62 -18.45
C PRO D 592 21.32 -13.10 -19.20
N ALA D 593 21.27 -11.85 -19.68
CA ALA D 593 22.43 -11.25 -20.34
C ALA D 593 23.49 -10.84 -19.33
N ALA D 594 23.07 -10.36 -18.16
CA ALA D 594 24.04 -9.93 -17.15
C ALA D 594 24.81 -11.10 -16.58
N PHE D 595 24.20 -12.28 -16.51
CA PHE D 595 24.85 -13.45 -15.93
C PHE D 595 25.12 -14.55 -16.96
N ALA D 596 25.23 -14.17 -18.24
CA ALA D 596 25.56 -15.17 -19.26
C ALA D 596 27.04 -15.56 -19.19
N ALA D 597 27.90 -14.68 -18.68
CA ALA D 597 29.33 -14.97 -18.64
C ALA D 597 29.65 -16.02 -17.58
N THR D 598 29.11 -15.87 -16.38
CA THR D 598 29.43 -16.76 -15.28
C THR D 598 28.37 -17.83 -15.01
N TYR D 599 27.16 -17.67 -15.55
CA TYR D 599 26.11 -18.68 -15.46
C TYR D 599 25.58 -18.94 -16.87
N PRO D 600 26.27 -19.77 -17.65
CA PRO D 600 25.79 -20.07 -19.01
C PRO D 600 24.46 -20.79 -19.04
N GLN D 601 24.06 -21.42 -17.93
CA GLN D 601 22.76 -22.08 -17.85
C GLN D 601 21.61 -21.09 -17.78
N LEU D 602 21.89 -19.82 -17.49
CA LEU D 602 20.87 -18.79 -17.40
C LEU D 602 20.52 -18.17 -18.75
N ASN D 603 21.16 -18.61 -19.83
CA ASN D 603 20.93 -18.05 -21.15
C ASN D 603 19.62 -18.52 -21.79
N ALA D 604 18.80 -19.28 -21.08
CA ALA D 604 17.48 -19.65 -21.55
C ALA D 604 16.37 -18.74 -21.02
N LEU D 605 16.74 -17.69 -20.28
CA LEU D 605 15.74 -16.80 -19.70
C LEU D 605 15.39 -15.61 -20.60
N ASN D 606 16.29 -15.24 -21.51
CA ASN D 606 15.97 -14.12 -22.41
C ASN D 606 14.98 -14.58 -23.47
N ILE D 607 13.70 -14.56 -23.12
CA ILE D 607 12.63 -14.98 -24.03
C ILE D 607 12.49 -14.07 -25.24
N MET D 608 13.09 -12.88 -25.20
CA MET D 608 13.09 -11.97 -26.33
C MET D 608 13.99 -12.43 -27.47
N CYS D 609 14.85 -13.43 -27.22
CA CYS D 609 15.89 -13.88 -28.15
C CYS D 609 16.80 -12.73 -28.58
N LEU D 610 17.35 -12.05 -27.58
CA LEU D 610 18.22 -10.90 -27.83
C LEU D 610 19.57 -11.37 -28.37
N HIS D 611 20.33 -10.41 -28.90
CA HIS D 611 21.53 -10.75 -29.66
C HIS D 611 22.69 -11.13 -28.76
N SER D 612 23.15 -10.20 -27.93
CA SER D 612 24.35 -10.42 -27.13
C SER D 612 24.15 -9.80 -25.76
N PRO D 613 24.90 -10.27 -24.75
CA PRO D 613 24.90 -9.57 -23.45
C PRO D 613 25.37 -8.14 -23.54
N ASP D 614 26.29 -7.83 -24.45
CA ASP D 614 26.73 -6.45 -24.64
C ASP D 614 25.70 -5.60 -25.37
N SER D 615 24.68 -6.21 -25.98
CA SER D 615 23.62 -5.45 -26.65
C SER D 615 22.36 -5.32 -25.83
N ALA D 616 22.04 -6.31 -25.00
CA ALA D 616 20.81 -6.27 -24.22
C ALA D 616 20.81 -5.13 -23.20
N ILE D 617 21.96 -4.90 -22.56
CA ILE D 617 22.05 -3.84 -21.56
C ILE D 617 21.94 -2.47 -22.22
N LEU D 618 22.57 -2.29 -23.38
CA LEU D 618 22.41 -1.06 -24.14
C LEU D 618 20.97 -0.85 -24.56
N SER D 619 20.30 -1.92 -24.99
CA SER D 619 18.90 -1.80 -25.39
C SER D 619 18.02 -1.40 -24.21
N ALA D 620 18.30 -1.96 -23.02
CA ALA D 620 17.53 -1.60 -21.83
C ALA D 620 17.74 -0.13 -21.45
N VAL D 621 18.99 0.34 -21.48
CA VAL D 621 19.24 1.73 -21.09
C VAL D 621 18.67 2.70 -22.13
N ILE D 622 18.76 2.34 -23.41
CA ILE D 622 18.19 3.17 -24.46
C ILE D 622 16.67 3.22 -24.32
N PHE D 623 16.04 2.08 -23.98
CA PHE D 623 14.60 2.11 -23.74
C PHE D 623 14.27 2.98 -22.52
N ASN D 624 15.12 2.94 -21.49
CA ASN D 624 14.88 3.76 -20.31
C ASN D 624 14.92 5.24 -20.64
N ALA D 625 15.82 5.66 -21.53
CA ALA D 625 15.85 7.06 -21.93
C ALA D 625 14.67 7.42 -22.85
N LEU D 626 14.39 6.56 -23.83
CA LEU D 626 13.35 6.86 -24.80
C LEU D 626 11.95 6.81 -24.21
N ILE D 627 11.73 6.01 -23.18
CA ILE D 627 10.40 6.03 -22.55
C ILE D 627 10.19 7.35 -21.82
N ILE D 628 11.25 7.92 -21.23
CA ILE D 628 11.13 9.22 -20.59
C ILE D 628 10.83 10.29 -21.62
N VAL D 629 11.58 10.30 -22.73
CA VAL D 629 11.36 11.37 -23.70
C VAL D 629 10.03 11.18 -24.44
N PHE D 630 9.51 9.96 -24.52
CA PHE D 630 8.19 9.74 -25.10
C PHE D 630 7.06 10.06 -24.12
N LEU D 631 7.32 9.97 -22.82
CA LEU D 631 6.30 10.27 -21.82
C LEU D 631 6.36 11.70 -21.31
N ILE D 632 7.30 12.51 -21.79
CA ILE D 632 7.21 13.97 -21.57
C ILE D 632 5.86 14.56 -21.99
N PRO D 633 5.30 14.23 -23.17
CA PRO D 633 3.93 14.70 -23.45
C PRO D 633 2.88 14.19 -22.47
N LEU D 634 3.05 12.99 -21.92
CA LEU D 634 2.13 12.52 -20.90
C LEU D 634 2.31 13.28 -19.59
N ALA D 635 3.53 13.78 -19.34
CA ALA D 635 3.73 14.64 -18.17
C ALA D 635 3.12 16.02 -18.39
N LEU D 636 3.17 16.53 -19.62
CA LEU D 636 2.60 17.84 -19.90
C LEU D 636 1.08 17.78 -19.89
N LYS D 637 0.49 17.00 -20.79
CA LYS D 637 -0.95 16.82 -20.84
C LYS D 637 -1.32 15.59 -20.01
N GLY D 638 -2.19 15.78 -19.03
CA GLY D 638 -2.51 14.73 -18.08
C GLY D 638 -3.33 13.62 -18.70
N VAL D 639 -3.56 12.59 -17.89
CA VAL D 639 -4.38 11.46 -18.30
C VAL D 639 -5.82 11.93 -18.50
N SER D 640 -6.43 11.50 -19.60
CA SER D 640 -7.77 11.92 -19.98
C SER D 640 -8.82 11.53 -18.96
N TYR D 641 -9.38 12.52 -18.27
CA TYR D 641 -10.42 12.29 -17.27
C TYR D 641 -11.73 11.99 -17.97
N LYS D 642 -12.37 10.90 -17.58
CA LYS D 642 -13.74 10.62 -17.93
C LYS D 642 -14.60 10.54 -16.68
N PRO D 643 -15.84 11.02 -16.72
CA PRO D 643 -16.69 10.97 -15.53
C PRO D 643 -17.17 9.56 -15.21
N LEU D 644 -16.31 8.77 -14.58
CA LEU D 644 -16.62 7.39 -14.24
C LEU D 644 -16.55 7.20 -12.73
N THR D 645 -17.08 6.07 -12.28
CA THR D 645 -16.99 5.71 -10.87
C THR D 645 -15.57 5.26 -10.53
N ALA D 646 -15.33 5.08 -9.23
CA ALA D 646 -14.00 4.75 -8.75
C ALA D 646 -13.52 3.39 -9.27
N SER D 647 -14.37 2.38 -9.17
CA SER D 647 -13.97 1.03 -9.60
C SER D 647 -13.72 0.98 -11.11
N ALA D 648 -14.60 1.60 -11.89
CA ALA D 648 -14.44 1.59 -13.35
C ALA D 648 -13.22 2.40 -13.77
N MET D 649 -12.95 3.52 -13.11
CA MET D 649 -11.82 4.34 -13.50
C MET D 649 -10.50 3.68 -13.08
N LEU D 650 -10.49 3.00 -11.93
CA LEU D 650 -9.32 2.22 -11.53
C LEU D 650 -9.08 1.07 -12.50
N ARG D 651 -10.15 0.41 -12.94
CA ARG D 651 -10.03 -0.65 -13.94
C ARG D 651 -9.48 -0.12 -15.26
N ARG D 652 -9.96 1.05 -15.69
CA ARG D 652 -9.46 1.66 -16.92
C ARG D 652 -7.98 2.05 -16.80
N ASN D 653 -7.60 2.63 -15.66
CA ASN D 653 -6.21 3.01 -15.45
C ASN D 653 -5.30 1.79 -15.40
N LEU D 654 -5.77 0.70 -14.79
CA LEU D 654 -5.01 -0.55 -14.80
C LEU D 654 -4.87 -1.08 -16.22
N TRP D 655 -5.99 -1.23 -16.93
CA TRP D 655 -6.02 -1.78 -18.28
C TRP D 655 -5.18 -0.98 -19.26
N ILE D 656 -5.03 0.32 -19.04
CA ILE D 656 -4.15 1.11 -19.90
C ILE D 656 -2.72 0.95 -19.43
N TYR D 657 -2.42 1.42 -18.21
CA TYR D 657 -1.05 1.70 -17.83
C TYR D 657 -0.35 0.50 -17.20
N GLY D 658 -1.04 -0.27 -16.36
CA GLY D 658 -0.44 -1.49 -15.84
C GLY D 658 -0.24 -2.54 -16.91
N LEU D 659 -1.12 -2.57 -17.92
CA LEU D 659 -0.92 -3.43 -19.07
C LEU D 659 0.14 -2.86 -20.01
N GLY D 660 0.28 -1.53 -20.06
CA GLY D 660 1.41 -0.95 -20.77
C GLY D 660 2.73 -1.38 -20.16
N GLY D 661 2.82 -1.37 -18.84
CA GLY D 661 3.90 -2.07 -18.18
C GLY D 661 3.84 -3.56 -18.48
N LEU D 662 5.03 -4.17 -18.62
CA LEU D 662 5.28 -5.57 -18.94
C LEU D 662 4.97 -5.92 -20.40
N LEU D 663 4.39 -5.01 -21.18
CA LEU D 663 4.12 -5.27 -22.59
C LEU D 663 4.81 -4.26 -23.51
N VAL D 664 4.63 -2.97 -23.25
CA VAL D 664 5.37 -1.95 -24.02
C VAL D 664 6.88 -2.07 -23.84
N PRO D 665 7.44 -2.30 -22.64
CA PRO D 665 8.89 -2.53 -22.56
C PRO D 665 9.39 -3.75 -23.35
N PHE D 666 8.56 -4.80 -23.48
CA PHE D 666 8.91 -5.92 -24.35
C PHE D 666 9.18 -5.43 -25.77
N ILE D 667 8.22 -4.69 -26.33
CA ILE D 667 8.34 -4.19 -27.70
C ILE D 667 9.49 -3.20 -27.82
N GLY D 668 9.63 -2.32 -26.82
CA GLY D 668 10.69 -1.30 -26.90
C GLY D 668 12.07 -1.90 -26.88
N ILE D 669 12.32 -2.84 -25.96
CA ILE D 669 13.63 -3.47 -25.87
C ILE D 669 13.91 -4.32 -27.11
N LYS D 670 12.89 -5.05 -27.59
CA LYS D 670 13.09 -5.88 -28.78
C LYS D 670 13.37 -5.04 -30.03
N VAL D 671 12.63 -3.94 -30.21
CA VAL D 671 12.82 -3.08 -31.38
C VAL D 671 14.17 -2.36 -31.31
N ILE D 672 14.56 -1.90 -30.13
CA ILE D 672 15.85 -1.23 -30.00
C ILE D 672 17.00 -2.21 -30.23
N ASP D 673 16.86 -3.44 -29.75
CA ASP D 673 17.88 -4.46 -30.03
C ASP D 673 17.94 -4.78 -31.52
N LEU D 674 16.77 -4.84 -32.18
CA LEU D 674 16.74 -5.09 -33.62
C LEU D 674 17.42 -3.95 -34.39
N LEU D 675 17.17 -2.71 -33.98
CA LEU D 675 17.80 -1.56 -34.62
C LEU D 675 19.31 -1.57 -34.40
N LEU D 676 19.75 -1.96 -33.20
CA LEU D 676 21.18 -2.05 -32.93
C LEU D 676 21.84 -3.14 -33.78
N THR D 677 21.17 -4.28 -33.94
CA THR D 677 21.72 -5.34 -34.79
C THR D 677 21.74 -4.93 -36.25
N VAL D 678 20.71 -4.20 -36.70
CA VAL D 678 20.67 -3.72 -38.08
C VAL D 678 21.79 -2.72 -38.34
N CYS D 679 21.98 -1.78 -37.41
CA CYS D 679 23.06 -0.81 -37.55
C CYS D 679 24.44 -1.44 -37.35
N GLY D 680 24.50 -2.62 -36.73
CA GLY D 680 25.78 -3.29 -36.56
C GLY D 680 26.71 -2.67 -35.56
N LEU D 681 26.18 -1.86 -34.63
CA LEU D 681 27.03 -1.22 -33.63
C LEU D 681 27.58 -2.25 -32.64
N VAL D 682 26.76 -3.20 -32.24
CA VAL D 682 27.18 -4.24 -31.30
C VAL D 682 27.76 -5.43 -32.06
K K E . 8.72 -0.99 -0.80
K K F . 14.23 -25.58 11.57
K K G . 7.92 -9.88 9.54
K K H . 9.53 -6.55 2.02
K K I . 7.65 -6.73 6.18
K K J . 8.36 -18.58 13.56
C1 CDL K . -21.77 -13.87 5.46
O1 CDL K . -21.43 -12.74 6.26
CA2 CDL K . -20.56 -14.76 5.34
OA2 CDL K . -20.63 -15.79 6.36
PA1 CDL K . -20.98 -17.31 5.95
OA3 CDL K . -19.70 -18.08 6.02
OA4 CDL K . -21.81 -17.34 4.70
OA5 CDL K . -21.91 -17.75 7.19
CA3 CDL K . -22.88 -18.82 7.02
CA4 CDL K . -22.14 -20.13 6.98
OA6 CDL K . -22.95 -21.12 6.28
CA5 CDL K . -22.87 -21.19 4.95
OA7 CDL K . -23.81 -20.91 4.24
C11 CDL K . -21.50 -21.62 4.48
C12 CDL K . -21.37 -21.63 2.98
C13 CDL K . -20.75 -20.37 2.44
C14 CDL K . -21.17 -20.03 1.04
C15 CDL K . -20.03 -19.76 0.09
C16 CDL K . -18.96 -20.81 0.08
C17 CDL K . -18.97 -21.69 -1.14
C18 CDL K . -18.52 -23.11 -0.88
C19 CDL K . -17.06 -23.36 -1.13
C20 CDL K . -16.77 -24.16 -2.37
C21 CDL K . -16.59 -25.64 -2.13
C22 CDL K . -15.18 -26.13 -2.37
C23 CDL K . -15.06 -27.13 -3.49
C24 CDL K . -13.96 -26.83 -4.47
C25 CDL K . -14.10 -25.49 -5.17
C26 CDL K . -13.86 -25.53 -6.65
C27 CDL K . -14.85 -24.70 -7.43
CA6 CDL K . -21.74 -20.64 8.34
OA8 CDL K . -20.32 -20.52 8.48
CA7 CDL K . -19.58 -21.62 8.27
OA9 CDL K . -20.05 -22.70 8.03
C31 CDL K . -18.11 -21.32 8.39
C32 CDL K . -17.53 -20.56 7.23
C33 CDL K . -17.98 -21.09 5.88
C34 CDL K . -16.99 -21.99 5.22
C35 CDL K . -17.54 -22.74 4.04
C36 CDL K . -16.87 -22.41 2.74
C37 CDL K . -15.41 -22.07 2.87
C38 CDL K . -14.86 -21.18 1.80
C39 CDL K . -13.48 -21.54 1.34
C40 CDL K . -13.45 -22.30 0.05
C41 CDL K . -12.16 -23.02 -0.22
C42 CDL K . -12.21 -23.99 -1.36
C43 CDL K . -10.90 -24.23 -2.03
C44 CDL K . -10.85 -23.84 -3.48
C45 CDL K . -10.38 -24.94 -4.39
C46 CDL K . -8.88 -25.06 -4.48
C47 CDL K . -8.36 -24.70 -5.86
CB2 CDL K . -22.31 -13.40 4.13
OB2 CDL K . -22.54 -14.53 3.24
PB2 CDL K . -22.04 -14.44 1.72
OB3 CDL K . -22.10 -13.01 1.27
OB4 CDL K . -22.75 -15.51 0.94
OB5 CDL K . -20.50 -14.84 1.83
CB3 CDL K . -20.11 -16.24 1.79
CB4 CDL K . -18.63 -16.40 2.02
OB6 CDL K . -18.41 -16.85 3.38
CB5 CDL K . -17.56 -17.85 3.59
OB7 CDL K . -17.67 -18.92 3.06
C51 CDL K . -16.48 -17.50 4.58
C52 CDL K . -15.12 -17.98 4.19
C53 CDL K . -14.66 -17.43 2.85
C54 CDL K . -13.91 -16.13 2.94
C55 CDL K . -12.79 -16.01 1.95
C56 CDL K . -11.90 -17.22 1.87
C57 CDL K . -11.12 -17.33 0.59
C58 CDL K . -11.41 -18.58 -0.19
C59 CDL K . -10.65 -18.67 -1.50
C60 CDL K . -10.32 -20.07 -1.93
C61 CDL K . -9.02 -20.19 -2.68
C62 CDL K . -9.02 -19.49 -4.01
C63 CDL K . -9.86 -20.15 -5.07
C64 CDL K . -9.06 -20.81 -6.16
C65 CDL K . -8.24 -19.84 -6.97
C66 CDL K . -7.77 -20.38 -8.30
C67 CDL K . -6.99 -21.66 -8.22
CB6 CDL K . -17.82 -15.14 1.78
OB8 CDL K . -17.29 -15.17 0.44
CB7 CDL K . -18.00 -14.53 -0.50
OB9 CDL K . -18.38 -13.40 -0.39
C71 CDL K . -18.30 -15.42 -1.68
C72 CDL K . -17.09 -16.07 -2.26
C73 CDL K . -17.13 -17.58 -2.15
C74 CDL K . -16.45 -18.13 -0.93
C75 CDL K . -15.26 -19.01 -1.21
C76 CDL K . -15.45 -19.95 -2.38
C77 CDL K . -14.17 -20.35 -3.06
C78 CDL K . -14.26 -21.62 -3.87
C79 CDL K . -13.59 -21.53 -5.20
C80 CDL K . -14.21 -20.53 -6.15
C81 CDL K . -13.27 -20.03 -7.21
C82 CDL K . -13.09 -20.97 -8.36
C83 CDL K . -11.77 -20.83 -9.07
C84 CDL K . -11.20 -22.13 -9.59
C85 CDL K . -11.08 -23.21 -8.55
C86 CDL K . -10.88 -24.59 -9.13
C87 CDL K . -9.55 -24.76 -9.81
C1 CDL L . -17.99 -6.51 -7.65
O1 CDL L . -18.81 -7.29 -8.53
CA2 CDL L . -18.70 -6.34 -6.32
OA2 CDL L . -17.77 -6.63 -5.24
PA1 CDL L . -17.96 -7.98 -4.38
OA3 CDL L . -16.81 -8.08 -3.42
OA4 CDL L . -19.38 -8.01 -3.87
OA5 CDL L . -17.76 -9.12 -5.49
CA3 CDL L . -18.79 -10.14 -5.64
CA4 CDL L . -18.12 -11.47 -5.93
OA6 CDL L . -17.19 -11.83 -4.87
CA5 CDL L . -17.68 -12.02 -3.64
OA7 CDL L . -18.69 -12.63 -3.42
C11 CDL L . -16.83 -11.39 -2.57
C12 CDL L . -15.48 -12.01 -2.44
C13 CDL L . -14.36 -10.99 -2.49
C14 CDL L . -13.79 -10.77 -3.87
C15 CDL L . -13.39 -12.04 -4.59
C16 CDL L . -11.96 -12.06 -5.05
C17 CDL L . -11.72 -12.82 -6.32
C18 CDL L . -10.32 -12.74 -6.85
C19 CDL L . -10.17 -11.87 -8.08
C20 CDL L . -8.88 -12.06 -8.83
C21 CDL L . -7.65 -12.05 -7.97
C22 CDL L . -6.43 -12.62 -8.63
C23 CDL L . -5.87 -11.77 -9.74
C24 CDL L . -4.36 -11.77 -9.82
C25 CDL L . -3.75 -10.41 -10.01
C26 CDL L . -2.25 -10.40 -10.11
C27 CDL L . -1.74 -10.27 -11.52
CA6 CDL L . -17.34 -11.49 -7.22
OA8 CDL L . -18.24 -11.24 -8.32
CA7 CDL L . -17.69 -10.86 -9.46
OA9 CDL L . -17.81 -9.76 -9.92
C31 CDL L . -16.89 -11.97 -10.08
C32 CDL L . -17.74 -12.95 -10.86
C33 CDL L . -17.81 -14.31 -10.19
C34 CDL L . -19.19 -14.71 -9.76
C35 CDL L . -19.40 -14.73 -8.26
C36 CDL L . -18.84 -15.94 -7.57
C37 CDL L . -18.17 -15.64 -6.25
C38 CDL L . -16.73 -16.11 -6.17
C39 CDL L . -15.74 -15.00 -5.93
C40 CDL L . -15.10 -14.46 -7.17
C41 CDL L . -14.44 -15.50 -8.04
C42 CDL L . -13.58 -14.92 -9.13
C43 CDL L . -12.36 -15.74 -9.45
C44 CDL L . -11.76 -16.47 -8.28
C45 CDL L . -10.43 -17.10 -8.56
C46 CDL L . -9.26 -16.18 -8.36
C47 CDL L . -8.17 -16.33 -9.39
CB2 CDL L . -17.62 -5.21 -8.31
OB2 CDL L . -16.50 -4.64 -7.60
PB2 CDL L . -15.29 -3.98 -8.44
OB3 CDL L . -14.37 -3.30 -7.48
OB4 CDL L . -15.91 -3.21 -9.58
OB5 CDL L . -14.55 -5.26 -9.06
CB3 CDL L . -14.26 -5.29 -10.47
CB4 CDL L . -14.06 -6.73 -10.91
OB6 CDL L . -13.38 -6.72 -12.19
CB5 CDL L . -12.43 -7.66 -12.40
OB7 CDL L . -12.62 -8.61 -13.11
C51 CDL L . -11.16 -7.36 -11.65
C52 CDL L . -10.42 -8.59 -11.23
C53 CDL L . -8.97 -8.31 -10.91
C54 CDL L . -8.00 -8.85 -11.94
C55 CDL L . -6.56 -8.47 -11.70
C56 CDL L . -6.33 -7.00 -11.47
C57 CDL L . -5.02 -6.50 -12.00
C58 CDL L . -4.11 -5.92 -10.94
C59 CDL L . -2.69 -6.46 -10.99
C60 CDL L . -1.64 -5.39 -11.04
C61 CDL L . -1.65 -4.44 -9.88
C62 CDL L . -0.60 -3.35 -9.95
C63 CDL L . 0.25 -3.24 -8.72
C64 CDL L . 0.52 -1.83 -8.28
C65 CDL L . 1.98 -1.47 -8.19
C66 CDL L . 2.70 -2.19 -7.09
C67 CDL L . 3.96 -1.50 -6.62
CB6 CDL L . -15.35 -7.50 -11.02
OB8 CDL L . -16.41 -6.60 -11.42
CB7 CDL L . -17.42 -7.14 -12.10
OB9 CDL L . -18.53 -7.25 -11.66
C71 CDL L . -16.98 -7.57 -13.48
C72 CDL L . -17.24 -6.53 -14.52
C73 CDL L . -16.00 -5.72 -14.83
C74 CDL L . -14.87 -6.51 -15.47
C75 CDL L . -14.33 -5.91 -16.73
C76 CDL L . -12.84 -6.07 -16.90
C77 CDL L . -12.33 -7.46 -16.65
C78 CDL L . -10.88 -7.53 -16.20
C79 CDL L . -10.47 -6.40 -15.29
C80 CDL L . -9.04 -6.48 -14.84
C81 CDL L . -8.50 -5.18 -14.30
C82 CDL L . -7.38 -4.59 -15.11
C83 CDL L . -6.50 -5.61 -15.79
C84 CDL L . -5.26 -5.03 -16.40
C85 CDL L . -4.07 -5.96 -16.38
C86 CDL L . -2.78 -5.31 -15.94
C87 CDL L . -2.90 -4.41 -14.74
K K M . 12.37 2.22 -15.23
#